data_6LJP
# 
_entry.id   6LJP 
# 
_audit_conform.dict_name       mmcif_pdbx.dic 
_audit_conform.dict_version    5.380 
_audit_conform.dict_location   http://mmcif.pdb.org/dictionaries/ascii/mmcif_pdbx.dic 
# 
loop_
_database_2.database_id 
_database_2.database_code 
_database_2.pdbx_database_accession 
_database_2.pdbx_DOI 
PDB   6LJP         pdb_00006ljp 10.2210/pdb6ljp/pdb 
WWPDB D_1300014917 ?            ?                   
# 
_pdbx_database_status.status_code                     REL 
_pdbx_database_status.status_code_sf                  REL 
_pdbx_database_status.status_code_mr                  ? 
_pdbx_database_status.entry_id                        6LJP 
_pdbx_database_status.recvd_initial_deposition_date   2019-12-17 
_pdbx_database_status.SG_entry                        N 
_pdbx_database_status.deposit_site                    PDBJ 
_pdbx_database_status.process_site                    PDBJ 
_pdbx_database_status.status_code_cs                  ? 
_pdbx_database_status.status_code_nmr_data            ? 
_pdbx_database_status.methods_development_category    ? 
_pdbx_database_status.pdb_format_compatible           Y 
# 
_audit_author.name               'Su, J.' 
_audit_author.pdbx_ordinal       1 
_audit_author.identifier_ORCID   ? 
# 
_citation.abstract                  ? 
_citation.abstract_id_CAS           ? 
_citation.book_id_ISBN              ? 
_citation.book_publisher            ? 
_citation.book_publisher_city       ? 
_citation.book_title                ? 
_citation.coordinate_linkage        ? 
_citation.country                   ? 
_citation.database_id_Medline       ? 
_citation.details                   ? 
_citation.id                        primary 
_citation.journal_abbrev            'Biochim Biophys Acta Gen Subj' 
_citation.journal_id_ASTM           ? 
_citation.journal_id_CSD            ? 
_citation.journal_id_ISSN           1872-8006 
_citation.journal_full              ? 
_citation.journal_issue             ? 
_citation.journal_volume            1865 
_citation.language                  ? 
_citation.page_first                129755 
_citation.page_last                 129755 
_citation.title                     
'Human galectin-16 has a pseudo ligand binding site and plays a role in regulating c-Rel-mediated lymphocyte activity.' 
_citation.year                      2020 
_citation.database_id_CSD           ? 
_citation.pdbx_database_id_DOI      10.1016/j.bbagen.2020.129755 
_citation.pdbx_database_id_PubMed   33011338 
_citation.unpublished_flag          ? 
# 
loop_
_citation_author.citation_id 
_citation_author.name 
_citation_author.ordinal 
_citation_author.identifier_ORCID 
primary 'Si, Y.'              1  ? 
primary 'Yao, Y.'             2  ? 
primary 'Jaramillo Ayala, G.' 3  ? 
primary 'Li, X.'              4  ? 
primary 'Han, Q.'             5  ? 
primary 'Zhang, W.'           6  ? 
primary 'Xu, X.'              7  ? 
primary 'Tai, G.'             8  ? 
primary 'Mayo, K.H.'          9  ? 
primary 'Zhou, Y.'            10 ? 
primary 'Su, J.'              11 ? 
# 
_cell.angle_alpha                  90.000 
_cell.angle_alpha_esd              ? 
_cell.angle_beta                   101.280 
_cell.angle_beta_esd               ? 
_cell.angle_gamma                  90.000 
_cell.angle_gamma_esd              ? 
_cell.entry_id                     6LJP 
_cell.details                      ? 
_cell.formula_units_Z              ? 
_cell.length_a                     56.096 
_cell.length_a_esd                 ? 
_cell.length_b                     34.797 
_cell.length_b_esd                 ? 
_cell.length_c                     68.066 
_cell.length_c_esd                 ? 
_cell.volume                       ? 
_cell.volume_esd                   ? 
_cell.Z_PDB                        4 
_cell.reciprocal_angle_alpha       ? 
_cell.reciprocal_angle_beta        ? 
_cell.reciprocal_angle_gamma       ? 
_cell.reciprocal_angle_alpha_esd   ? 
_cell.reciprocal_angle_beta_esd    ? 
_cell.reciprocal_angle_gamma_esd   ? 
_cell.reciprocal_length_a          ? 
_cell.reciprocal_length_b          ? 
_cell.reciprocal_length_c          ? 
_cell.reciprocal_length_a_esd      ? 
_cell.reciprocal_length_b_esd      ? 
_cell.reciprocal_length_c_esd      ? 
_cell.pdbx_unique_axis             ? 
# 
_symmetry.entry_id                         6LJP 
_symmetry.cell_setting                     ? 
_symmetry.Int_Tables_number                5 
_symmetry.space_group_name_Hall            ? 
_symmetry.space_group_name_H-M             'C 1 2 1' 
_symmetry.pdbx_full_space_group_name_H-M   ? 
# 
loop_
_entity.id 
_entity.type 
_entity.src_method 
_entity.pdbx_description 
_entity.formula_weight 
_entity.pdbx_number_of_molecules 
_entity.pdbx_ec 
_entity.pdbx_mutation 
_entity.pdbx_fragment 
_entity.details 
1 polymer man Galectin-16 16876.371 1   ? ? ? ? 
2 water   nat water       18.015    137 ? ? ? ? 
# 
_entity_poly.entity_id                      1 
_entity_poly.type                           'polypeptide(L)' 
_entity_poly.nstd_linkage                   no 
_entity_poly.nstd_monomer                   no 
_entity_poly.pdbx_seq_one_letter_code       
;GSHMSFLTVPYKLPVSLSVGSCVIIKGTLIDSSINEPQLQVDFYTEMNEDSEIAFHLRVHLGRRVVMNSREFGIWMLEEN
LHYVPFEDGKPFDLRIYVCLNEYEVKVNGEYIYAFVHRIPPSYVKMIQVWRDVSLDSVLVNNGRR
;
_entity_poly.pdbx_seq_one_letter_code_can   
;GSHMSFLTVPYKLPVSLSVGSCVIIKGTLIDSSINEPQLQVDFYTEMNEDSEIAFHLRVHLGRRVVMNSREFGIWMLEEN
LHYVPFEDGKPFDLRIYVCLNEYEVKVNGEYIYAFVHRIPPSYVKMIQVWRDVSLDSVLVNNGRR
;
_entity_poly.pdbx_strand_id                 A 
_entity_poly.pdbx_target_identifier         ? 
# 
loop_
_entity_poly_seq.entity_id 
_entity_poly_seq.num 
_entity_poly_seq.mon_id 
_entity_poly_seq.hetero 
1 1   GLY n 
1 2   SER n 
1 3   HIS n 
1 4   MET n 
1 5   SER n 
1 6   PHE n 
1 7   LEU n 
1 8   THR n 
1 9   VAL n 
1 10  PRO n 
1 11  TYR n 
1 12  LYS n 
1 13  LEU n 
1 14  PRO n 
1 15  VAL n 
1 16  SER n 
1 17  LEU n 
1 18  SER n 
1 19  VAL n 
1 20  GLY n 
1 21  SER n 
1 22  CYS n 
1 23  VAL n 
1 24  ILE n 
1 25  ILE n 
1 26  LYS n 
1 27  GLY n 
1 28  THR n 
1 29  LEU n 
1 30  ILE n 
1 31  ASP n 
1 32  SER n 
1 33  SER n 
1 34  ILE n 
1 35  ASN n 
1 36  GLU n 
1 37  PRO n 
1 38  GLN n 
1 39  LEU n 
1 40  GLN n 
1 41  VAL n 
1 42  ASP n 
1 43  PHE n 
1 44  TYR n 
1 45  THR n 
1 46  GLU n 
1 47  MET n 
1 48  ASN n 
1 49  GLU n 
1 50  ASP n 
1 51  SER n 
1 52  GLU n 
1 53  ILE n 
1 54  ALA n 
1 55  PHE n 
1 56  HIS n 
1 57  LEU n 
1 58  ARG n 
1 59  VAL n 
1 60  HIS n 
1 61  LEU n 
1 62  GLY n 
1 63  ARG n 
1 64  ARG n 
1 65  VAL n 
1 66  VAL n 
1 67  MET n 
1 68  ASN n 
1 69  SER n 
1 70  ARG n 
1 71  GLU n 
1 72  PHE n 
1 73  GLY n 
1 74  ILE n 
1 75  TRP n 
1 76  MET n 
1 77  LEU n 
1 78  GLU n 
1 79  GLU n 
1 80  ASN n 
1 81  LEU n 
1 82  HIS n 
1 83  TYR n 
1 84  VAL n 
1 85  PRO n 
1 86  PHE n 
1 87  GLU n 
1 88  ASP n 
1 89  GLY n 
1 90  LYS n 
1 91  PRO n 
1 92  PHE n 
1 93  ASP n 
1 94  LEU n 
1 95  ARG n 
1 96  ILE n 
1 97  TYR n 
1 98  VAL n 
1 99  CYS n 
1 100 LEU n 
1 101 ASN n 
1 102 GLU n 
1 103 TYR n 
1 104 GLU n 
1 105 VAL n 
1 106 LYS n 
1 107 VAL n 
1 108 ASN n 
1 109 GLY n 
1 110 GLU n 
1 111 TYR n 
1 112 ILE n 
1 113 TYR n 
1 114 ALA n 
1 115 PHE n 
1 116 VAL n 
1 117 HIS n 
1 118 ARG n 
1 119 ILE n 
1 120 PRO n 
1 121 PRO n 
1 122 SER n 
1 123 TYR n 
1 124 VAL n 
1 125 LYS n 
1 126 MET n 
1 127 ILE n 
1 128 GLN n 
1 129 VAL n 
1 130 TRP n 
1 131 ARG n 
1 132 ASP n 
1 133 VAL n 
1 134 SER n 
1 135 LEU n 
1 136 ASP n 
1 137 SER n 
1 138 VAL n 
1 139 LEU n 
1 140 VAL n 
1 141 ASN n 
1 142 ASN n 
1 143 GLY n 
1 144 ARG n 
1 145 ARG n 
# 
_entity_src_gen.entity_id                          1 
_entity_src_gen.pdbx_src_id                        1 
_entity_src_gen.pdbx_alt_source_flag               sample 
_entity_src_gen.pdbx_seq_type                      'Biological sequence' 
_entity_src_gen.pdbx_beg_seq_num                   1 
_entity_src_gen.pdbx_end_seq_num                   145 
_entity_src_gen.gene_src_common_name               Human 
_entity_src_gen.gene_src_genus                     ? 
_entity_src_gen.pdbx_gene_src_gene                 LGALS16 
_entity_src_gen.gene_src_species                   ? 
_entity_src_gen.gene_src_strain                    ? 
_entity_src_gen.gene_src_tissue                    ? 
_entity_src_gen.gene_src_tissue_fraction           ? 
_entity_src_gen.gene_src_details                   ? 
_entity_src_gen.pdbx_gene_src_fragment             ? 
_entity_src_gen.pdbx_gene_src_scientific_name      'Homo sapiens' 
_entity_src_gen.pdbx_gene_src_ncbi_taxonomy_id     9606 
_entity_src_gen.pdbx_gene_src_variant              ? 
_entity_src_gen.pdbx_gene_src_cell_line            ? 
_entity_src_gen.pdbx_gene_src_atcc                 ? 
_entity_src_gen.pdbx_gene_src_organ                ? 
_entity_src_gen.pdbx_gene_src_organelle            ? 
_entity_src_gen.pdbx_gene_src_cell                 ? 
_entity_src_gen.pdbx_gene_src_cellular_location    ? 
_entity_src_gen.host_org_common_name               ? 
_entity_src_gen.pdbx_host_org_scientific_name      'Escherichia coli' 
_entity_src_gen.pdbx_host_org_ncbi_taxonomy_id     562 
_entity_src_gen.host_org_genus                     ? 
_entity_src_gen.pdbx_host_org_gene                 ? 
_entity_src_gen.pdbx_host_org_organ                ? 
_entity_src_gen.host_org_species                   ? 
_entity_src_gen.pdbx_host_org_tissue               ? 
_entity_src_gen.pdbx_host_org_tissue_fraction      ? 
_entity_src_gen.pdbx_host_org_strain               ? 
_entity_src_gen.pdbx_host_org_variant              ? 
_entity_src_gen.pdbx_host_org_cell_line            ? 
_entity_src_gen.pdbx_host_org_atcc                 ? 
_entity_src_gen.pdbx_host_org_culture_collection   ? 
_entity_src_gen.pdbx_host_org_cell                 ? 
_entity_src_gen.pdbx_host_org_organelle            ? 
_entity_src_gen.pdbx_host_org_cellular_location    ? 
_entity_src_gen.pdbx_host_org_vector_type          ? 
_entity_src_gen.pdbx_host_org_vector               ? 
_entity_src_gen.host_org_details                   ? 
_entity_src_gen.expression_system_id               ? 
_entity_src_gen.plasmid_name                       ? 
_entity_src_gen.plasmid_details                    ? 
_entity_src_gen.pdbx_description                   ? 
# 
_struct_ref.id                         1 
_struct_ref.db_name                    UNP 
_struct_ref.db_code                    LEG16_HUMAN 
_struct_ref.pdbx_db_accession          A8MUM7 
_struct_ref.pdbx_db_isoform            ? 
_struct_ref.entity_id                  1 
_struct_ref.pdbx_seq_one_letter_code   
;MSFLTVPYKLPVSLSVGSCVIIKGTLIDSSINEPQLQVDFYTEMNEDSEIAFHLRVHLGRRVVMNSREFGIWMLEENLHY
VPFEDGKPFDLRIYVCLNEYEVKVNGEYIYAFVHRIPPSYVKMIQVWRDVSLDSVLVNNGRR
;
_struct_ref.pdbx_align_begin           1 
# 
_struct_ref_seq.align_id                      1 
_struct_ref_seq.ref_id                        1 
_struct_ref_seq.pdbx_PDB_id_code              6LJP 
_struct_ref_seq.pdbx_strand_id                A 
_struct_ref_seq.seq_align_beg                 4 
_struct_ref_seq.pdbx_seq_align_beg_ins_code   ? 
_struct_ref_seq.seq_align_end                 145 
_struct_ref_seq.pdbx_seq_align_end_ins_code   ? 
_struct_ref_seq.pdbx_db_accession             A8MUM7 
_struct_ref_seq.db_align_beg                  1 
_struct_ref_seq.pdbx_db_align_beg_ins_code    ? 
_struct_ref_seq.db_align_end                  142 
_struct_ref_seq.pdbx_db_align_end_ins_code    ? 
_struct_ref_seq.pdbx_auth_seq_align_beg       4 
_struct_ref_seq.pdbx_auth_seq_align_end       145 
# 
loop_
_struct_ref_seq_dif.align_id 
_struct_ref_seq_dif.pdbx_pdb_id_code 
_struct_ref_seq_dif.mon_id 
_struct_ref_seq_dif.pdbx_pdb_strand_id 
_struct_ref_seq_dif.seq_num 
_struct_ref_seq_dif.pdbx_pdb_ins_code 
_struct_ref_seq_dif.pdbx_seq_db_name 
_struct_ref_seq_dif.pdbx_seq_db_accession_code 
_struct_ref_seq_dif.db_mon_id 
_struct_ref_seq_dif.pdbx_seq_db_seq_num 
_struct_ref_seq_dif.details 
_struct_ref_seq_dif.pdbx_auth_seq_num 
_struct_ref_seq_dif.pdbx_ordinal 
1 6LJP GLY A 1 ? UNP A8MUM7 ? ? 'expression tag' 1 1 
1 6LJP SER A 2 ? UNP A8MUM7 ? ? 'expression tag' 2 2 
1 6LJP HIS A 3 ? UNP A8MUM7 ? ? 'expression tag' 3 3 
# 
loop_
_chem_comp.id 
_chem_comp.type 
_chem_comp.mon_nstd_flag 
_chem_comp.name 
_chem_comp.pdbx_synonyms 
_chem_comp.formula 
_chem_comp.formula_weight 
ALA 'L-peptide linking' y ALANINE         ? 'C3 H7 N O2'     89.093  
ARG 'L-peptide linking' y ARGININE        ? 'C6 H15 N4 O2 1' 175.209 
ASN 'L-peptide linking' y ASPARAGINE      ? 'C4 H8 N2 O3'    132.118 
ASP 'L-peptide linking' y 'ASPARTIC ACID' ? 'C4 H7 N O4'     133.103 
CYS 'L-peptide linking' y CYSTEINE        ? 'C3 H7 N O2 S'   121.158 
GLN 'L-peptide linking' y GLUTAMINE       ? 'C5 H10 N2 O3'   146.144 
GLU 'L-peptide linking' y 'GLUTAMIC ACID' ? 'C5 H9 N O4'     147.129 
GLY 'peptide linking'   y GLYCINE         ? 'C2 H5 N O2'     75.067  
HIS 'L-peptide linking' y HISTIDINE       ? 'C6 H10 N3 O2 1' 156.162 
HOH non-polymer         . WATER           ? 'H2 O'           18.015  
ILE 'L-peptide linking' y ISOLEUCINE      ? 'C6 H13 N O2'    131.173 
LEU 'L-peptide linking' y LEUCINE         ? 'C6 H13 N O2'    131.173 
LYS 'L-peptide linking' y LYSINE          ? 'C6 H15 N2 O2 1' 147.195 
MET 'L-peptide linking' y METHIONINE      ? 'C5 H11 N O2 S'  149.211 
PHE 'L-peptide linking' y PHENYLALANINE   ? 'C9 H11 N O2'    165.189 
PRO 'L-peptide linking' y PROLINE         ? 'C5 H9 N O2'     115.130 
SER 'L-peptide linking' y SERINE          ? 'C3 H7 N O3'     105.093 
THR 'L-peptide linking' y THREONINE       ? 'C4 H9 N O3'     119.119 
TRP 'L-peptide linking' y TRYPTOPHAN      ? 'C11 H12 N2 O2'  204.225 
TYR 'L-peptide linking' y TYROSINE        ? 'C9 H11 N O3'    181.189 
VAL 'L-peptide linking' y VALINE          ? 'C5 H11 N O2'    117.146 
# 
_exptl.absorpt_coefficient_mu     ? 
_exptl.absorpt_correction_T_max   ? 
_exptl.absorpt_correction_T_min   ? 
_exptl.absorpt_correction_type    ? 
_exptl.absorpt_process_details    ? 
_exptl.entry_id                   6LJP 
_exptl.crystals_number            1 
_exptl.details                    ? 
_exptl.method                     'X-RAY DIFFRACTION' 
_exptl.method_details             ? 
# 
_exptl_crystal.colour                      ? 
_exptl_crystal.density_diffrn              ? 
_exptl_crystal.density_Matthews            1.93 
_exptl_crystal.density_method              ? 
_exptl_crystal.density_percent_sol         36.27 
_exptl_crystal.description                 ? 
_exptl_crystal.F_000                       ? 
_exptl_crystal.id                          1 
_exptl_crystal.preparation                 ? 
_exptl_crystal.size_max                    ? 
_exptl_crystal.size_mid                    ? 
_exptl_crystal.size_min                    ? 
_exptl_crystal.size_rad                    ? 
_exptl_crystal.colour_lustre               ? 
_exptl_crystal.colour_modifier             ? 
_exptl_crystal.colour_primary              ? 
_exptl_crystal.density_meas                ? 
_exptl_crystal.density_meas_esd            ? 
_exptl_crystal.density_meas_gt             ? 
_exptl_crystal.density_meas_lt             ? 
_exptl_crystal.density_meas_temp           ? 
_exptl_crystal.density_meas_temp_esd       ? 
_exptl_crystal.density_meas_temp_gt        ? 
_exptl_crystal.density_meas_temp_lt        ? 
_exptl_crystal.pdbx_crystal_image_url      ? 
_exptl_crystal.pdbx_crystal_image_format   ? 
_exptl_crystal.pdbx_mosaicity              ? 
_exptl_crystal.pdbx_mosaicity_esd          ? 
# 
_exptl_crystal_grow.apparatus       ? 
_exptl_crystal_grow.atmosphere      ? 
_exptl_crystal_grow.crystal_id      1 
_exptl_crystal_grow.details         ? 
_exptl_crystal_grow.method          'VAPOR DIFFUSION, HANGING DROP' 
_exptl_crystal_grow.method_ref      ? 
_exptl_crystal_grow.pH              ? 
_exptl_crystal_grow.pressure        ? 
_exptl_crystal_grow.pressure_esd    ? 
_exptl_crystal_grow.seeding         ? 
_exptl_crystal_grow.seeding_ref     ? 
_exptl_crystal_grow.temp            298 
_exptl_crystal_grow.temp_details    ? 
_exptl_crystal_grow.temp_esd        ? 
_exptl_crystal_grow.time            ? 
_exptl_crystal_grow.pdbx_details    PEG 
_exptl_crystal_grow.pdbx_pH_range   ? 
# 
_diffrn.ambient_environment              ? 
_diffrn.ambient_temp                     100 
_diffrn.ambient_temp_details             ? 
_diffrn.ambient_temp_esd                 ? 
_diffrn.crystal_id                       1 
_diffrn.crystal_support                  ? 
_diffrn.crystal_treatment                ? 
_diffrn.details                          ? 
_diffrn.id                               1 
_diffrn.ambient_pressure                 ? 
_diffrn.ambient_pressure_esd             ? 
_diffrn.ambient_pressure_gt              ? 
_diffrn.ambient_pressure_lt              ? 
_diffrn.ambient_temp_gt                  ? 
_diffrn.ambient_temp_lt                  ? 
_diffrn.pdbx_serial_crystal_experiment   N 
# 
_diffrn_detector.details                      ? 
_diffrn_detector.detector                     PIXEL 
_diffrn_detector.diffrn_id                    1 
_diffrn_detector.type                         'DECTRIS PILATUS3 6M' 
_diffrn_detector.area_resol_mean              ? 
_diffrn_detector.dtime                        ? 
_diffrn_detector.pdbx_frames_total            ? 
_diffrn_detector.pdbx_collection_time_total   ? 
_diffrn_detector.pdbx_collection_date         2019-10-31 
_diffrn_detector.pdbx_frequency               ? 
# 
_diffrn_radiation.collimation                      ? 
_diffrn_radiation.diffrn_id                        1 
_diffrn_radiation.filter_edge                      ? 
_diffrn_radiation.inhomogeneity                    ? 
_diffrn_radiation.monochromator                    ? 
_diffrn_radiation.polarisn_norm                    ? 
_diffrn_radiation.polarisn_ratio                   ? 
_diffrn_radiation.probe                            ? 
_diffrn_radiation.type                             ? 
_diffrn_radiation.xray_symbol                      ? 
_diffrn_radiation.wavelength_id                    1 
_diffrn_radiation.pdbx_monochromatic_or_laue_m_l   M 
_diffrn_radiation.pdbx_wavelength_list             ? 
_diffrn_radiation.pdbx_wavelength                  ? 
_diffrn_radiation.pdbx_diffrn_protocol             'SINGLE WAVELENGTH' 
_diffrn_radiation.pdbx_analyzer                    ? 
_diffrn_radiation.pdbx_scattering_type             x-ray 
# 
_diffrn_radiation_wavelength.id           1 
_diffrn_radiation_wavelength.wavelength   0.98 
_diffrn_radiation_wavelength.wt           1.0 
# 
_diffrn_source.current                     ? 
_diffrn_source.details                     ? 
_diffrn_source.diffrn_id                   1 
_diffrn_source.power                       ? 
_diffrn_source.size                        ? 
_diffrn_source.source                      SYNCHROTRON 
_diffrn_source.target                      ? 
_diffrn_source.type                        'SSRF BEAMLINE BL18U1' 
_diffrn_source.voltage                     ? 
_diffrn_source.take-off_angle              ? 
_diffrn_source.pdbx_wavelength_list        0.98 
_diffrn_source.pdbx_wavelength             ? 
_diffrn_source.pdbx_synchrotron_beamline   BL18U1 
_diffrn_source.pdbx_synchrotron_site       SSRF 
# 
_reflns.B_iso_Wilson_estimate            ? 
_reflns.entry_id                         6LJP 
_reflns.data_reduction_details           ? 
_reflns.data_reduction_method            ? 
_reflns.d_resolution_high                2 
_reflns.d_resolution_low                 19.44 
_reflns.details                          ? 
_reflns.limit_h_max                      ? 
_reflns.limit_h_min                      ? 
_reflns.limit_k_max                      ? 
_reflns.limit_k_min                      ? 
_reflns.limit_l_max                      ? 
_reflns.limit_l_min                      ? 
_reflns.number_all                       ? 
_reflns.number_obs                       8628 
_reflns.observed_criterion               ? 
_reflns.observed_criterion_F_max         ? 
_reflns.observed_criterion_F_min         ? 
_reflns.observed_criterion_I_max         ? 
_reflns.observed_criterion_I_min         ? 
_reflns.observed_criterion_sigma_F       ? 
_reflns.observed_criterion_sigma_I       ? 
_reflns.percent_possible_obs             97.1 
_reflns.R_free_details                   ? 
_reflns.Rmerge_F_all                     ? 
_reflns.Rmerge_F_obs                     ? 
_reflns.Friedel_coverage                 ? 
_reflns.number_gt                        ? 
_reflns.threshold_expression             ? 
_reflns.pdbx_redundancy                  3 
_reflns.pdbx_Rmerge_I_obs                0.1 
_reflns.pdbx_Rmerge_I_all                ? 
_reflns.pdbx_Rsym_value                  ? 
_reflns.pdbx_netI_over_av_sigmaI         ? 
_reflns.pdbx_netI_over_sigmaI            8.5 
_reflns.pdbx_res_netI_over_av_sigmaI_2   ? 
_reflns.pdbx_res_netI_over_sigmaI_2      ? 
_reflns.pdbx_chi_squared                 ? 
_reflns.pdbx_scaling_rejects             ? 
_reflns.pdbx_d_res_high_opt              ? 
_reflns.pdbx_d_res_low_opt               ? 
_reflns.pdbx_d_res_opt_method            ? 
_reflns.phase_calculation_details        ? 
_reflns.pdbx_Rrim_I_all                  ? 
_reflns.pdbx_Rpim_I_all                  ? 
_reflns.pdbx_d_opt                       ? 
_reflns.pdbx_number_measured_all         ? 
_reflns.pdbx_diffrn_id                   1 
_reflns.pdbx_ordinal                     1 
_reflns.pdbx_CC_half                     ? 
_reflns.pdbx_CC_star                     ? 
_reflns.pdbx_R_split                     ? 
# 
_reflns_shell.d_res_high                  2 
_reflns_shell.d_res_low                   2.05 
_reflns_shell.meanI_over_sigI_all         ? 
_reflns_shell.meanI_over_sigI_obs         ? 
_reflns_shell.number_measured_all         ? 
_reflns_shell.number_measured_obs         ? 
_reflns_shell.number_possible             ? 
_reflns_shell.number_unique_all           ? 
_reflns_shell.number_unique_obs           669 
_reflns_shell.percent_possible_all        ? 
_reflns_shell.percent_possible_obs        ? 
_reflns_shell.Rmerge_F_all                ? 
_reflns_shell.Rmerge_F_obs                ? 
_reflns_shell.Rmerge_I_all                ? 
_reflns_shell.Rmerge_I_obs                0.188 
_reflns_shell.meanI_over_sigI_gt          ? 
_reflns_shell.meanI_over_uI_all           ? 
_reflns_shell.meanI_over_uI_gt            ? 
_reflns_shell.number_measured_gt          ? 
_reflns_shell.number_unique_gt            ? 
_reflns_shell.percent_possible_gt         ? 
_reflns_shell.Rmerge_F_gt                 ? 
_reflns_shell.Rmerge_I_gt                 ? 
_reflns_shell.pdbx_redundancy             ? 
_reflns_shell.pdbx_Rsym_value             ? 
_reflns_shell.pdbx_chi_squared            ? 
_reflns_shell.pdbx_netI_over_sigmaI_all   ? 
_reflns_shell.pdbx_netI_over_sigmaI_obs   ? 
_reflns_shell.pdbx_Rrim_I_all             ? 
_reflns_shell.pdbx_Rpim_I_all             ? 
_reflns_shell.pdbx_rejects                ? 
_reflns_shell.pdbx_ordinal                1 
_reflns_shell.pdbx_diffrn_id              1 
_reflns_shell.pdbx_CC_half                ? 
_reflns_shell.pdbx_CC_star                ? 
_reflns_shell.pdbx_R_split                ? 
# 
_refine.aniso_B[1][1]                            ? 
_refine.aniso_B[1][2]                            ? 
_refine.aniso_B[1][3]                            ? 
_refine.aniso_B[2][2]                            ? 
_refine.aniso_B[2][3]                            ? 
_refine.aniso_B[3][3]                            ? 
_refine.B_iso_max                                56.010 
_refine.B_iso_mean                               13.8453 
_refine.B_iso_min                                3.560 
_refine.correlation_coeff_Fo_to_Fc               ? 
_refine.correlation_coeff_Fo_to_Fc_free          ? 
_refine.details                                  ? 
_refine.diff_density_max                         ? 
_refine.diff_density_max_esd                     ? 
_refine.diff_density_min                         ? 
_refine.diff_density_min_esd                     ? 
_refine.diff_density_rms                         ? 
_refine.diff_density_rms_esd                     ? 
_refine.entry_id                                 6LJP 
_refine.pdbx_refine_id                           'X-RAY DIFFRACTION' 
_refine.ls_abs_structure_details                 ? 
_refine.ls_abs_structure_Flack                   ? 
_refine.ls_abs_structure_Flack_esd               ? 
_refine.ls_abs_structure_Rogers                  ? 
_refine.ls_abs_structure_Rogers_esd              ? 
_refine.ls_d_res_high                            2.0000 
_refine.ls_d_res_low                             19.4400 
_refine.ls_extinction_coef                       ? 
_refine.ls_extinction_coef_esd                   ? 
_refine.ls_extinction_expression                 ? 
_refine.ls_extinction_method                     ? 
_refine.ls_goodness_of_fit_all                   ? 
_refine.ls_goodness_of_fit_all_esd               ? 
_refine.ls_goodness_of_fit_obs                   ? 
_refine.ls_goodness_of_fit_obs_esd               ? 
_refine.ls_hydrogen_treatment                    ? 
_refine.ls_matrix_type                           ? 
_refine.ls_number_constraints                    ? 
_refine.ls_number_parameters                     ? 
_refine.ls_number_reflns_all                     ? 
_refine.ls_number_reflns_obs                     8622 
_refine.ls_number_reflns_R_free                  861 
_refine.ls_number_reflns_R_work                  ? 
_refine.ls_number_restraints                     ? 
_refine.ls_percent_reflns_obs                    96.8800 
_refine.ls_percent_reflns_R_free                 9.9900 
_refine.ls_R_factor_all                          ? 
_refine.ls_R_factor_obs                          0.1954 
_refine.ls_R_factor_R_free                       0.2418 
_refine.ls_R_factor_R_free_error                 ? 
_refine.ls_R_factor_R_free_error_details         ? 
_refine.ls_R_factor_R_work                       0.1904 
_refine.ls_R_Fsqd_factor_obs                     ? 
_refine.ls_R_I_factor_obs                        ? 
_refine.ls_redundancy_reflns_all                 ? 
_refine.ls_redundancy_reflns_obs                 ? 
_refine.ls_restrained_S_all                      ? 
_refine.ls_restrained_S_obs                      ? 
_refine.ls_shift_over_esd_max                    ? 
_refine.ls_shift_over_esd_mean                   ? 
_refine.ls_structure_factor_coef                 ? 
_refine.ls_weighting_details                     ? 
_refine.ls_weighting_scheme                      ? 
_refine.ls_wR_factor_all                         ? 
_refine.ls_wR_factor_obs                         ? 
_refine.ls_wR_factor_R_free                      ? 
_refine.ls_wR_factor_R_work                      ? 
_refine.occupancy_max                            ? 
_refine.occupancy_min                            ? 
_refine.solvent_model_details                    ? 
_refine.solvent_model_param_bsol                 ? 
_refine.solvent_model_param_ksol                 ? 
_refine.pdbx_R_complete                          ? 
_refine.ls_R_factor_gt                           ? 
_refine.ls_goodness_of_fit_gt                    ? 
_refine.ls_goodness_of_fit_ref                   ? 
_refine.ls_shift_over_su_max                     ? 
_refine.ls_shift_over_su_max_lt                  ? 
_refine.ls_shift_over_su_mean                    ? 
_refine.ls_shift_over_su_mean_lt                 ? 
_refine.pdbx_ls_sigma_I                          ? 
_refine.pdbx_ls_sigma_F                          1.290 
_refine.pdbx_ls_sigma_Fsqd                       ? 
_refine.pdbx_data_cutoff_high_absF               ? 
_refine.pdbx_data_cutoff_high_rms_absF           ? 
_refine.pdbx_data_cutoff_low_absF                ? 
_refine.pdbx_isotropic_thermal_model             ? 
_refine.pdbx_ls_cross_valid_method               THROUGHOUT 
_refine.pdbx_method_to_determine_struct          'MOLECULAR REPLACEMENT' 
_refine.pdbx_starting_model                      5XRH 
_refine.pdbx_stereochemistry_target_values       ? 
_refine.pdbx_R_Free_selection_details            ? 
_refine.pdbx_stereochem_target_val_spec_case     ? 
_refine.pdbx_overall_ESU_R                       ? 
_refine.pdbx_overall_ESU_R_Free                  ? 
_refine.pdbx_solvent_vdw_probe_radii             1.1100 
_refine.pdbx_solvent_ion_probe_radii             ? 
_refine.pdbx_solvent_shrinkage_radii             0.9000 
_refine.pdbx_real_space_R                        ? 
_refine.pdbx_density_correlation                 ? 
_refine.pdbx_pd_number_of_powder_patterns        ? 
_refine.pdbx_pd_number_of_points                 ? 
_refine.pdbx_pd_meas_number_of_points            ? 
_refine.pdbx_pd_proc_ls_prof_R_factor            ? 
_refine.pdbx_pd_proc_ls_prof_wR_factor           ? 
_refine.pdbx_pd_Marquardt_correlation_coeff      ? 
_refine.pdbx_pd_Fsqrd_R_factor                   ? 
_refine.pdbx_pd_ls_matrix_band_width             ? 
_refine.pdbx_overall_phase_error                 24.6100 
_refine.pdbx_overall_SU_R_free_Cruickshank_DPI   ? 
_refine.pdbx_overall_SU_R_free_Blow_DPI          ? 
_refine.pdbx_overall_SU_R_Blow_DPI               ? 
_refine.pdbx_TLS_residual_ADP_flag               ? 
_refine.pdbx_diffrn_id                           1 
_refine.overall_SU_B                             ? 
_refine.overall_SU_ML                            0.2500 
_refine.overall_SU_R_Cruickshank_DPI             ? 
_refine.overall_SU_R_free                        ? 
_refine.overall_FOM_free_R_set                   ? 
_refine.overall_FOM_work_R_set                   ? 
_refine.pdbx_average_fsc_overall                 ? 
_refine.pdbx_average_fsc_work                    ? 
_refine.pdbx_average_fsc_free                    ? 
# 
_refine_hist.pdbx_refine_id                   'X-RAY DIFFRACTION' 
_refine_hist.cycle_id                         final 
_refine_hist.details                          ? 
_refine_hist.d_res_high                       2.0000 
_refine_hist.d_res_low                        19.4400 
_refine_hist.number_atoms_solvent             137 
_refine_hist.number_atoms_total               1278 
_refine_hist.number_reflns_all                ? 
_refine_hist.number_reflns_obs                ? 
_refine_hist.number_reflns_R_free             ? 
_refine_hist.number_reflns_R_work             ? 
_refine_hist.R_factor_all                     ? 
_refine_hist.R_factor_obs                     ? 
_refine_hist.R_factor_R_free                  ? 
_refine_hist.R_factor_R_work                  ? 
_refine_hist.pdbx_number_residues_total       139 
_refine_hist.pdbx_B_iso_mean_ligand           ? 
_refine_hist.pdbx_B_iso_mean_solvent          21.01 
_refine_hist.pdbx_number_atoms_protein        1141 
_refine_hist.pdbx_number_atoms_nucleic_acid   0 
_refine_hist.pdbx_number_atoms_ligand         0 
_refine_hist.pdbx_number_atoms_lipid          ? 
_refine_hist.pdbx_number_atoms_carb           ? 
_refine_hist.pdbx_pseudo_atom_details         ? 
# 
loop_
_refine_ls_shell.pdbx_refine_id 
_refine_ls_shell.d_res_high 
_refine_ls_shell.d_res_low 
_refine_ls_shell.number_reflns_all 
_refine_ls_shell.number_reflns_obs 
_refine_ls_shell.number_reflns_R_free 
_refine_ls_shell.number_reflns_R_work 
_refine_ls_shell.percent_reflns_obs 
_refine_ls_shell.percent_reflns_R_free 
_refine_ls_shell.R_factor_all 
_refine_ls_shell.R_factor_obs 
_refine_ls_shell.R_factor_R_free 
_refine_ls_shell.R_factor_R_free_error 
_refine_ls_shell.R_factor_R_work 
_refine_ls_shell.redundancy_reflns_all 
_refine_ls_shell.redundancy_reflns_obs 
_refine_ls_shell.wR_factor_all 
_refine_ls_shell.wR_factor_obs 
_refine_ls_shell.wR_factor_R_free 
_refine_ls_shell.wR_factor_R_work 
_refine_ls_shell.pdbx_R_complete 
_refine_ls_shell.pdbx_total_number_of_bins_used 
_refine_ls_shell.pdbx_phase_error 
_refine_ls_shell.pdbx_fsc_work 
_refine_ls_shell.pdbx_fsc_free 
'X-RAY DIFFRACTION' 2.0000 2.1300  1438 . 144 1294 97.0000 . . . 0.2744 0.0000 0.1970 . . . . . . . 6 . . . 
'X-RAY DIFFRACTION' 2.1300 2.2900  1369 . 136 1233 93.0000 . . . 0.2833 0.0000 0.2326 . . . . . . . 6 . . . 
'X-RAY DIFFRACTION' 2.2900 2.5200  1439 . 144 1295 98.0000 . . . 0.2935 0.0000 0.2215 . . . . . . . 6 . . . 
'X-RAY DIFFRACTION' 2.5200 2.8800  1431 . 142 1289 98.0000 . . . 0.2839 0.0000 0.2207 . . . . . . . 6 . . . 
'X-RAY DIFFRACTION' 2.8800 3.6300  1466 . 147 1319 98.0000 . . . 0.2343 0.0000 0.1754 . . . . . . . 6 . . . 
'X-RAY DIFFRACTION' 3.6300 19.4400 1479 . 148 1331 97.0000 . . . 0.1763 0.0000 0.1559 . . . . . . . 6 . . . 
# 
_struct.entry_id                     6LJP 
_struct.title                        'Crystal structure of human galectin-16' 
_struct.pdbx_model_details           ? 
_struct.pdbx_formula_weight          ? 
_struct.pdbx_formula_weight_method   ? 
_struct.pdbx_model_type_details      ? 
_struct.pdbx_CASP_flag               N 
# 
_struct_keywords.entry_id        6LJP 
_struct_keywords.text            'SUGAR BINDING PROTEIN' 
_struct_keywords.pdbx_keywords   'SUGAR BINDING PROTEIN' 
# 
loop_
_struct_asym.id 
_struct_asym.pdbx_blank_PDB_chainid_flag 
_struct_asym.pdbx_modified 
_struct_asym.entity_id 
_struct_asym.details 
A N N 1 ? 
B N N 2 ? 
# 
_struct_conf.conf_type_id            HELX_P 
_struct_conf.id                      HELX_P1 
_struct_conf.pdbx_PDB_helix_id       AA1 
_struct_conf.beg_label_comp_id       PRO 
_struct_conf.beg_label_asym_id       A 
_struct_conf.beg_label_seq_id        120 
_struct_conf.pdbx_beg_PDB_ins_code   ? 
_struct_conf.end_label_comp_id       VAL 
_struct_conf.end_label_asym_id       A 
_struct_conf.end_label_seq_id        124 
_struct_conf.pdbx_end_PDB_ins_code   ? 
_struct_conf.beg_auth_comp_id        PRO 
_struct_conf.beg_auth_asym_id        A 
_struct_conf.beg_auth_seq_id         120 
_struct_conf.end_auth_comp_id        VAL 
_struct_conf.end_auth_asym_id        A 
_struct_conf.end_auth_seq_id         124 
_struct_conf.pdbx_PDB_helix_class    5 
_struct_conf.details                 ? 
_struct_conf.pdbx_PDB_helix_length   5 
# 
_struct_conf_type.id          HELX_P 
_struct_conf_type.criteria    ? 
_struct_conf_type.reference   ? 
# 
_struct_mon_prot_cis.pdbx_id                1 
_struct_mon_prot_cis.label_comp_id          VAL 
_struct_mon_prot_cis.label_seq_id           9 
_struct_mon_prot_cis.label_asym_id          A 
_struct_mon_prot_cis.label_alt_id           . 
_struct_mon_prot_cis.pdbx_PDB_ins_code      ? 
_struct_mon_prot_cis.auth_comp_id           VAL 
_struct_mon_prot_cis.auth_seq_id            9 
_struct_mon_prot_cis.auth_asym_id           A 
_struct_mon_prot_cis.pdbx_label_comp_id_2   PRO 
_struct_mon_prot_cis.pdbx_label_seq_id_2    10 
_struct_mon_prot_cis.pdbx_label_asym_id_2   A 
_struct_mon_prot_cis.pdbx_PDB_ins_code_2    ? 
_struct_mon_prot_cis.pdbx_auth_comp_id_2    PRO 
_struct_mon_prot_cis.pdbx_auth_seq_id_2     10 
_struct_mon_prot_cis.pdbx_auth_asym_id_2    A 
_struct_mon_prot_cis.pdbx_PDB_model_num     1 
_struct_mon_prot_cis.pdbx_omega_angle       2.71 
# 
loop_
_struct_sheet.id 
_struct_sheet.type 
_struct_sheet.number_strands 
_struct_sheet.details 
AA1 ? 6 ? 
AA2 ? 6 ? 
AA3 ? 5 ? 
# 
loop_
_struct_sheet_order.sheet_id 
_struct_sheet_order.range_id_1 
_struct_sheet_order.range_id_2 
_struct_sheet_order.offset 
_struct_sheet_order.sense 
AA1 1 2 ? anti-parallel 
AA1 2 3 ? anti-parallel 
AA1 3 4 ? anti-parallel 
AA1 4 5 ? anti-parallel 
AA1 5 6 ? anti-parallel 
AA2 1 2 ? anti-parallel 
AA2 2 3 ? anti-parallel 
AA2 3 4 ? anti-parallel 
AA2 4 5 ? anti-parallel 
AA2 5 6 ? anti-parallel 
AA3 1 2 ? anti-parallel 
AA3 2 3 ? anti-parallel 
AA3 3 4 ? anti-parallel 
AA3 4 5 ? anti-parallel 
# 
loop_
_struct_sheet_range.sheet_id 
_struct_sheet_range.id 
_struct_sheet_range.beg_label_comp_id 
_struct_sheet_range.beg_label_asym_id 
_struct_sheet_range.beg_label_seq_id 
_struct_sheet_range.pdbx_beg_PDB_ins_code 
_struct_sheet_range.end_label_comp_id 
_struct_sheet_range.end_label_asym_id 
_struct_sheet_range.end_label_seq_id 
_struct_sheet_range.pdbx_end_PDB_ins_code 
_struct_sheet_range.beg_auth_comp_id 
_struct_sheet_range.beg_auth_asym_id 
_struct_sheet_range.beg_auth_seq_id 
_struct_sheet_range.end_auth_comp_id 
_struct_sheet_range.end_auth_asym_id 
_struct_sheet_range.end_auth_seq_id 
AA1 1 TYR A 11  ? PRO A 14  ? TYR A 11  PRO A 14  
AA1 2 MET A 126 ? TRP A 130 ? MET A 126 TRP A 130 
AA1 3 LEU A 39  ? TYR A 44  ? LEU A 39  TYR A 44  
AA1 4 ILE A 53  ? HIS A 60  ? ILE A 53  HIS A 60  
AA1 5 ARG A 64  ? GLU A 71  ? ARG A 64  GLU A 71  
AA1 6 ILE A 74  ? TRP A 75  ? ILE A 74  TRP A 75  
AA2 1 TYR A 11  ? PRO A 14  ? TYR A 11  PRO A 14  
AA2 2 MET A 126 ? TRP A 130 ? MET A 126 TRP A 130 
AA2 3 LEU A 39  ? TYR A 44  ? LEU A 39  TYR A 44  
AA2 4 ILE A 53  ? HIS A 60  ? ILE A 53  HIS A 60  
AA2 5 ARG A 64  ? GLU A 71  ? ARG A 64  GLU A 71  
AA2 6 GLU A 79  ? LEU A 81  ? GLU A 79  LEU A 81  
AA3 1 GLU A 110 ? VAL A 116 ? GLU A 110 VAL A 116 
AA3 2 GLU A 102 ? VAL A 107 ? GLU A 102 VAL A 107 
AA3 3 PRO A 91  ? VAL A 98  ? PRO A 91  VAL A 98  
AA3 4 CYS A 22  ? THR A 28  ? CYS A 22  THR A 28  
AA3 5 SER A 134 ? ASN A 141 ? SER A 134 ASN A 141 
# 
loop_
_pdbx_struct_sheet_hbond.sheet_id 
_pdbx_struct_sheet_hbond.range_id_1 
_pdbx_struct_sheet_hbond.range_id_2 
_pdbx_struct_sheet_hbond.range_1_label_atom_id 
_pdbx_struct_sheet_hbond.range_1_label_comp_id 
_pdbx_struct_sheet_hbond.range_1_label_asym_id 
_pdbx_struct_sheet_hbond.range_1_label_seq_id 
_pdbx_struct_sheet_hbond.range_1_PDB_ins_code 
_pdbx_struct_sheet_hbond.range_1_auth_atom_id 
_pdbx_struct_sheet_hbond.range_1_auth_comp_id 
_pdbx_struct_sheet_hbond.range_1_auth_asym_id 
_pdbx_struct_sheet_hbond.range_1_auth_seq_id 
_pdbx_struct_sheet_hbond.range_2_label_atom_id 
_pdbx_struct_sheet_hbond.range_2_label_comp_id 
_pdbx_struct_sheet_hbond.range_2_label_asym_id 
_pdbx_struct_sheet_hbond.range_2_label_seq_id 
_pdbx_struct_sheet_hbond.range_2_PDB_ins_code 
_pdbx_struct_sheet_hbond.range_2_auth_atom_id 
_pdbx_struct_sheet_hbond.range_2_auth_comp_id 
_pdbx_struct_sheet_hbond.range_2_auth_asym_id 
_pdbx_struct_sheet_hbond.range_2_auth_seq_id 
AA1 1 2 N TYR A 11  ? N TYR A 11  O VAL A 129 ? O VAL A 129 
AA1 2 3 O MET A 126 ? O MET A 126 N TYR A 44  ? N TYR A 44  
AA1 3 4 N VAL A 41  ? N VAL A 41  O LEU A 57  ? O LEU A 57  
AA1 4 5 N HIS A 60  ? N HIS A 60  O ARG A 64  ? O ARG A 64  
AA1 5 6 N GLU A 71  ? N GLU A 71  O ILE A 74  ? O ILE A 74  
AA2 1 2 N TYR A 11  ? N TYR A 11  O VAL A 129 ? O VAL A 129 
AA2 2 3 O MET A 126 ? O MET A 126 N TYR A 44  ? N TYR A 44  
AA2 3 4 N VAL A 41  ? N VAL A 41  O LEU A 57  ? O LEU A 57  
AA2 4 5 N HIS A 60  ? N HIS A 60  O ARG A 64  ? O ARG A 64  
AA2 5 6 N VAL A 65  ? N VAL A 65  O LEU A 81  ? O LEU A 81  
AA3 1 2 O TYR A 113 ? O TYR A 113 N VAL A 105 ? N VAL A 105 
AA3 2 3 O LYS A 106 ? O LYS A 106 N ARG A 95  ? N ARG A 95  
AA3 3 4 O LEU A 94  ? O LEU A 94  N ILE A 25  ? N ILE A 25  
AA3 4 5 N ILE A 24  ? N ILE A 24  O LEU A 139 ? O LEU A 139 
# 
_atom_sites.entry_id                    6LJP 
_atom_sites.Cartn_transf_matrix[1][1]   ? 
_atom_sites.Cartn_transf_matrix[1][2]   ? 
_atom_sites.Cartn_transf_matrix[1][3]   ? 
_atom_sites.Cartn_transf_matrix[2][1]   ? 
_atom_sites.Cartn_transf_matrix[2][2]   ? 
_atom_sites.Cartn_transf_matrix[2][3]   ? 
_atom_sites.Cartn_transf_matrix[3][1]   ? 
_atom_sites.Cartn_transf_matrix[3][2]   ? 
_atom_sites.Cartn_transf_matrix[3][3]   ? 
_atom_sites.Cartn_transf_vector[1]      ? 
_atom_sites.Cartn_transf_vector[2]      ? 
_atom_sites.Cartn_transf_vector[3]      ? 
_atom_sites.fract_transf_matrix[1][1]   -0.00539953 
_atom_sites.fract_transf_matrix[1][2]   -0.00719081 
_atom_sites.fract_transf_matrix[1][3]   0.01579802 
_atom_sites.fract_transf_matrix[2][1]   0.02359519 
_atom_sites.fract_transf_matrix[2][2]   -0.01639442 
_atom_sites.fract_transf_matrix[2][3]   0.00060222 
_atom_sites.fract_transf_matrix[3][1]   0.00629194 
_atom_sites.fract_transf_matrix[3][2]   0.00941575 
_atom_sites.fract_transf_matrix[3][3]   0.00980742 
_atom_sites.fract_transf_vector[1]      0.221668 
_atom_sites.fract_transf_vector[2]      0.304517 
_atom_sites.fract_transf_vector[3]      0.230335 
_atom_sites.solution_primary            ? 
_atom_sites.solution_secondary          ? 
_atom_sites.solution_hydrogens          ? 
_atom_sites.special_details             ? 
# 
loop_
_atom_type.symbol 
C 
N 
O 
S 
# 
loop_
_atom_site.group_PDB 
_atom_site.id 
_atom_site.type_symbol 
_atom_site.label_atom_id 
_atom_site.label_alt_id 
_atom_site.label_comp_id 
_atom_site.label_asym_id 
_atom_site.label_entity_id 
_atom_site.label_seq_id 
_atom_site.pdbx_PDB_ins_code 
_atom_site.Cartn_x 
_atom_site.Cartn_y 
_atom_site.Cartn_z 
_atom_site.occupancy 
_atom_site.B_iso_or_equiv 
_atom_site.pdbx_formal_charge 
_atom_site.auth_seq_id 
_atom_site.auth_comp_id 
_atom_site.auth_asym_id 
_atom_site.auth_atom_id 
_atom_site.pdbx_PDB_model_num 
ATOM   1    N N   . MET A 1 4   ? -7.513  20.983  6.599   1.00 28.63 ? 4   MET A N   1 
ATOM   2    C CA  . MET A 1 4   ? -7.990  19.973  7.541   1.00 26.49 ? 4   MET A CA  1 
ATOM   3    C C   . MET A 1 4   ? -6.844  19.094  8.042   1.00 26.50 ? 4   MET A C   1 
ATOM   4    O O   . MET A 1 4   ? -5.741  19.124  7.484   1.00 14.80 ? 4   MET A O   1 
ATOM   5    C CB  . MET A 1 4   ? -9.050  19.104  6.890   1.00 27.02 ? 4   MET A CB  1 
ATOM   6    C CG  . MET A 1 4   ? -8.497  18.301  5.746   1.00 28.94 ? 4   MET A CG  1 
ATOM   7    S SD  . MET A 1 4   ? -9.732  17.298  4.902   1.00 56.01 ? 4   MET A SD  1 
ATOM   8    C CE  . MET A 1 4   ? -9.132  17.445  3.216   1.00 37.66 ? 4   MET A CE  1 
ATOM   9    N N   . SER A 1 5   ? -7.126  18.300  9.077   1.00 21.71 ? 5   SER A N   1 
ATOM   10   C CA  . SER A 1 5   ? -6.101  17.549  9.793   1.00 15.61 ? 5   SER A CA  1 
ATOM   11   C C   . SER A 1 5   ? -5.704  16.277  9.049   1.00 14.79 ? 5   SER A C   1 
ATOM   12   O O   . SER A 1 5   ? -6.511  15.668  8.348   1.00 10.42 ? 5   SER A O   1 
ATOM   13   C CB  . SER A 1 5   ? -6.600  17.167  11.180  1.00 19.17 ? 5   SER A CB  1 
ATOM   14   O OG  . SER A 1 5   ? -7.406  18.192  11.732  1.00 32.83 ? 5   SER A OG  1 
ATOM   15   N N   . PHE A 1 6   ? -4.448  15.868  9.229   1.00 12.39 ? 6   PHE A N   1 
ATOM   16   C CA  . PHE A 1 6   ? -3.998  14.591  8.688   1.00 15.36 ? 6   PHE A CA  1 
ATOM   17   C C   . PHE A 1 6   ? -4.794  13.456  9.315   1.00 17.37 ? 6   PHE A C   1 
ATOM   18   O O   . PHE A 1 6   ? -5.174  13.513  10.487  1.00 13.92 ? 6   PHE A O   1 
ATOM   19   C CB  . PHE A 1 6   ? -2.505  14.360  8.963   1.00 11.93 ? 6   PHE A CB  1 
ATOM   20   C CG  . PHE A 1 6   ? -1.598  15.354  8.314   1.00 17.69 ? 6   PHE A CG  1 
ATOM   21   C CD1 . PHE A 1 6   ? -1.596  15.518  6.935   1.00 15.10 ? 6   PHE A CD1 1 
ATOM   22   C CD2 . PHE A 1 6   ? -0.703  16.102  9.084   1.00 20.70 ? 6   PHE A CD2 1 
ATOM   23   C CE1 . PHE A 1 6   ? -0.738  16.429  6.339   1.00 19.22 ? 6   PHE A CE1 1 
ATOM   24   C CE2 . PHE A 1 6   ? 0.154   17.011  8.492   1.00 18.72 ? 6   PHE A CE2 1 
ATOM   25   C CZ  . PHE A 1 6   ? 0.133   17.178  7.119   1.00 15.92 ? 6   PHE A CZ  1 
ATOM   26   N N   . LEU A 1 7   ? -5.025  12.402  8.533   1.00 16.91 ? 7   LEU A N   1 
ATOM   27   C CA  . LEU A 1 7   ? -5.702  11.233  9.077   1.00 15.71 ? 7   LEU A CA  1 
ATOM   28   C C   . LEU A 1 7   ? -4.878  10.627  10.209  1.00 15.35 ? 7   LEU A C   1 
ATOM   29   O O   . LEU A 1 7   ? -3.644  10.617  10.168  1.00 10.71 ? 7   LEU A O   1 
ATOM   30   C CB  . LEU A 1 7   ? -5.947  10.204  7.979   1.00 12.21 ? 7   LEU A CB  1 
ATOM   31   C CG  . LEU A 1 7   ? -6.893  10.629  6.846   1.00 19.06 ? 7   LEU A CG  1 
ATOM   32   C CD1 . LEU A 1 7   ? -6.979  9.533   5.772   1.00 15.63 ? 7   LEU A CD1 1 
ATOM   33   C CD2 . LEU A 1 7   ? -8.285  11.004  7.385   1.00 22.02 ? 7   LEU A CD2 1 
ATOM   34   N N   . THR A 1 8   ? -5.568  10.142  11.239  1.00 15.22 ? 8   THR A N   1 
ATOM   35   C CA  . THR A 1 8   ? -4.897  9.471   12.343  1.00 14.35 ? 8   THR A CA  1 
ATOM   36   C C   . THR A 1 8   ? -4.386  8.110   11.895  1.00 14.55 ? 8   THR A C   1 
ATOM   37   O O   . THR A 1 8   ? -5.157  7.290   11.383  1.00 13.07 ? 8   THR A O   1 
ATOM   38   C CB  . THR A 1 8   ? -5.861  9.302   13.520  1.00 20.34 ? 8   THR A CB  1 
ATOM   39   O OG1 . THR A 1 8   ? -6.333  10.583  13.961  1.00 18.47 ? 8   THR A OG1 1 
ATOM   40   C CG2 . THR A 1 8   ? -5.172  8.574   14.679  1.00 21.95 ? 8   THR A CG2 1 
ATOM   41   N N   . VAL A 1 9   ? -3.097  7.848   12.106  1.00 16.23 ? 9   VAL A N   1 
ATOM   42   C CA  . VAL A 1 9   ? -2.523  6.555   11.723  1.00 12.23 ? 9   VAL A CA  1 
ATOM   43   C C   . VAL A 1 9   ? -2.229  5.727   12.969  1.00 13.93 ? 9   VAL A C   1 
ATOM   44   O O   . VAL A 1 9   ? -1.907  6.299   14.021  1.00 15.34 ? 9   VAL A O   1 
ATOM   45   C CB  . VAL A 1 9   ? -1.268  6.734   10.850  1.00 13.37 ? 9   VAL A CB  1 
ATOM   46   C CG1 . VAL A 1 9   ? -1.639  7.430   9.552   1.00 12.63 ? 9   VAL A CG1 1 
ATOM   47   C CG2 . VAL A 1 9   ? -0.198  7.509   11.590  1.00 12.55 ? 9   VAL A CG2 1 
ATOM   48   N N   . PRO A 1 10  ? -2.333  4.380   12.915  1.00 14.27 ? 10  PRO A N   1 
ATOM   49   C CA  . PRO A 1 10  ? -2.659  3.560   11.737  1.00 12.53 ? 10  PRO A CA  1 
ATOM   50   C C   . PRO A 1 10  ? -4.079  3.794   11.252  1.00 11.50 ? 10  PRO A C   1 
ATOM   51   O O   . PRO A 1 10  ? -4.967  3.865   12.087  1.00 8.82  ? 10  PRO A O   1 
ATOM   52   C CB  . PRO A 1 10  ? -2.502  2.114   12.248  1.00 15.15 ? 10  PRO A CB  1 
ATOM   53   C CG  . PRO A 1 10  ? -1.805  2.230   13.570  1.00 20.05 ? 10  PRO A CG  1 
ATOM   54   C CD  . PRO A 1 10  ? -2.233  3.551   14.125  1.00 10.75 ? 10  PRO A CD  1 
ATOM   55   N N   . TYR A 1 11  ? -4.277  3.930   9.943   1.00 12.74 ? 11  TYR A N   1 
ATOM   56   C CA  . TYR A 1 11  ? -5.573  4.266   9.363   1.00 10.12 ? 11  TYR A CA  1 
ATOM   57   C C   . TYR A 1 11  ? -6.172  3.044   8.677   1.00 8.48  ? 11  TYR A C   1 
ATOM   58   O O   . TYR A 1 11  ? -5.547  2.461   7.791   1.00 7.02  ? 11  TYR A O   1 
ATOM   59   C CB  . TYR A 1 11  ? -5.443  5.410   8.367   1.00 7.99  ? 11  TYR A CB  1 
ATOM   60   C CG  . TYR A 1 11  ? -6.769  5.855   7.807   1.00 9.43  ? 11  TYR A CG  1 
ATOM   61   C CD1 . TYR A 1 11  ? -7.684  6.529   8.599   1.00 12.37 ? 11  TYR A CD1 1 
ATOM   62   C CD2 . TYR A 1 11  ? -7.110  5.591   6.488   1.00 10.70 ? 11  TYR A CD2 1 
ATOM   63   C CE1 . TYR A 1 11  ? -8.901  6.926   8.098   1.00 14.32 ? 11  TYR A CE1 1 
ATOM   64   C CE2 . TYR A 1 11  ? -8.313  5.993   5.974   1.00 11.37 ? 11  TYR A CE2 1 
ATOM   65   C CZ  . TYR A 1 11  ? -9.209  6.657   6.787   1.00 14.06 ? 11  TYR A CZ  1 
ATOM   66   O OH  . TYR A 1 11  ? -10.415 7.067   6.285   1.00 26.56 ? 11  TYR A OH  1 
ATOM   67   N N   . LYS A 1 12  ? -7.384  2.669   9.076   1.00 9.36  ? 12  LYS A N   1 
ATOM   68   C CA  . LYS A 1 12  ? -8.063  1.500   8.538   1.00 8.36  ? 12  LYS A CA  1 
ATOM   69   C C   . LYS A 1 12  ? -9.284  1.946   7.752   1.00 9.03  ? 12  LYS A C   1 
ATOM   70   O O   . LYS A 1 12  ? -9.983  2.881   8.153   1.00 10.01 ? 12  LYS A O   1 
ATOM   71   C CB  . LYS A 1 12  ? -8.482  0.535   9.650   1.00 10.51 ? 12  LYS A CB  1 
ATOM   72   C CG  . LYS A 1 12  ? -7.316  -0.117  10.393  1.00 7.92  ? 12  LYS A CG  1 
ATOM   73   C CD  . LYS A 1 12  ? -7.822  -1.197  11.321  1.00 7.67  ? 12  LYS A CD  1 
ATOM   74   C CE  . LYS A 1 12  ? -6.706  -1.872  12.110  1.00 17.22 ? 12  LYS A CE  1 
ATOM   75   N NZ  . LYS A 1 12  ? -6.030  -0.952  13.055  1.00 15.73 ? 12  LYS A NZ  1 
ATOM   76   N N   . LEU A 1 13  ? -9.542  1.272   6.643   1.00 10.02 ? 13  LEU A N   1 
ATOM   77   C CA  . LEU A 1 13  ? -10.674 1.620   5.798   1.00 9.49  ? 13  LEU A CA  1 
ATOM   78   C C   . LEU A 1 13  ? -11.353 0.371   5.246   1.00 16.60 ? 13  LEU A C   1 
ATOM   79   O O   . LEU A 1 13  ? -10.713 -0.399  4.519   1.00 10.45 ? 13  LEU A O   1 
ATOM   80   C CB  . LEU A 1 13  ? -10.197 2.519   4.655   1.00 9.85  ? 13  LEU A CB  1 
ATOM   81   C CG  . LEU A 1 13  ? -11.243 2.983   3.653   1.00 13.13 ? 13  LEU A CG  1 
ATOM   82   C CD1 . LEU A 1 13  ? -12.080 4.087   4.265   1.00 15.30 ? 13  LEU A CD1 1 
ATOM   83   C CD2 . LEU A 1 13  ? -10.575 3.436   2.368   1.00 13.02 ? 13  LEU A CD2 1 
ATOM   84   N N   . PRO A 1 14  ? -12.636 0.126   5.555   1.00 10.61 ? 14  PRO A N   1 
ATOM   85   C CA  . PRO A 1 14  ? -13.357 -0.960  4.879   1.00 10.25 ? 14  PRO A CA  1 
ATOM   86   C C   . PRO A 1 14  ? -13.540 -0.621  3.415   1.00 11.27 ? 14  PRO A C   1 
ATOM   87   O O   . PRO A 1 14  ? -13.849 0.524   3.073   1.00 9.31  ? 14  PRO A O   1 
ATOM   88   C CB  . PRO A 1 14  ? -14.707 -1.020  5.612   1.00 11.70 ? 14  PRO A CB  1 
ATOM   89   C CG  . PRO A 1 14  ? -14.519 -0.200  6.861   1.00 17.13 ? 14  PRO A CG  1 
ATOM   90   C CD  . PRO A 1 14  ? -13.487 0.823   6.531   1.00 11.51 ? 14  PRO A CD  1 
ATOM   91   N N   . VAL A 1 15  ? -13.305 -1.615  2.544   1.00 11.80 ? 15  VAL A N   1 
ATOM   92   C CA  . VAL A 1 15  ? -13.362 -1.427  1.097   1.00 11.19 ? 15  VAL A CA  1 
ATOM   93   C C   . VAL A 1 15  ? -13.960 -2.661  0.422   1.00 13.04 ? 15  VAL A C   1 
ATOM   94   O O   . VAL A 1 15  ? -14.033 -3.749  0.993   1.00 8.74  ? 15  VAL A O   1 
ATOM   95   C CB  . VAL A 1 15  ? -11.973 -1.136  0.459   1.00 14.11 ? 15  VAL A CB  1 
ATOM   96   C CG1 . VAL A 1 15  ? -11.322 0.085   1.098   1.00 15.89 ? 15  VAL A CG1 1 
ATOM   97   C CG2 . VAL A 1 15  ? -11.041 -2.358  0.561   1.00 7.91  ? 15  VAL A CG2 1 
ATOM   98   N N   . SER A 1 16  ? -14.382 -2.456  -0.824  1.00 10.94 ? 16  SER A N   1 
ATOM   99   C CA  . SER A 1 16  ? -14.702 -3.545  -1.732  1.00 11.28 ? 16  SER A CA  1 
ATOM   100  C C   . SER A 1 16  ? -13.995 -3.239  -3.053  1.00 16.87 ? 16  SER A C   1 
ATOM   101  O O   . SER A 1 16  ? -14.217 -2.174  -3.636  1.00 18.80 ? 16  SER A O   1 
ATOM   102  C CB  . SER A 1 16  ? -16.216 -3.683  -1.914  1.00 15.78 ? 16  SER A CB  1 
ATOM   103  O OG  . SER A 1 16  ? -16.550 -4.670  -2.892  1.00 21.64 ? 16  SER A OG  1 
ATOM   104  N N   . LEU A 1 17  ? -13.078 -4.114  -3.437  1.00 11.52 ? 17  LEU A N   1 
ATOM   105  C CA  . LEU A 1 17  ? -12.285 -3.946  -4.663  1.00 7.39  ? 17  LEU A CA  1 
ATOM   106  C C   . LEU A 1 17  ? -12.836 -4.836  -5.779  1.00 14.02 ? 17  LEU A C   1 
ATOM   107  O O   . LEU A 1 17  ? -13.146 -5.997  -5.540  1.00 12.47 ? 17  LEU A O   1 
ATOM   108  C CB  . LEU A 1 17  ? -10.830 -4.324  -4.391  1.00 10.22 ? 17  LEU A CB  1 
ATOM   109  C CG  . LEU A 1 17  ? -10.107 -3.610  -3.250  1.00 8.25  ? 17  LEU A CG  1 
ATOM   110  C CD1 . LEU A 1 17  ? -8.618  -3.847  -3.292  1.00 6.43  ? 17  LEU A CD1 1 
ATOM   111  C CD2 . LEU A 1 17  ? -10.419 -2.149  -3.188  1.00 9.29  ? 17  LEU A CD2 1 
ATOM   112  N N   . SER A 1 18  ? -12.954 -4.257  -6.964  1.00 10.25 ? 18  SER A N   1 
ATOM   113  C CA  . SER A 1 18  ? -13.245 -5.047  -8.174  1.00 12.23 ? 18  SER A CA  1 
ATOM   114  C C   . SER A 1 18  ? -12.153 -4.757  -9.203  1.00 10.51 ? 18  SER A C   1 
ATOM   115  O O   . SER A 1 18  ? -11.379 -3.837  -9.030  1.00 9.38  ? 18  SER A O   1 
ATOM   116  C CB  . SER A 1 18  ? -14.563 -4.681  -8.743  1.00 14.86 ? 18  SER A CB  1 
ATOM   117  O OG  . SER A 1 18  ? -15.062 -5.764  -9.474  1.00 29.32 ? 18  SER A OG  1 
ATOM   118  N N   . VAL A 1 19  ? -12.192 -5.474  -10.320 1.00 9.97  ? 19  VAL A N   1 
ATOM   119  C CA  . VAL A 1 19  ? -11.319 -5.098  -11.458 1.00 6.60  ? 19  VAL A CA  1 
ATOM   120  C C   . VAL A 1 19  ? -11.744 -3.672  -11.872 1.00 10.16 ? 19  VAL A C   1 
ATOM   121  O O   . VAL A 1 19  ? -12.925 -3.388  -11.942 1.00 10.60 ? 19  VAL A O   1 
ATOM   122  C CB  . VAL A 1 19  ? -11.414 -6.112  -12.606 1.00 14.95 ? 19  VAL A CB  1 
ATOM   123  C CG1 . VAL A 1 19  ? -10.650 -5.666  -13.825 1.00 8.12  ? 19  VAL A CG1 1 
ATOM   124  C CG2 . VAL A 1 19  ? -11.005 -7.527  -12.176 1.00 13.94 ? 19  VAL A CG2 1 
ATOM   125  N N   . GLY A 1 20  ? -10.791 -2.807  -12.137 1.00 11.94 ? 20  GLY A N   1 
ATOM   126  C CA  . GLY A 1 20  ? -11.104 -1.430  -12.445 1.00 8.60  ? 20  GLY A CA  1 
ATOM   127  C C   . GLY A 1 20  ? -11.052 -0.491  -11.256 1.00 11.55 ? 20  GLY A C   1 
ATOM   128  O O   . GLY A 1 20  ? -10.991 0.725   -11.455 1.00 15.60 ? 20  GLY A O   1 
ATOM   129  N N   . SER A 1 21  ? -11.088 -1.019  -10.033 1.00 8.10  ? 21  SER A N   1 
ATOM   130  C CA  . SER A 1 21  ? -10.967 -0.177  -8.849  1.00 12.03 ? 21  SER A CA  1 
ATOM   131  C C   . SER A 1 21  ? -9.604  0.499   -8.802  1.00 10.53 ? 21  SER A C   1 
ATOM   132  O O   . SER A 1 21  ? -8.623  0.026   -9.383  1.00 8.25  ? 21  SER A O   1 
ATOM   133  C CB  . SER A 1 21  ? -11.134 -0.995  -7.562  1.00 7.96  ? 21  SER A CB  1 
ATOM   134  O OG  . SER A 1 21  ? -12.424 -1.553  -7.464  1.00 17.83 ? 21  SER A OG  1 
ATOM   135  N N   . CYS A 1 22  ? -9.549  1.597   -8.049  1.00 10.37 ? 22  CYS A N   1 
ATOM   136  C CA  . CYS A 1 22  ? -8.310  2.321   -7.812  1.00 11.11 ? 22  CYS A CA  1 
ATOM   137  C C   . CYS A 1 22  ? -8.264  2.799   -6.367  1.00 13.45 ? 22  CYS A C   1 
ATOM   138  O O   . CYS A 1 22  ? -9.192  3.466   -5.907  1.00 11.09 ? 22  CYS A O   1 
ATOM   139  C CB  . CYS A 1 22  ? -8.196  3.517   -8.766  1.00 16.40 ? 22  CYS A CB  1 
ATOM   140  S SG  . CYS A 1 22  ? -6.603  4.342   -8.632  1.00 23.13 ? 22  CYS A SG  1 
ATOM   141  N N   . VAL A 1 23  ? -7.181  2.469   -5.666  1.00 11.16 ? 23  VAL A N   1 
ATOM   142  C CA  . VAL A 1 23  ? -6.925  2.995   -4.329  1.00 10.34 ? 23  VAL A CA  1 
ATOM   143  C C   . VAL A 1 23  ? -5.944  4.148   -4.445  1.00 9.37  ? 23  VAL A C   1 
ATOM   144  O O   . VAL A 1 23  ? -4.833  3.974   -4.957  1.00 8.45  ? 23  VAL A O   1 
ATOM   145  C CB  . VAL A 1 23  ? -6.366  1.914   -3.401  1.00 11.90 ? 23  VAL A CB  1 
ATOM   146  C CG1 . VAL A 1 23  ? -5.903  2.556   -2.095  1.00 12.36 ? 23  VAL A CG1 1 
ATOM   147  C CG2 . VAL A 1 23  ? -7.415  0.857   -3.146  1.00 16.53 ? 23  VAL A CG2 1 
ATOM   148  N N   . ILE A 1 24  ? -6.348  5.320   -3.957  1.00 6.55  ? 24  ILE A N   1 
ATOM   149  C CA  . ILE A 1 24  ? -5.576  6.543   -4.090  1.00 9.02  ? 24  ILE A CA  1 
ATOM   150  C C   . ILE A 1 24  ? -5.172  7.002   -2.692  1.00 8.27  ? 24  ILE A C   1 
ATOM   151  O O   . ILE A 1 24  ? -6.033  7.296   -1.848  1.00 9.41  ? 24  ILE A O   1 
ATOM   152  C CB  . ILE A 1 24  ? -6.374  7.620   -4.838  1.00 7.54  ? 24  ILE A CB  1 
ATOM   153  C CG1 . ILE A 1 24  ? -6.804  7.078   -6.202  1.00 8.34  ? 24  ILE A CG1 1 
ATOM   154  C CG2 . ILE A 1 24  ? -5.551  8.888   -4.996  1.00 6.51  ? 24  ILE A CG2 1 
ATOM   155  C CD1 . ILE A 1 24  ? -7.587  8.089   -7.066  1.00 11.94 ? 24  ILE A CD1 1 
ATOM   156  N N   . ILE A 1 25  ? -3.867  7.046   -2.443  1.00 7.46  ? 25  ILE A N   1 
ATOM   157  C CA  . ILE A 1 25  ? -3.312  7.398   -1.141  1.00 7.25  ? 25  ILE A CA  1 
ATOM   158  C C   . ILE A 1 25  ? -2.407  8.595   -1.351  1.00 6.49  ? 25  ILE A C   1 
ATOM   159  O O   . ILE A 1 25  ? -1.465  8.538   -2.155  1.00 8.12  ? 25  ILE A O   1 
ATOM   160  C CB  . ILE A 1 25  ? -2.539  6.224   -0.518  1.00 7.07  ? 25  ILE A CB  1 
ATOM   161  C CG1 . ILE A 1 25  ? -3.471  5.011   -0.384  1.00 6.93  ? 25  ILE A CG1 1 
ATOM   162  C CG2 . ILE A 1 25  ? -1.919  6.642   0.819   1.00 9.54  ? 25  ILE A CG2 1 
ATOM   163  C CD1 . ILE A 1 25  ? -2.760  3.676   -0.222  1.00 5.44  ? 25  ILE A CD1 1 
ATOM   164  N N   . LYS A 1 26  ? -2.700  9.685   -0.655  1.00 7.41  ? 26  LYS A N   1 
ATOM   165  C CA  . LYS A 1 26  ? -1.885  10.893  -0.734  1.00 9.35  ? 26  LYS A CA  1 
ATOM   166  C C   . LYS A 1 26  ? -1.394  11.260  0.662   1.00 13.22 ? 26  LYS A C   1 
ATOM   167  O O   . LYS A 1 26  ? -2.186  11.316  1.610   1.00 8.75  ? 26  LYS A O   1 
ATOM   168  C CB  . LYS A 1 26  ? -2.672  12.056  -1.349  1.00 12.74 ? 26  LYS A CB  1 
ATOM   169  C CG  . LYS A 1 26  ? -3.136  11.832  -2.794  1.00 14.15 ? 26  LYS A CG  1 
ATOM   170  C CD  . LYS A 1 26  ? -4.171  12.893  -3.175  1.00 15.05 ? 26  LYS A CD  1 
ATOM   171  C CE  . LYS A 1 26  ? -4.435  12.900  -4.674  1.00 22.58 ? 26  LYS A CE  1 
ATOM   172  N NZ  . LYS A 1 26  ? -5.335  14.035  -5.084  1.00 18.95 ? 26  LYS A NZ  1 
ATOM   173  N N   . GLY A 1 27  ? -0.097  11.503  0.782   1.00 10.08 ? 27  GLY A N   1 
ATOM   174  C CA  . GLY A 1 27  ? 0.465   11.893  2.057   1.00 10.95 ? 27  GLY A CA  1 
ATOM   175  C C   . GLY A 1 27  ? 1.875   12.407  1.908   1.00 7.95  ? 27  GLY A C   1 
ATOM   176  O O   . GLY A 1 27  ? 2.294   12.776  0.813   1.00 10.92 ? 27  GLY A O   1 
ATOM   177  N N   . THR A 1 28  ? 2.604   12.429  3.026   1.00 11.07 ? 28  THR A N   1 
ATOM   178  C CA  . THR A 1 28  ? 4.019   12.787  3.060   1.00 13.84 ? 28  THR A CA  1 
ATOM   179  C C   . THR A 1 28  ? 4.766   11.810  3.964   1.00 11.14 ? 28  THR A C   1 
ATOM   180  O O   . THR A 1 28  ? 4.329   11.559  5.084   1.00 12.06 ? 28  THR A O   1 
ATOM   181  C CB  . THR A 1 28  ? 4.223   14.218  3.576   1.00 7.49  ? 28  THR A CB  1 
ATOM   182  O OG1 . THR A 1 28  ? 3.666   15.146  2.645   1.00 9.78  ? 28  THR A OG1 1 
ATOM   183  C CG2 . THR A 1 28  ? 5.686   14.518  3.752   1.00 14.05 ? 28  THR A CG2 1 
ATOM   184  N N   . LEU A 1 29  ? 5.885   11.271  3.480   1.00 12.79 ? 29  LEU A N   1 
ATOM   185  C CA  . LEU A 1 29  ? 6.771   10.455  4.309   1.00 15.49 ? 29  LEU A CA  1 
ATOM   186  C C   . LEU A 1 29  ? 7.844   11.331  4.932   1.00 10.81 ? 29  LEU A C   1 
ATOM   187  O O   . LEU A 1 29  ? 8.222   12.367  4.378   1.00 10.39 ? 29  LEU A O   1 
ATOM   188  C CB  . LEU A 1 29  ? 7.461   9.351   3.498   1.00 16.05 ? 29  LEU A CB  1 
ATOM   189  C CG  . LEU A 1 29  ? 6.610   8.387   2.687   1.00 8.95  ? 29  LEU A CG  1 
ATOM   190  C CD1 . LEU A 1 29  ? 7.387   7.133   2.385   1.00 9.82  ? 29  LEU A CD1 1 
ATOM   191  C CD2 . LEU A 1 29  ? 5.343   8.076   3.449   1.00 12.69 ? 29  LEU A CD2 1 
ATOM   192  N N   . ILE A 1 30  ? 8.365   10.890  6.077   1.00 13.65 ? 30  ILE A N   1 
ATOM   193  C CA  . ILE A 1 30  ? 9.539   11.528  6.657   1.00 13.84 ? 30  ILE A CA  1 
ATOM   194  C C   . ILE A 1 30  ? 10.524  10.472  7.138   1.00 16.70 ? 30  ILE A C   1 
ATOM   195  O O   . ILE A 1 30  ? 10.148  9.369   7.554   1.00 12.97 ? 30  ILE A O   1 
ATOM   196  C CB  . ILE A 1 30  ? 9.190   12.511  7.808   1.00 17.06 ? 30  ILE A CB  1 
ATOM   197  C CG1 . ILE A 1 30  ? 8.472   11.783  8.942   1.00 12.63 ? 30  ILE A CG1 1 
ATOM   198  C CG2 . ILE A 1 30  ? 8.356   13.681  7.293   1.00 14.19 ? 30  ILE A CG2 1 
ATOM   199  C CD1 . ILE A 1 30  ? 8.133   12.678  10.142  1.00 20.62 ? 30  ILE A CD1 1 
ATOM   200  N N   . ASP A 1 31  ? 11.799  10.841  7.098   1.00 12.20 ? 31  ASP A N   1 
ATOM   201  C CA  . ASP A 1 31  ? 12.897  10.056  7.645   1.00 14.97 ? 31  ASP A CA  1 
ATOM   202  C C   . ASP A 1 31  ? 12.874  10.213  9.162   1.00 17.73 ? 31  ASP A C   1 
ATOM   203  O O   . ASP A 1 31  ? 13.564  11.070  9.719   1.00 13.68 ? 31  ASP A O   1 
ATOM   204  C CB  . ASP A 1 31  ? 14.212  10.541  7.051   1.00 14.87 ? 31  ASP A CB  1 
ATOM   205  C CG  . ASP A 1 31  ? 15.392  9.754   7.535   1.00 19.77 ? 31  ASP A CG  1 
ATOM   206  O OD1 . ASP A 1 31  ? 15.192  8.622   8.023   1.00 21.29 ? 31  ASP A OD1 1 
ATOM   207  O OD2 . ASP A 1 31  ? 16.521  10.277  7.427   1.00 28.36 ? 31  ASP A OD2 1 
ATOM   208  N N   . SER A 1 32  ? 12.064  9.379   9.853   1.00 13.66 ? 32  SER A N   1 
ATOM   209  C CA  . SER A 1 32  ? 11.958  9.494   11.303  1.00 17.95 ? 32  SER A CA  1 
ATOM   210  C C   . SER A 1 32  ? 11.952  8.145   12.029  1.00 16.29 ? 32  SER A C   1 
ATOM   211  O O   . SER A 1 32  ? 11.457  8.069   13.153  1.00 17.82 ? 32  SER A O   1 
ATOM   212  C CB  . SER A 1 32  ? 10.702  10.262  11.703  1.00 14.88 ? 32  SER A CB  1 
ATOM   213  O OG  . SER A 1 32  ? 9.545   9.514   11.376  1.00 21.79 ? 32  SER A OG  1 
ATOM   214  N N   . SER A 1 33  ? 12.478  7.070   11.442  1.00 21.05 ? 33  SER A N   1 
ATOM   215  C CA  . SER A 1 33  ? 12.470  5.805   12.168  1.00 18.38 ? 33  SER A CA  1 
ATOM   216  C C   . SER A 1 33  ? 13.739  5.029   11.881  1.00 19.80 ? 33  SER A C   1 
ATOM   217  O O   . SER A 1 33  ? 14.340  5.156   10.810  1.00 13.04 ? 33  SER A O   1 
ATOM   218  C CB  . SER A 1 33  ? 11.234  4.954   11.841  1.00 18.51 ? 33  SER A CB  1 
ATOM   219  O OG  . SER A 1 33  ? 10.065  5.575   12.364  1.00 29.28 ? 33  SER A OG  1 
ATOM   220  N N   . ILE A 1 34  ? 14.105  4.181   12.843  1.00 26.98 ? 34  ILE A N   1 
ATOM   221  C CA  . ILE A 1 34  ? 15.421  3.565   12.864  1.00 30.66 ? 34  ILE A CA  1 
ATOM   222  C C   . ILE A 1 34  ? 15.493  2.465   11.821  1.00 29.66 ? 34  ILE A C   1 
ATOM   223  O O   . ILE A 1 34  ? 16.260  2.573   10.858  1.00 37.63 ? 34  ILE A O   1 
ATOM   224  C CB  . ILE A 1 34  ? 15.762  3.022   14.260  1.00 31.02 ? 34  ILE A CB  1 
ATOM   225  C CG1 . ILE A 1 34  ? 15.622  4.121   15.319  1.00 27.14 ? 34  ILE A CG1 1 
ATOM   226  C CG2 . ILE A 1 34  ? 17.181  2.468   14.272  1.00 30.80 ? 34  ILE A CG2 1 
ATOM   227  C CD1 . ILE A 1 34  ? 16.075  5.498   14.844  1.00 22.09 ? 34  ILE A CD1 1 
ATOM   228  N N   . ASN A 1 35  ? 14.705  1.394   11.995  1.00 26.80 ? 35  ASN A N   1 
ATOM   229  C CA  . ASN A 1 35  ? 14.696  0.366   10.959  1.00 37.00 ? 35  ASN A CA  1 
ATOM   230  C C   . ASN A 1 35  ? 13.292  -0.146  10.646  1.00 32.54 ? 35  ASN A C   1 
ATOM   231  O O   . ASN A 1 35  ? 13.151  -1.262  10.135  1.00 40.47 ? 35  ASN A O   1 
ATOM   232  C CB  . ASN A 1 35  ? 15.629  -0.802  11.329  1.00 40.01 ? 35  ASN A CB  1 
ATOM   233  C CG  . ASN A 1 35  ? 17.057  -0.574  10.848  1.00 43.22 ? 35  ASN A CG  1 
ATOM   234  O OD1 . ASN A 1 35  ? 17.280  0.097   9.836   1.00 43.31 ? 35  ASN A OD1 1 
ATOM   235  N ND2 . ASN A 1 35  ? 18.029  -1.114  11.579  1.00 32.09 ? 35  ASN A ND2 1 
ATOM   236  N N   . GLU A 1 36  ? 12.242  0.655   10.932  1.00 25.36 ? 36  GLU A N   1 
ATOM   237  C CA  . GLU A 1 36  ? 10.888  0.464   10.441  1.00 18.89 ? 36  GLU A CA  1 
ATOM   238  C C   . GLU A 1 36  ? 10.701  1.188   9.107   1.00 22.21 ? 36  GLU A C   1 
ATOM   239  O O   . GLU A 1 36  ? 11.320  2.231   8.865   1.00 12.58 ? 36  GLU A O   1 
ATOM   240  C CB  . GLU A 1 36  ? 9.881   0.993   11.453  1.00 19.77 ? 36  GLU A CB  1 
ATOM   241  C CG  . GLU A 1 36  ? 9.879   0.223   12.746  1.00 28.03 ? 36  GLU A CG  1 
ATOM   242  C CD  . GLU A 1 36  ? 9.889   -1.277  12.500  1.00 40.84 ? 36  GLU A CD  1 
ATOM   243  O OE1 . GLU A 1 36  ? 8.990   -1.775  11.780  1.00 38.72 ? 36  GLU A OE1 1 
ATOM   244  O OE2 . GLU A 1 36  ? 10.808  -1.956  13.008  1.00 54.30 ? 36  GLU A OE2 1 
ATOM   245  N N   . PRO A 1 37  ? 9.871   0.665   8.200   1.00 18.13 ? 37  PRO A N   1 
ATOM   246  C CA  . PRO A 1 37  ? 9.556   1.428   6.985   1.00 11.31 ? 37  PRO A CA  1 
ATOM   247  C C   . PRO A 1 37  ? 8.862   2.738   7.336   1.00 8.53  ? 37  PRO A C   1 
ATOM   248  O O   . PRO A 1 37  ? 8.265   2.895   8.403   1.00 9.69  ? 37  PRO A O   1 
ATOM   249  C CB  . PRO A 1 37  ? 8.631   0.488   6.188   1.00 13.68 ? 37  PRO A CB  1 
ATOM   250  C CG  . PRO A 1 37  ? 8.116   -0.506  7.207   1.00 11.96 ? 37  PRO A CG  1 
ATOM   251  C CD  . PRO A 1 37  ? 9.208   -0.650  8.235   1.00 9.65  ? 37  PRO A CD  1 
ATOM   252  N N   . GLN A 1 38  ? 8.948   3.692   6.415   1.00 8.97  ? 38  GLN A N   1 
ATOM   253  C CA  . GLN A 1 38  ? 8.351   5.007   6.611   1.00 8.22  ? 38  GLN A CA  1 
ATOM   254  C C   . GLN A 1 38  ? 6.904   5.081   6.136   1.00 9.91  ? 38  GLN A C   1 
ATOM   255  O O   . GLN A 1 38  ? 6.217   6.072   6.424   1.00 6.29  ? 38  GLN A O   1 
ATOM   256  C CB  . GLN A 1 38  ? 9.190   6.067   5.887   1.00 11.55 ? 38  GLN A CB  1 
ATOM   257  C CG  . GLN A 1 38  ? 10.584  6.260   6.480   1.00 12.22 ? 38  GLN A CG  1 
ATOM   258  C CD  . GLN A 1 38  ? 11.621  5.333   5.875   1.00 11.11 ? 38  GLN A CD  1 
ATOM   259  O OE1 . GLN A 1 38  ? 11.377  4.693   4.865   1.00 12.50 ? 38  GLN A OE1 1 
ATOM   260  N NE2 . GLN A 1 38  ? 12.780  5.244   6.509   1.00 11.88 ? 38  GLN A NE2 1 
ATOM   261  N N   . LEU A 1 39  ? 6.450   4.071   5.393   1.00 4.43  ? 39  LEU A N   1 
ATOM   262  C CA  . LEU A 1 39  ? 5.084   3.955   4.903   1.00 6.40  ? 39  LEU A CA  1 
ATOM   263  C C   . LEU A 1 39  ? 4.790   2.474   4.726   1.00 8.07  ? 39  LEU A C   1 
ATOM   264  O O   . LEU A 1 39  ? 5.649   1.732   4.234   1.00 4.40  ? 39  LEU A O   1 
ATOM   265  C CB  . LEU A 1 39  ? 4.876   4.667   3.563   1.00 6.90  ? 39  LEU A CB  1 
ATOM   266  C CG  . LEU A 1 39  ? 3.590   4.361   2.777   1.00 5.85  ? 39  LEU A CG  1 
ATOM   267  C CD1 . LEU A 1 39  ? 2.373   4.745   3.600   1.00 6.31  ? 39  LEU A CD1 1 
ATOM   268  C CD2 . LEU A 1 39  ? 3.561   5.079   1.418   1.00 6.53  ? 39  LEU A CD2 1 
ATOM   269  N N   . GLN A 1 40  ? 3.590   2.052   5.130   1.00 5.85  ? 40  GLN A N   1 
ATOM   270  C CA  . GLN A 1 40  ? 3.160   0.680   4.893   1.00 6.78  ? 40  GLN A CA  1 
ATOM   271  C C   . GLN A 1 40  ? 1.691   0.648   4.519   1.00 8.00  ? 40  GLN A C   1 
ATOM   272  O O   . GLN A 1 40  ? 0.871   1.310   5.161   1.00 8.23  ? 40  GLN A O   1 
ATOM   273  C CB  . GLN A 1 40  ? 3.403   -0.207  6.114   1.00 9.49  ? 40  GLN A CB  1 
ATOM   274  C CG  . GLN A 1 40  ? 3.287   -1.687  5.778   1.00 7.76  ? 40  GLN A CG  1 
ATOM   275  C CD  . GLN A 1 40  ? 3.821   -2.582  6.886   1.00 7.77  ? 40  GLN A CD  1 
ATOM   276  O OE1 . GLN A 1 40  ? 4.806   -2.251  7.539   1.00 6.59  ? 40  GLN A OE1 1 
ATOM   277  N NE2 . GLN A 1 40  ? 3.176   -3.731  7.084   1.00 3.69  ? 40  GLN A NE2 1 
ATOM   278  N N   . VAL A 1 41  ? 1.364   -0.122  3.476   1.00 6.02  ? 41  VAL A N   1 
ATOM   279  C CA  . VAL A 1 41  ? -0.008  -0.302  3.016   1.00 6.99  ? 41  VAL A CA  1 
ATOM   280  C C   . VAL A 1 41  ? -0.282  -1.800  2.957   1.00 6.80  ? 41  VAL A C   1 
ATOM   281  O O   . VAL A 1 41  ? 0.417   -2.531  2.252   1.00 5.48  ? 41  VAL A O   1 
ATOM   282  C CB  . VAL A 1 41  ? -0.253  0.338   1.640   1.00 6.23  ? 41  VAL A CB  1 
ATOM   283  C CG1 . VAL A 1 41  ? -1.647  0.005   1.169   1.00 4.61  ? 41  VAL A CG1 1 
ATOM   284  C CG2 . VAL A 1 41  ? -0.030  1.842   1.687   1.00 8.97  ? 41  VAL A CG2 1 
ATOM   285  N N   . ASP A 1 42  ? -1.287  -2.259  3.700   1.00 4.90  ? 42  ASP A N   1 
ATOM   286  C CA  . ASP A 1 42  ? -1.676  -3.663  3.678   1.00 7.73  ? 42  ASP A CA  1 
ATOM   287  C C   . ASP A 1 42  ? -3.142  -3.781  3.272   1.00 7.03  ? 42  ASP A C   1 
ATOM   288  O O   . ASP A 1 42  ? -3.991  -3.043  3.783   1.00 3.88  ? 42  ASP A O   1 
ATOM   289  C CB  . ASP A 1 42  ? -1.452  -4.331  5.040   1.00 7.04  ? 42  ASP A CB  1 
ATOM   290  C CG  . ASP A 1 42  ? 0.006   -4.264  5.510   1.00 11.51 ? 42  ASP A CG  1 
ATOM   291  O OD1 . ASP A 1 42  ? 0.909   -4.779  4.815   1.00 10.17 ? 42  ASP A OD1 1 
ATOM   292  O OD2 . ASP A 1 42  ? 0.249   -3.674  6.590   1.00 10.59 ? 42  ASP A OD2 1 
ATOM   293  N N   . PHE A 1 43  ? -3.427  -4.714  2.355   1.00 4.87  ? 43  PHE A N   1 
ATOM   294  C CA  . PHE A 1 43  ? -4.796  -5.065  1.954   1.00 7.88  ? 43  PHE A CA  1 
ATOM   295  C C   . PHE A 1 43  ? -5.189  -6.373  2.640   1.00 6.50  ? 43  PHE A C   1 
ATOM   296  O O   . PHE A 1 43  ? -4.642  -7.425  2.306   1.00 6.48  ? 43  PHE A O   1 
ATOM   297  C CB  . PHE A 1 43  ? -4.893  -5.251  0.444   1.00 3.79  ? 43  PHE A CB  1 
ATOM   298  C CG  . PHE A 1 43  ? -4.734  -3.986  -0.368  1.00 4.72  ? 43  PHE A CG  1 
ATOM   299  C CD1 . PHE A 1 43  ? -4.366  -2.786  0.219   1.00 4.05  ? 43  PHE A CD1 1 
ATOM   300  C CD2 . PHE A 1 43  ? -4.960  -4.020  -1.741  1.00 6.03  ? 43  PHE A CD2 1 
ATOM   301  C CE1 . PHE A 1 43  ? -4.218  -1.641  -0.549  1.00 3.56  ? 43  PHE A CE1 1 
ATOM   302  C CE2 . PHE A 1 43  ? -4.817  -2.889  -2.510  1.00 4.04  ? 43  PHE A CE2 1 
ATOM   303  C CZ  . PHE A 1 43  ? -4.448  -1.694  -1.917  1.00 4.27  ? 43  PHE A CZ  1 
ATOM   304  N N   . TYR A 1 44  ? -6.153  -6.317  3.564   1.00 5.20  ? 44  TYR A N   1 
ATOM   305  C CA  . TYR A 1 44  ? -6.587  -7.465  4.355   1.00 5.02  ? 44  TYR A CA  1 
ATOM   306  C C   . TYR A 1 44  ? -7.858  -8.112  3.792   1.00 9.69  ? 44  TYR A C   1 
ATOM   307  O O   . TYR A 1 44  ? -8.721  -7.434  3.228   1.00 5.00  ? 44  TYR A O   1 
ATOM   308  C CB  . TYR A 1 44  ? -6.846  -7.042  5.797   1.00 8.38  ? 44  TYR A CB  1 
ATOM   309  C CG  . TYR A 1 44  ? -5.615  -6.807  6.646   1.00 9.16  ? 44  TYR A CG  1 
ATOM   310  C CD1 . TYR A 1 44  ? -5.034  -7.849  7.347   1.00 10.72 ? 44  TYR A CD1 1 
ATOM   311  C CD2 . TYR A 1 44  ? -5.062  -5.533  6.786   1.00 9.53  ? 44  TYR A CD2 1 
ATOM   312  C CE1 . TYR A 1 44  ? -3.927  -7.646  8.151   1.00 9.02  ? 44  TYR A CE1 1 
ATOM   313  C CE2 . TYR A 1 44  ? -3.941  -5.324  7.589   1.00 7.32  ? 44  TYR A CE2 1 
ATOM   314  C CZ  . TYR A 1 44  ? -3.390  -6.391  8.275   1.00 8.87  ? 44  TYR A CZ  1 
ATOM   315  O OH  . TYR A 1 44  ? -2.289  -6.223  9.094   1.00 16.08 ? 44  TYR A OH  1 
ATOM   316  N N   . THR A 1 45  ? -7.982  -9.437  3.976   1.00 6.37  ? 45  THR A N   1 
ATOM   317  C CA  . THR A 1 45  ? -9.176  -10.153 3.523   1.00 9.74  ? 45  THR A CA  1 
ATOM   318  C C   . THR A 1 45  ? -10.306 -10.158 4.550   1.00 12.73 ? 45  THR A C   1 
ATOM   319  O O   . THR A 1 45  ? -11.416 -10.604 4.229   1.00 11.31 ? 45  THR A O   1 
ATOM   320  C CB  . THR A 1 45  ? -8.848  -11.607 3.164   1.00 8.22  ? 45  THR A CB  1 
ATOM   321  O OG1 . THR A 1 45  ? -8.276  -12.252 4.301   1.00 7.28  ? 45  THR A OG1 1 
ATOM   322  C CG2 . THR A 1 45  ? -7.873  -11.692 1.949   1.00 5.68  ? 45  THR A CG2 1 
ATOM   323  N N   . GLU A 1 46  ? -10.046 -9.703  5.773   1.00 6.61  ? 46  GLU A N   1 
ATOM   324  C CA  . GLU A 1 46  ? -11.075 -9.505  6.784   1.00 9.26  ? 46  GLU A CA  1 
ATOM   325  C C   . GLU A 1 46  ? -10.726 -8.246  7.559   1.00 11.13 ? 46  GLU A C   1 
ATOM   326  O O   . GLU A 1 46  ? -9.597  -7.745  7.500   1.00 9.94  ? 46  GLU A O   1 
ATOM   327  C CB  . GLU A 1 46  ? -11.192 -10.694 7.755   1.00 9.10  ? 46  GLU A CB  1 
ATOM   328  C CG  . GLU A 1 46  ? -11.620 -12.013 7.119   1.00 13.61 ? 46  GLU A CG  1 
ATOM   329  C CD  . GLU A 1 46  ? -13.006 -11.950 6.483   1.00 18.80 ? 46  GLU A CD  1 
ATOM   330  O OE1 . GLU A 1 46  ? -13.841 -11.126 6.925   1.00 26.53 ? 46  GLU A OE1 1 
ATOM   331  O OE2 . GLU A 1 46  ? -13.261 -12.725 5.530   1.00 34.40 ? 46  GLU A OE2 1 
ATOM   332  N N   . MET A 1 47  ? -11.699 -7.737  8.308   1.00 7.92  ? 47  MET A N   1 
ATOM   333  C CA  . MET A 1 47  ? -11.458 -6.569  9.148   1.00 11.80 ? 47  MET A CA  1 
ATOM   334  C C   . MET A 1 47  ? -10.825 -7.010  10.467  1.00 10.27 ? 47  MET A C   1 
ATOM   335  O O   . MET A 1 47  ? -11.330 -6.769  11.560  1.00 8.41  ? 47  MET A O   1 
ATOM   336  C CB  . MET A 1 47  ? -12.757 -5.803  9.347   1.00 18.35 ? 47  MET A CB  1 
ATOM   337  C CG  . MET A 1 47  ? -13.422 -5.486  8.031   1.00 13.90 ? 47  MET A CG  1 
ATOM   338  S SD  . MET A 1 47  ? -13.768 -3.746  7.861   1.00 25.70 ? 47  MET A SD  1 
ATOM   339  C CE  . MET A 1 47  ? -14.808 -3.462  9.290   1.00 7.62  ? 47  MET A CE  1 
ATOM   340  N N   . ASN A 1 48  ? -9.674  -7.665  10.314  1.00 11.16 ? 48  ASN A N   1 
ATOM   341  C CA  . ASN A 1 48  ? -8.963  -8.342  11.388  1.00 10.33 ? 48  ASN A CA  1 
ATOM   342  C C   . ASN A 1 48  ? -7.512  -8.465  10.949  1.00 8.68  ? 48  ASN A C   1 
ATOM   343  O O   . ASN A 1 48  ? -7.239  -8.981  9.862   1.00 8.79  ? 48  ASN A O   1 
ATOM   344  C CB  . ASN A 1 48  ? -9.573  -9.726  11.658  1.00 10.30 ? 48  ASN A CB  1 
ATOM   345  C CG  . ASN A 1 48  ? -8.927  -10.444 12.829  1.00 17.61 ? 48  ASN A CG  1 
ATOM   346  O OD1 . ASN A 1 48  ? -7.728  -10.750 12.817  1.00 15.24 ? 48  ASN A OD1 1 
ATOM   347  N ND2 . ASN A 1 48  ? -9.728  -10.732 13.850  1.00 15.77 ? 48  ASN A ND2 1 
ATOM   348  N N   . GLU A 1 49  ? -6.594  -7.992  11.788  1.00 11.81 ? 49  GLU A N   1 
ATOM   349  C CA  . GLU A 1 49  ? -5.184  -7.933  11.418  1.00 13.22 ? 49  GLU A CA  1 
ATOM   350  C C   . GLU A 1 49  ? -4.481  -9.293  11.426  1.00 13.43 ? 49  GLU A C   1 
ATOM   351  O O   . GLU A 1 49  ? -3.323  -9.361  11.013  1.00 14.77 ? 49  GLU A O   1 
ATOM   352  C CB  . GLU A 1 49  ? -4.470  -6.945  12.341  1.00 12.89 ? 49  GLU A CB  1 
ATOM   353  C CG  . GLU A 1 49  ? -4.755  -5.486  11.984  1.00 11.45 ? 49  GLU A CG  1 
ATOM   354  C CD  . GLU A 1 49  ? -4.371  -4.521  13.103  1.00 26.39 ? 49  GLU A CD  1 
ATOM   355  O OE1 . GLU A 1 49  ? -4.476  -4.902  14.288  1.00 28.79 ? 49  GLU A OE1 1 
ATOM   356  O OE2 . GLU A 1 49  ? -3.945  -3.387  12.805  1.00 23.57 ? 49  GLU A OE2 1 
ATOM   357  N N   . ASP A 1 50  ? -5.125  -10.368 11.875  1.00 9.94  ? 50  ASP A N   1 
ATOM   358  C CA  . ASP A 1 50  ? -4.586  -11.713 11.688  1.00 14.18 ? 50  ASP A CA  1 
ATOM   359  C C   . ASP A 1 50  ? -5.046  -12.366 10.382  1.00 12.08 ? 50  ASP A C   1 
ATOM   360  O O   . ASP A 1 50  ? -4.596  -13.472 10.073  1.00 10.48 ? 50  ASP A O   1 
ATOM   361  C CB  . ASP A 1 50  ? -4.972  -12.625 12.862  1.00 12.76 ? 50  ASP A CB  1 
ATOM   362  C CG  . ASP A 1 50  ? -4.447  -12.117 14.202  1.00 18.87 ? 50  ASP A CG  1 
ATOM   363  O OD1 . ASP A 1 50  ? -3.239  -11.818 14.294  1.00 16.05 ? 50  ASP A OD1 1 
ATOM   364  O OD2 . ASP A 1 50  ? -5.249  -12.012 15.164  1.00 26.46 ? 50  ASP A OD2 1 
ATOM   365  N N   . SER A 1 51  ? -5.930  -11.726 9.618   1.00 7.02  ? 51  SER A N   1 
ATOM   366  C CA  . SER A 1 51  ? -6.424  -12.307 8.373   1.00 7.62  ? 51  SER A CA  1 
ATOM   367  C C   . SER A 1 51  ? -5.353  -12.193 7.284   1.00 9.46  ? 51  SER A C   1 
ATOM   368  O O   . SER A 1 51  ? -4.248  -11.698 7.527   1.00 8.27  ? 51  SER A O   1 
ATOM   369  C CB  . SER A 1 51  ? -7.732  -11.642 7.958   1.00 9.65  ? 51  SER A CB  1 
ATOM   370  O OG  . SER A 1 51  ? -7.511  -10.362 7.386   1.00 11.37 ? 51  SER A OG  1 
ATOM   371  N N   . GLU A 1 52  ? -5.658  -12.689 6.077   1.00 10.01 ? 52  GLU A N   1 
ATOM   372  C CA  . GLU A 1 52  ? -4.674  -12.692 4.999   1.00 8.35  ? 52  GLU A CA  1 
ATOM   373  C C   . GLU A 1 52  ? -4.410  -11.275 4.511   1.00 7.19  ? 52  GLU A C   1 
ATOM   374  O O   . GLU A 1 52  ? -5.300  -10.422 4.484   1.00 11.10 ? 52  GLU A O   1 
ATOM   375  C CB  . GLU A 1 52  ? -5.138  -13.532 3.799   1.00 11.67 ? 52  GLU A CB  1 
ATOM   376  C CG  . GLU A 1 52  ? -5.867  -14.816 4.114   1.00 18.79 ? 52  GLU A CG  1 
ATOM   377  C CD  . GLU A 1 52  ? -4.949  -15.867 4.699   1.00 21.02 ? 52  GLU A CD  1 
ATOM   378  O OE1 . GLU A 1 52  ? -4.362  -16.640 3.905   1.00 18.86 ? 52  GLU A OE1 1 
ATOM   379  O OE2 . GLU A 1 52  ? -4.823  -15.915 5.947   1.00 18.97 ? 52  GLU A OE2 1 
ATOM   380  N N   . ILE A 1 53  ? -3.188  -11.042 4.068   1.00 5.35  ? 53  ILE A N   1 
ATOM   381  C CA  . ILE A 1 53  ? -2.827  -9.789  3.430   1.00 5.86  ? 53  ILE A CA  1 
ATOM   382  C C   . ILE A 1 53  ? -2.666  -10.082 1.945   1.00 4.78  ? 53  ILE A C   1 
ATOM   383  O O   . ILE A 1 53  ? -1.663  -10.660 1.522   1.00 6.17  ? 53  ILE A O   1 
ATOM   384  C CB  . ILE A 1 53  ? -1.562  -9.186  4.039   1.00 7.36  ? 53  ILE A CB  1 
ATOM   385  C CG1 . ILE A 1 53  ? -1.791  -8.980  5.545   1.00 6.22  ? 53  ILE A CG1 1 
ATOM   386  C CG2 . ILE A 1 53  ? -1.214  -7.885  3.336   1.00 4.68  ? 53  ILE A CG2 1 
ATOM   387  C CD1 . ILE A 1 53  ? -0.567  -8.492  6.311   1.00 7.87  ? 53  ILE A CD1 1 
ATOM   388  N N   . ALA A 1 54  ? -3.680  -9.721  1.154   1.00 6.07  ? 54  ALA A N   1 
ATOM   389  C CA  . ALA A 1 54  ? -3.596  -9.894  -0.296  1.00 4.45  ? 54  ALA A CA  1 
ATOM   390  C C   . ALA A 1 54  ? -2.469  -9.071  -0.902  1.00 5.71  ? 54  ALA A C   1 
ATOM   391  O O   . ALA A 1 54  ? -1.876  -9.475  -1.903  1.00 5.47  ? 54  ALA A O   1 
ATOM   392  C CB  . ALA A 1 54  ? -4.917  -9.506  -0.962  1.00 3.99  ? 54  ALA A CB  1 
ATOM   393  N N   . PHE A 1 55  ? -2.185  -7.900  -0.348  1.00 4.93  ? 55  PHE A N   1 
ATOM   394  C CA  . PHE A 1 55  ? -1.202  -7.025  -0.967  1.00 4.19  ? 55  PHE A CA  1 
ATOM   395  C C   . PHE A 1 55  ? -0.568  -6.186  0.117   1.00 5.42  ? 55  PHE A C   1 
ATOM   396  O O   . PHE A 1 55  ? -1.266  -5.569  0.926   1.00 4.15  ? 55  PHE A O   1 
ATOM   397  C CB  . PHE A 1 55  ? -1.832  -6.123  -2.032  1.00 5.59  ? 55  PHE A CB  1 
ATOM   398  C CG  . PHE A 1 55  ? -0.881  -5.128  -2.642  1.00 4.87  ? 55  PHE A CG  1 
ATOM   399  C CD1 . PHE A 1 55  ? 0.126   -5.539  -3.502  1.00 9.54  ? 55  PHE A CD1 1 
ATOM   400  C CD2 . PHE A 1 55  ? -1.013  -3.770  -2.380  1.00 5.80  ? 55  PHE A CD2 1 
ATOM   401  C CE1 . PHE A 1 55  ? 1.002   -4.608  -4.075  1.00 9.43  ? 55  PHE A CE1 1 
ATOM   402  C CE2 . PHE A 1 55  ? -0.136  -2.838  -2.945  1.00 8.90  ? 55  PHE A CE2 1 
ATOM   403  C CZ  . PHE A 1 55  ? 0.876   -3.264  -3.796  1.00 5.21  ? 55  PHE A CZ  1 
ATOM   404  N N   . HIS A 1 56  ? 0.752   -6.178  0.126   1.00 6.14  ? 56  HIS A N   1 
ATOM   405  C CA  . HIS A 1 56  ? 1.530   -5.445  1.105   1.00 4.89  ? 56  HIS A CA  1 
ATOM   406  C C   . HIS A 1 56  ? 2.522   -4.600  0.331   1.00 6.76  ? 56  HIS A C   1 
ATOM   407  O O   . HIS A 1 56  ? 3.167   -5.103  -0.600  1.00 3.73  ? 56  HIS A O   1 
ATOM   408  C CB  . HIS A 1 56  ? 2.229   -6.420  2.058   1.00 4.30  ? 56  HIS A CB  1 
ATOM   409  C CG  . HIS A 1 56  ? 3.406   -5.838  2.769   1.00 5.43  ? 56  HIS A CG  1 
ATOM   410  N ND1 . HIS A 1 56  ? 3.296   -5.188  3.978   1.00 8.53  ? 56  HIS A ND1 1 
ATOM   411  C CD2 . HIS A 1 56  ? 4.724   -5.823  2.454   1.00 6.46  ? 56  HIS A CD2 1 
ATOM   412  C CE1 . HIS A 1 56  ? 4.490   -4.782  4.373   1.00 6.29  ? 56  HIS A CE1 1 
ATOM   413  N NE2 . HIS A 1 56  ? 5.378   -5.166  3.472   1.00 8.29  ? 56  HIS A NE2 1 
ATOM   414  N N   . LEU A 1 57  ? 2.596   -3.313  0.668   1.00 5.55  ? 57  LEU A N   1 
ATOM   415  C CA  . LEU A 1 57  ? 3.604   -2.416  0.116   1.00 6.77  ? 57  LEU A CA  1 
ATOM   416  C C   . LEU A 1 57  ? 4.222   -1.632  1.265   1.00 6.83  ? 57  LEU A C   1 
ATOM   417  O O   . LEU A 1 57  ? 3.503   -1.150  2.147   1.00 6.11  ? 57  LEU A O   1 
ATOM   418  C CB  . LEU A 1 57  ? 3.002   -1.450  -0.934  1.00 6.14  ? 57  LEU A CB  1 
ATOM   419  C CG  . LEU A 1 57  ? 3.996   -0.498  -1.609  1.00 9.40  ? 57  LEU A CG  1 
ATOM   420  C CD1 . LEU A 1 57  ? 3.580   -0.205  -3.052  1.00 4.02  ? 57  LEU A CD1 1 
ATOM   421  C CD2 . LEU A 1 57  ? 4.189   0.814   -0.805  1.00 3.60  ? 57  LEU A CD2 1 
ATOM   422  N N   . ARG A 1 58  ? 5.552   -1.510  1.256   1.00 5.30  ? 58  ARG A N   1 
ATOM   423  C CA  . ARG A 1 58  ? 6.245   -0.716  2.262   1.00 5.47  ? 58  ARG A CA  1 
ATOM   424  C C   . ARG A 1 58  ? 7.450   -0.042  1.625   1.00 7.43  ? 58  ARG A C   1 
ATOM   425  O O   . ARG A 1 58  ? 7.971   -0.486  0.595   1.00 8.84  ? 58  ARG A O   1 
ATOM   426  C CB  . ARG A 1 58  ? 6.654   -1.548  3.491   1.00 6.43  ? 58  ARG A CB  1 
ATOM   427  C CG  . ARG A 1 58  ? 7.918   -2.356  3.359   1.00 9.49  ? 58  ARG A CG  1 
ATOM   428  C CD  . ARG A 1 58  ? 7.982   -3.401  4.476   1.00 7.59  ? 58  ARG A CD  1 
ATOM   429  N NE  . ARG A 1 58  ? 9.238   -4.143  4.454   1.00 8.68  ? 58  ARG A NE  1 
ATOM   430  C CZ  . ARG A 1 58  ? 9.414   -5.332  3.888   1.00 9.37  ? 58  ARG A CZ  1 
ATOM   431  N NH1 . ARG A 1 58  ? 8.416   -5.953  3.282   1.00 6.51  ? 58  ARG A NH1 1 
ATOM   432  N NH2 . ARG A 1 58  ? 10.610  -5.907  3.931   1.00 14.38 ? 58  ARG A NH2 1 
ATOM   433  N N   . VAL A 1 59  ? 7.890   1.037   2.265   1.00 5.43  ? 59  VAL A N   1 
ATOM   434  C CA  . VAL A 1 59  ? 8.851   1.965   1.693   1.00 6.52  ? 59  VAL A CA  1 
ATOM   435  C C   . VAL A 1 59  ? 9.953   2.182   2.706   1.00 7.79  ? 59  VAL A C   1 
ATOM   436  O O   . VAL A 1 59  ? 9.691   2.673   3.811   1.00 8.19  ? 59  VAL A O   1 
ATOM   437  C CB  . VAL A 1 59  ? 8.207   3.310   1.327   1.00 9.53  ? 59  VAL A CB  1 
ATOM   438  C CG1 . VAL A 1 59  ? 9.285   4.331   0.982   1.00 9.17  ? 59  VAL A CG1 1 
ATOM   439  C CG2 . VAL A 1 59  ? 7.187   3.139   0.200   1.00 5.59  ? 59  VAL A CG2 1 
ATOM   440  N N   . HIS A 1 60  ? 11.178  1.809   2.334   1.00 8.38  ? 60  HIS A N   1 
ATOM   441  C CA  . HIS A 1 60  ? 12.391  2.161   3.059   1.00 11.51 ? 60  HIS A CA  1 
ATOM   442  C C   . HIS A 1 60  ? 13.087  3.225   2.215   1.00 11.88 ? 60  HIS A C   1 
ATOM   443  O O   . HIS A 1 60  ? 13.708  2.907   1.196   1.00 8.78  ? 60  HIS A O   1 
ATOM   444  C CB  . HIS A 1 60  ? 13.272  0.935   3.280   1.00 13.55 ? 60  HIS A CB  1 
ATOM   445  C CG  . HIS A 1 60  ? 12.622  -0.131  4.112   1.00 10.72 ? 60  HIS A CG  1 
ATOM   446  N ND1 . HIS A 1 60  ? 12.618  -0.099  5.489   1.00 11.78 ? 60  HIS A ND1 1 
ATOM   447  C CD2 . HIS A 1 60  ? 11.955  -1.254  3.756   1.00 12.65 ? 60  HIS A CD2 1 
ATOM   448  C CE1 . HIS A 1 60  ? 11.968  -1.155  5.948   1.00 11.70 ? 60  HIS A CE1 1 
ATOM   449  N NE2 . HIS A 1 60  ? 11.563  -1.873  4.919   1.00 12.88 ? 60  HIS A NE2 1 
ATOM   450  N N   . LEU A 1 61  ? 12.962  4.488   2.636   1.00 9.57  ? 61  LEU A N   1 
ATOM   451  C CA  . LEU A 1 61  ? 13.513  5.600   1.874   1.00 13.76 ? 61  LEU A CA  1 
ATOM   452  C C   . LEU A 1 61  ? 14.992  5.365   1.578   1.00 12.76 ? 61  LEU A C   1 
ATOM   453  O O   . LEU A 1 61  ? 15.752  4.938   2.448   1.00 12.61 ? 61  LEU A O   1 
ATOM   454  C CB  . LEU A 1 61  ? 13.330  6.908   2.647   1.00 16.49 ? 61  LEU A CB  1 
ATOM   455  C CG  . LEU A 1 61  ? 11.917  7.492   2.758   1.00 12.40 ? 61  LEU A CG  1 
ATOM   456  C CD1 . LEU A 1 61  ? 11.911  8.650   3.744   1.00 13.22 ? 61  LEU A CD1 1 
ATOM   457  C CD2 . LEU A 1 61  ? 11.420  7.958   1.406   1.00 17.11 ? 61  LEU A CD2 1 
ATOM   458  N N   . GLY A 1 62  ? 15.381  5.616   0.330   1.00 16.34 ? 62  GLY A N   1 
ATOM   459  C CA  . GLY A 1 62  ? 16.753  5.457   -0.116  1.00 15.10 ? 62  GLY A CA  1 
ATOM   460  C C   . GLY A 1 62  ? 17.212  4.033   -0.323  1.00 17.54 ? 62  GLY A C   1 
ATOM   461  O O   . GLY A 1 62  ? 18.375  3.823   -0.694  1.00 18.67 ? 62  GLY A O   1 
ATOM   462  N N   . ARG A 1 63  ? 16.342  3.046   -0.083  1.00 14.50 ? 63  ARG A N   1 
ATOM   463  C CA  . ARG A 1 63  ? 16.716  1.638   -0.146  1.00 12.11 ? 63  ARG A CA  1 
ATOM   464  C C   . ARG A 1 63  ? 15.811  0.894   -1.135  1.00 17.90 ? 63  ARG A C   1 
ATOM   465  O O   . ARG A 1 63  ? 16.279  0.508   -2.210  1.00 10.63 ? 63  ARG A O   1 
ATOM   466  C CB  . ARG A 1 63  ? 16.650  1.010   1.252   1.00 17.16 ? 63  ARG A CB  1 
ATOM   467  C CG  . ARG A 1 63  ? 17.929  1.124   2.130   1.00 17.72 ? 63  ARG A CG  1 
ATOM   468  C CD  . ARG A 1 63  ? 18.452  2.552   2.269   1.00 26.67 ? 63  ARG A CD  1 
ATOM   469  N NE  . ARG A 1 63  ? 18.755  2.944   3.650   1.00 35.66 ? 63  ARG A NE  1 
ATOM   470  C CZ  . ARG A 1 63  ? 19.350  4.088   3.988   1.00 31.74 ? 63  ARG A CZ  1 
ATOM   471  N NH1 . ARG A 1 63  ? 19.711  4.957   3.049   1.00 30.16 ? 63  ARG A NH1 1 
ATOM   472  N NH2 . ARG A 1 63  ? 19.582  4.370   5.264   1.00 37.69 ? 63  ARG A NH2 1 
ATOM   473  N N   . ARG A 1 64  ? 14.538  0.704   -0.813  1.00 11.65 ? 64  ARG A N   1 
ATOM   474  C CA  . ARG A 1 64  ? 13.685  -0.105  -1.675  1.00 14.70 ? 64  ARG A CA  1 
ATOM   475  C C   . ARG A 1 64  ? 12.221  0.174   -1.367  1.00 13.19 ? 64  ARG A C   1 
ATOM   476  O O   . ARG A 1 64  ? 11.870  0.691   -0.304  1.00 9.77  ? 64  ARG A O   1 
ATOM   477  C CB  . ARG A 1 64  ? 13.983  -1.600  -1.506  1.00 17.95 ? 64  ARG A CB  1 
ATOM   478  C CG  . ARG A 1 64  ? 14.132  -2.047  -0.044  1.00 18.40 ? 64  ARG A CG  1 
ATOM   479  C CD  . ARG A 1 64  ? 14.263  -3.564  0.062   1.00 17.83 ? 64  ARG A CD  1 
ATOM   480  N NE  . ARG A 1 64  ? 14.259  -4.021  1.452   1.00 24.44 ? 64  ARG A NE  1 
ATOM   481  C CZ  . ARG A 1 64  ? 13.897  -5.243  1.842   1.00 26.37 ? 64  ARG A CZ  1 
ATOM   482  N NH1 . ARG A 1 64  ? 13.505  -6.143  0.944   1.00 11.91 ? 64  ARG A NH1 1 
ATOM   483  N NH2 . ARG A 1 64  ? 13.919  -5.562  3.136   1.00 21.25 ? 64  ARG A NH2 1 
ATOM   484  N N   . VAL A 1 65  ? 11.381  -0.141  -2.344  1.00 13.87 ? 65  VAL A N   1 
ATOM   485  C CA  . VAL A 1 65  ? 9.961   -0.385  -2.134  1.00 10.49 ? 65  VAL A CA  1 
ATOM   486  C C   . VAL A 1 65  ? 9.783   -1.892  -2.202  1.00 9.79  ? 65  VAL A C   1 
ATOM   487  O O   . VAL A 1 65  ? 10.294  -2.541  -3.127  1.00 7.92  ? 65  VAL A O   1 
ATOM   488  C CB  . VAL A 1 65  ? 9.090   0.331   -3.181  1.00 9.60  ? 65  VAL A CB  1 
ATOM   489  C CG1 . VAL A 1 65  ? 7.612   -0.033  -3.002  1.00 9.64  ? 65  VAL A CG1 1 
ATOM   490  C CG2 . VAL A 1 65  ? 9.270   1.860   -3.097  1.00 12.45 ? 65  VAL A CG2 1 
ATOM   491  N N   . VAL A 1 66  ? 9.116   -2.454  -1.202  1.00 6.98  ? 66  VAL A N   1 
ATOM   492  C CA  . VAL A 1 66  ? 8.917   -3.895  -1.085  1.00 7.05  ? 66  VAL A CA  1 
ATOM   493  C C   . VAL A 1 66  ? 7.428   -4.183  -1.159  1.00 8.87  ? 66  VAL A C   1 
ATOM   494  O O   . VAL A 1 66  ? 6.634   -3.540  -0.463  1.00 5.89  ? 66  VAL A O   1 
ATOM   495  C CB  . VAL A 1 66  ? 9.486   -4.449  0.233   1.00 8.36  ? 66  VAL A CB  1 
ATOM   496  C CG1 . VAL A 1 66  ? 9.752   -5.955  0.099   1.00 12.27 ? 66  VAL A CG1 1 
ATOM   497  C CG2 . VAL A 1 66  ? 10.733  -3.679  0.656   1.00 10.16 ? 66  VAL A CG2 1 
ATOM   498  N N   . MET A 1 67  ? 7.052   -5.159  -1.982  1.00 7.35  ? 67  MET A N   1 
ATOM   499  C CA  . MET A 1 67  ? 5.696   -5.678  -2.014  1.00 5.87  ? 67  MET A CA  1 
ATOM   500  C C   . MET A 1 67  ? 5.697   -7.162  -1.672  1.00 5.67  ? 67  MET A C   1 
ATOM   501  O O   . MET A 1 67  ? 6.655   -7.882  -1.970  1.00 5.88  ? 67  MET A O   1 
ATOM   502  C CB  . MET A 1 67  ? 5.052   -5.447  -3.381  1.00 8.14  ? 67  MET A CB  1 
ATOM   503  C CG  . MET A 1 67  ? 4.645   -3.993  -3.584  1.00 10.99 ? 67  MET A CG  1 
ATOM   504  S SD  . MET A 1 67  ? 4.783   -3.470  -5.291  1.00 11.90 ? 67  MET A SD  1 
ATOM   505  C CE  . MET A 1 67  ? 6.575   -3.513  -5.470  1.00 13.68 ? 67  MET A CE  1 
ATOM   506  N N   . ASN A 1 68  ? 4.628   -7.616  -1.027  1.00 4.08  ? 68  ASN A N   1 
ATOM   507  C CA  . ASN A 1 68  ? 4.528   -9.019  -0.638  1.00 4.94  ? 68  ASN A CA  1 
ATOM   508  C C   . ASN A 1 68  ? 3.068   -9.363  -0.351  1.00 9.00  ? 68  ASN A C   1 
ATOM   509  O O   . ASN A 1 68  ? 2.162   -8.554  -0.568  1.00 3.60  ? 68  ASN A O   1 
ATOM   510  C CB  . ASN A 1 68  ? 5.415   -9.299  0.575   1.00 5.99  ? 68  ASN A CB  1 
ATOM   511  C CG  . ASN A 1 68  ? 5.806   -10.768 0.690   1.00 8.44  ? 68  ASN A CG  1 
ATOM   512  O OD1 . ASN A 1 68  ? 5.354   -11.618 -0.091  1.00 7.44  ? 68  ASN A OD1 1 
ATOM   513  N ND2 . ASN A 1 68  ? 6.631   -11.073 1.679   1.00 5.75  ? 68  ASN A ND2 1 
ATOM   514  N N   . SER A 1 69  ? 2.843   -10.592 0.119   1.00 5.72  ? 69  SER A N   1 
ATOM   515  C CA  . SER A 1 69  ? 1.556   -11.023 0.635   1.00 5.90  ? 69  SER A CA  1 
ATOM   516  C C   . SER A 1 69  ? 1.823   -11.867 1.870   1.00 8.40  ? 69  SER A C   1 
ATOM   517  O O   . SER A 1 69  ? 2.928   -12.369 2.069   1.00 6.65  ? 69  SER A O   1 
ATOM   518  C CB  . SER A 1 69  ? 0.779   -11.833 -0.393  1.00 5.16  ? 69  SER A CB  1 
ATOM   519  O OG  . SER A 1 69  ? 1.511   -12.999 -0.725  1.00 9.70  ? 69  SER A OG  1 
ATOM   520  N N   . ARG A 1 70  ? 0.810   -11.996 2.718   1.00 5.31  ? 70  ARG A N   1 
ATOM   521  C CA  . ARG A 1 70  ? 0.896   -12.840 3.906   1.00 8.26  ? 70  ARG A CA  1 
ATOM   522  C C   . ARG A 1 70  ? -0.285  -13.792 3.845   1.00 8.64  ? 70  ARG A C   1 
ATOM   523  O O   . ARG A 1 70  ? -1.434  -13.386 4.056   1.00 10.88 ? 70  ARG A O   1 
ATOM   524  C CB  . ARG A 1 70  ? 0.899   -12.027 5.202   1.00 7.77  ? 70  ARG A CB  1 
ATOM   525  C CG  . ARG A 1 70  ? 1.332   -12.841 6.415   1.00 8.80  ? 70  ARG A CG  1 
ATOM   526  C CD  . ARG A 1 70  ? 1.118   -12.077 7.714   1.00 10.65 ? 70  ARG A CD  1 
ATOM   527  N NE  . ARG A 1 70  ? -0.303  -11.900 8.012   1.00 9.74  ? 70  ARG A NE  1 
ATOM   528  C CZ  . ARG A 1 70  ? -0.757  -11.137 9.002   1.00 10.33 ? 70  ARG A CZ  1 
ATOM   529  N NH1 . ARG A 1 70  ? 0.101   -10.481 9.779   1.00 7.55  ? 70  ARG A NH1 1 
ATOM   530  N NH2 . ARG A 1 70  ? -2.064  -11.010 9.203   1.00 6.92  ? 70  ARG A NH2 1 
ATOM   531  N N   . GLU A 1 71  ? -0.007  -15.036 3.501   1.00 6.77  ? 71  GLU A N   1 
ATOM   532  C CA  . GLU A 1 71  ? -1.027  -16.039 3.263   1.00 10.47 ? 71  GLU A CA  1 
ATOM   533  C C   . GLU A 1 71  ? -0.813  -17.174 4.244   1.00 10.44 ? 71  GLU A C   1 
ATOM   534  O O   . GLU A 1 71  ? 0.286   -17.738 4.308   1.00 4.84  ? 71  GLU A O   1 
ATOM   535  C CB  . GLU A 1 71  ? -0.972  -16.551 1.832   1.00 5.92  ? 71  GLU A CB  1 
ATOM   536  C CG  . GLU A 1 71  ? -0.695  -15.463 0.827   1.00 11.35 ? 71  GLU A CG  1 
ATOM   537  C CD  . GLU A 1 71  ? -0.384  -16.011 -0.549  1.00 15.31 ? 71  GLU A CD  1 
ATOM   538  O OE1 . GLU A 1 71  ? -0.876  -17.119 -0.883  1.00 14.37 ? 71  GLU A OE1 1 
ATOM   539  O OE2 . GLU A 1 71  ? 0.350   -15.330 -1.299  1.00 12.04 ? 71  GLU A OE2 1 
ATOM   540  N N   . PHE A 1 72  ? -1.865  -17.489 5.000   1.00 9.20  ? 72  PHE A N   1 
ATOM   541  C CA  . PHE A 1 72  ? -1.801  -18.466 6.081   1.00 12.18 ? 72  PHE A CA  1 
ATOM   542  C C   . PHE A 1 72  ? -0.701  -18.095 7.067   1.00 8.21  ? 72  PHE A C   1 
ATOM   543  O O   . PHE A 1 72  ? 0.046   -18.946 7.552   1.00 14.56 ? 72  PHE A O   1 
ATOM   544  C CB  . PHE A 1 72  ? -1.622  -19.884 5.538   1.00 10.94 ? 72  PHE A CB  1 
ATOM   545  C CG  . PHE A 1 72  ? -2.773  -20.356 4.690   1.00 15.72 ? 72  PHE A CG  1 
ATOM   546  C CD1 . PHE A 1 72  ? -2.850  -20.015 3.351   1.00 16.85 ? 72  PHE A CD1 1 
ATOM   547  C CD2 . PHE A 1 72  ? -3.770  -21.151 5.225   1.00 19.97 ? 72  PHE A CD2 1 
ATOM   548  C CE1 . PHE A 1 72  ? -3.913  -20.449 2.565   1.00 21.68 ? 72  PHE A CE1 1 
ATOM   549  C CE2 . PHE A 1 72  ? -4.829  -21.593 4.444   1.00 20.01 ? 72  PHE A CE2 1 
ATOM   550  C CZ  . PHE A 1 72  ? -4.899  -21.244 3.111   1.00 18.11 ? 72  PHE A CZ  1 
ATOM   551  N N   . GLY A 1 73  ? -0.597  -16.802 7.356   1.00 6.30  ? 73  GLY A N   1 
ATOM   552  C CA  . GLY A 1 73  ? 0.351   -16.304 8.325   1.00 11.17 ? 73  GLY A CA  1 
ATOM   553  C C   . GLY A 1 73  ? 1.777   -16.194 7.834   1.00 7.39  ? 73  GLY A C   1 
ATOM   554  O O   . GLY A 1 73  ? 2.632   -15.733 8.588   1.00 11.94 ? 73  GLY A O   1 
ATOM   555  N N   . ILE A 1 74  ? 2.062   -16.587 6.597   1.00 10.52 ? 74  ILE A N   1 
ATOM   556  C CA  . ILE A 1 74  ? 3.420   -16.635 6.070   1.00 9.35  ? 74  ILE A CA  1 
ATOM   557  C C   . ILE A 1 74  ? 3.611   -15.475 5.103   1.00 6.49  ? 74  ILE A C   1 
ATOM   558  O O   . ILE A 1 74  ? 2.810   -15.296 4.182   1.00 6.48  ? 74  ILE A O   1 
ATOM   559  C CB  . ILE A 1 74  ? 3.698   -17.980 5.376   1.00 8.06  ? 74  ILE A CB  1 
ATOM   560  C CG1 . ILE A 1 74  ? 3.639   -19.114 6.406   1.00 9.09  ? 74  ILE A CG1 1 
ATOM   561  C CG2 . ILE A 1 74  ? 5.060   -17.975 4.714   1.00 4.57  ? 74  ILE A CG2 1 
ATOM   562  C CD1 . ILE A 1 74  ? 4.435   -18.793 7.672   1.00 6.34  ? 74  ILE A CD1 1 
ATOM   563  N N   . TRP A 1 75  ? 4.680   -14.704 5.304   1.00 6.22  ? 75  TRP A N   1 
ATOM   564  C CA  . TRP A 1 75  ? 5.082   -13.695 4.332   1.00 8.86  ? 75  TRP A CA  1 
ATOM   565  C C   . TRP A 1 75  ? 5.689   -14.384 3.115   1.00 10.29 ? 75  TRP A C   1 
ATOM   566  O O   . TRP A 1 75  ? 6.652   -15.146 3.244   1.00 11.08 ? 75  TRP A O   1 
ATOM   567  C CB  . TRP A 1 75  ? 6.073   -12.721 4.970   1.00 6.87  ? 75  TRP A CB  1 
ATOM   568  C CG  . TRP A 1 75  ? 5.384   -11.761 5.871   1.00 6.43  ? 75  TRP A CG  1 
ATOM   569  C CD1 . TRP A 1 75  ? 5.421   -11.733 7.246   1.00 10.82 ? 75  TRP A CD1 1 
ATOM   570  C CD2 . TRP A 1 75  ? 4.506   -10.698 5.476   1.00 8.11  ? 75  TRP A CD2 1 
ATOM   571  N NE1 . TRP A 1 75  ? 4.628   -10.711 7.722   1.00 9.56  ? 75  TRP A NE1 1 
ATOM   572  C CE2 . TRP A 1 75  ? 4.058   -10.058 6.659   1.00 9.53  ? 75  TRP A CE2 1 
ATOM   573  C CE3 . TRP A 1 75  ? 4.059   -10.221 4.240   1.00 5.02  ? 75  TRP A CE3 1 
ATOM   574  C CZ2 . TRP A 1 75  ? 3.198   -8.961  6.635   1.00 10.60 ? 75  TRP A CZ2 1 
ATOM   575  C CZ3 . TRP A 1 75  ? 3.196   -9.136  4.215   1.00 7.25  ? 75  TRP A CZ3 1 
ATOM   576  C CH2 . TRP A 1 75  ? 2.772   -8.520  5.403   1.00 10.50 ? 75  TRP A CH2 1 
ATOM   577  N N   . MET A 1 76  ? 5.124   -14.135 1.926   1.00 8.22  ? 76  MET A N   1 
ATOM   578  C CA  . MET A 1 76  ? 5.514   -14.932 0.764   1.00 10.31 ? 76  MET A CA  1 
ATOM   579  C C   . MET A 1 76  ? 6.715   -14.322 0.040   1.00 7.66  ? 76  MET A C   1 
ATOM   580  O O   . MET A 1 76  ? 7.617   -13.779 0.677   1.00 7.28  ? 76  MET A O   1 
ATOM   581  C CB  . MET A 1 76  ? 4.322   -15.103 -0.186  1.00 7.16  ? 76  MET A CB  1 
ATOM   582  C CG  . MET A 1 76  ? 3.107   -15.843 0.423   1.00 6.52  ? 76  MET A CG  1 
ATOM   583  S SD  . MET A 1 76  ? 3.443   -17.527 1.043   1.00 13.89 ? 76  MET A SD  1 
ATOM   584  C CE  . MET A 1 76  ? 3.072   -18.443 -0.450  1.00 16.36 ? 76  MET A CE  1 
ATOM   585  N N   . LEU A 1 77  ? 6.725   -14.390 -1.286  1.00 7.26  ? 77  LEU A N   1 
ATOM   586  C CA  . LEU A 1 77  ? 7.866   -13.928 -2.067  1.00 7.64  ? 77  LEU A CA  1 
ATOM   587  C C   . LEU A 1 77  ? 7.912   -12.398 -2.083  1.00 9.95  ? 77  LEU A C   1 
ATOM   588  O O   . LEU A 1 77  ? 6.968   -11.739 -2.526  1.00 11.53 ? 77  LEU A O   1 
ATOM   589  C CB  . LEU A 1 77  ? 7.766   -14.511 -3.476  1.00 9.35  ? 77  LEU A CB  1 
ATOM   590  C CG  . LEU A 1 77  ? 8.825   -14.313 -4.567  1.00 20.47 ? 77  LEU A CG  1 
ATOM   591  C CD1 . LEU A 1 77  ? 8.581   -13.073 -5.413  1.00 19.95 ? 77  LEU A CD1 1 
ATOM   592  C CD2 . LEU A 1 77  ? 10.233  -14.276 -3.946  1.00 23.65 ? 77  LEU A CD2 1 
ATOM   593  N N   . GLU A 1 78  ? 8.994   -11.828 -1.577  1.00 9.71  ? 78  GLU A N   1 
ATOM   594  C CA  . GLU A 1 78  ? 9.160   -10.381 -1.609  1.00 16.54 ? 78  GLU A CA  1 
ATOM   595  C C   . GLU A 1 78  ? 9.540   -9.952  -3.018  1.00 10.99 ? 78  GLU A C   1 
ATOM   596  O O   . GLU A 1 78  ? 10.443  -10.532 -3.625  1.00 10.53 ? 78  GLU A O   1 
ATOM   597  C CB  . GLU A 1 78  ? 10.242  -9.929  -0.631  1.00 9.96  ? 78  GLU A CB  1 
ATOM   598  C CG  . GLU A 1 78  ? 9.786   -9.613  0.756   1.00 16.35 ? 78  GLU A CG  1 
ATOM   599  C CD  . GLU A 1 78  ? 10.908  -9.023  1.576   1.00 19.53 ? 78  GLU A CD  1 
ATOM   600  O OE1 . GLU A 1 78  ? 11.974  -8.779  0.967   1.00 16.25 ? 78  GLU A OE1 1 
ATOM   601  O OE2 . GLU A 1 78  ? 10.729  -8.804  2.805   1.00 16.55 ? 78  GLU A OE2 1 
ATOM   602  N N   . GLU A 1 79  ? 8.853   -8.937  -3.535  1.00 8.82  ? 79  GLU A N   1 
ATOM   603  C CA  . GLU A 1 79  ? 9.213   -8.289  -4.789  1.00 10.59 ? 79  GLU A CA  1 
ATOM   604  C C   . GLU A 1 79  ? 9.747   -6.894  -4.470  1.00 10.68 ? 79  GLU A C   1 
ATOM   605  O O   . GLU A 1 79  ? 9.053   -6.078  -3.852  1.00 10.02 ? 79  GLU A O   1 
ATOM   606  C CB  . GLU A 1 79  ? 8.018   -8.272  -5.746  1.00 10.10 ? 79  GLU A CB  1 
ATOM   607  C CG  . GLU A 1 79  ? 7.484   -9.703  -5.964  1.00 15.22 ? 79  GLU A CG  1 
ATOM   608  C CD  . GLU A 1 79  ? 6.398   -9.843  -7.023  1.00 16.57 ? 79  GLU A CD  1 
ATOM   609  O OE1 . GLU A 1 79  ? 6.376   -9.071  -8.008  1.00 21.93 ? 79  GLU A OE1 1 
ATOM   610  O OE2 . GLU A 1 79  ? 5.547   -10.739 -6.856  1.00 13.68 ? 79  GLU A OE2 1 
ATOM   611  N N   . ASN A 1 80  ? 10.990  -6.642  -4.863  1.00 5.79  ? 80  ASN A N   1 
ATOM   612  C CA  . ASN A 1 80  ? 11.730  -5.453  -4.467  1.00 6.60  ? 80  ASN A CA  1 
ATOM   613  C C   . ASN A 1 80  ? 11.939  -4.521  -5.653  1.00 10.75 ? 80  ASN A C   1 
ATOM   614  O O   . ASN A 1 80  ? 12.288  -4.966  -6.754  1.00 10.26 ? 80  ASN A O   1 
ATOM   615  C CB  . ASN A 1 80  ? 13.089  -5.826  -3.887  1.00 12.54 ? 80  ASN A CB  1 
ATOM   616  C CG  . ASN A 1 80  ? 12.976  -6.605  -2.605  1.00 15.29 ? 80  ASN A CG  1 
ATOM   617  O OD1 . ASN A 1 80  ? 12.591  -6.063  -1.578  1.00 18.07 ? 80  ASN A OD1 1 
ATOM   618  N ND2 . ASN A 1 80  ? 13.303  -7.893  -2.659  1.00 11.94 ? 80  ASN A ND2 1 
ATOM   619  N N   . LEU A 1 81  ? 11.724  -3.231  -5.417  1.00 5.94  ? 81  LEU A N   1 
ATOM   620  C CA  . LEU A 1 81  ? 12.031  -2.180  -6.374  1.00 8.80  ? 81  LEU A CA  1 
ATOM   621  C C   . LEU A 1 81  ? 13.165  -1.345  -5.813  1.00 11.73 ? 81  LEU A C   1 
ATOM   622  O O   . LEU A 1 81  ? 13.099  -0.923  -4.655  1.00 11.57 ? 81  LEU A O   1 
ATOM   623  C CB  . LEU A 1 81  ? 10.829  -1.268  -6.607  1.00 9.82  ? 81  LEU A CB  1 
ATOM   624  C CG  . LEU A 1 81  ? 9.646   -1.757  -7.411  1.00 13.55 ? 81  LEU A CG  1 
ATOM   625  C CD1 . LEU A 1 81  ? 8.657   -0.599  -7.536  1.00 9.60  ? 81  LEU A CD1 1 
ATOM   626  C CD2 . LEU A 1 81  ? 10.111  -2.237  -8.769  1.00 19.28 ? 81  LEU A CD2 1 
ATOM   627  N N   . HIS A 1 82  ? 14.183  -1.074  -6.626  1.00 8.97  ? 82  HIS A N   1 
ATOM   628  C CA  . HIS A 1 82  ? 15.200  -0.115  -6.212  1.00 9.69  ? 82  HIS A CA  1 
ATOM   629  C C   . HIS A 1 82  ? 14.965  1.267   -6.797  1.00 9.40  ? 82  HIS A C   1 
ATOM   630  O O   . HIS A 1 82  ? 15.798  2.159   -6.614  1.00 12.52 ? 82  HIS A O   1 
ATOM   631  C CB  . HIS A 1 82  ? 16.588  -0.627  -6.550  1.00 7.46  ? 82  HIS A CB  1 
ATOM   632  C CG  . HIS A 1 82  ? 16.954  -1.837  -5.760  1.00 10.89 ? 82  HIS A CG  1 
ATOM   633  N ND1 . HIS A 1 82  ? 17.752  -2.840  -6.255  1.00 9.99  ? 82  HIS A ND1 1 
ATOM   634  C CD2 . HIS A 1 82  ? 16.585  -2.226  -4.516  1.00 14.13 ? 82  HIS A CD2 1 
ATOM   635  C CE1 . HIS A 1 82  ? 17.872  -3.792  -5.347  1.00 12.66 ? 82  HIS A CE1 1 
ATOM   636  N NE2 . HIS A 1 82  ? 17.173  -3.442  -4.282  1.00 13.57 ? 82  HIS A NE2 1 
ATOM   637  N N   . TYR A 1 83  ? 13.840  1.462   -7.469  1.00 10.27 ? 83  TYR A N   1 
ATOM   638  C CA  . TYR A 1 83  ? 13.355  2.780   -7.845  1.00 9.04  ? 83  TYR A CA  1 
ATOM   639  C C   . TYR A 1 83  ? 12.409  3.238   -6.734  1.00 13.03 ? 83  TYR A C   1 
ATOM   640  O O   . TYR A 1 83  ? 11.306  2.698   -6.593  1.00 13.28 ? 83  TYR A O   1 
ATOM   641  C CB  . TYR A 1 83  ? 12.662  2.717   -9.202  1.00 9.75  ? 83  TYR A CB  1 
ATOM   642  C CG  . TYR A 1 83  ? 12.257  4.070   -9.747  1.00 12.05 ? 83  TYR A CG  1 
ATOM   643  C CD1 . TYR A 1 83  ? 13.213  5.017   -10.084 1.00 11.40 ? 83  TYR A CD1 1 
ATOM   644  C CD2 . TYR A 1 83  ? 10.925  4.405   -9.897  1.00 13.94 ? 83  TYR A CD2 1 
ATOM   645  C CE1 . TYR A 1 83  ? 12.851  6.249   -10.563 1.00 14.73 ? 83  TYR A CE1 1 
ATOM   646  C CE2 . TYR A 1 83  ? 10.550  5.641   -10.377 1.00 13.97 ? 83  TYR A CE2 1 
ATOM   647  C CZ  . TYR A 1 83  ? 11.516  6.558   -10.708 1.00 12.79 ? 83  TYR A CZ  1 
ATOM   648  O OH  . TYR A 1 83  ? 11.141  7.785   -11.184 1.00 14.18 ? 83  TYR A OH  1 
ATOM   649  N N   . VAL A 1 84  ? 12.859  4.186   -5.915  1.00 11.00 ? 84  VAL A N   1 
ATOM   650  C CA  . VAL A 1 84  ? 12.085  4.646   -4.764  1.00 12.02 ? 84  VAL A CA  1 
ATOM   651  C C   . VAL A 1 84  ? 11.666  6.096   -4.985  1.00 12.25 ? 84  VAL A C   1 
ATOM   652  O O   . VAL A 1 84  ? 12.354  7.032   -4.543  1.00 14.67 ? 84  VAL A O   1 
ATOM   653  C CB  . VAL A 1 84  ? 12.868  4.478   -3.454  1.00 13.88 ? 84  VAL A CB  1 
ATOM   654  C CG1 . VAL A 1 84  ? 11.982  4.816   -2.245  1.00 11.51 ? 84  VAL A CG1 1 
ATOM   655  C CG2 . VAL A 1 84  ? 13.419  3.061   -3.345  1.00 11.69 ? 84  VAL A CG2 1 
ATOM   656  N N   . PRO A 1 85  ? 10.528  6.317   -5.622  1.00 11.53 ? 85  PRO A N   1 
ATOM   657  C CA  . PRO A 1 85  ? 10.081  7.681   -5.931  1.00 10.15 ? 85  PRO A CA  1 
ATOM   658  C C   . PRO A 1 85  ? 9.530   8.445   -4.740  1.00 12.78 ? 85  PRO A C   1 
ATOM   659  O O   . PRO A 1 85  ? 8.753   9.384   -4.917  1.00 21.67 ? 85  PRO A O   1 
ATOM   660  C CB  . PRO A 1 85  ? 8.982   7.443   -6.972  1.00 15.22 ? 85  PRO A CB  1 
ATOM   661  C CG  . PRO A 1 85  ? 8.415   6.106   -6.587  1.00 11.65 ? 85  PRO A CG  1 
ATOM   662  C CD  . PRO A 1 85  ? 9.610   5.293   -6.149  1.00 8.05  ? 85  PRO A CD  1 
ATOM   663  N N   . PHE A 1 86  ? 9.914   8.063   -3.533  1.00 17.07 ? 86  PHE A N   1 
ATOM   664  C CA  . PHE A 1 86  ? 9.446   8.699   -2.311  1.00 10.37 ? 86  PHE A CA  1 
ATOM   665  C C   . PHE A 1 86  ? 10.591  9.501   -1.695  1.00 13.89 ? 86  PHE A C   1 
ATOM   666  O O   . PHE A 1 86  ? 11.736  9.041   -1.663  1.00 10.95 ? 86  PHE A O   1 
ATOM   667  C CB  . PHE A 1 86  ? 8.934   7.642   -1.323  1.00 7.00  ? 86  PHE A CB  1 
ATOM   668  C CG  . PHE A 1 86  ? 7.656   6.958   -1.754  1.00 7.46  ? 86  PHE A CG  1 
ATOM   669  C CD1 . PHE A 1 86  ? 6.423   7.464   -1.376  1.00 9.79  ? 86  PHE A CD1 1 
ATOM   670  C CD2 . PHE A 1 86  ? 7.691   5.797   -2.514  1.00 9.79  ? 86  PHE A CD2 1 
ATOM   671  C CE1 . PHE A 1 86  ? 5.248   6.828   -1.739  1.00 7.73  ? 86  PHE A CE1 1 
ATOM   672  C CE2 . PHE A 1 86  ? 6.513   5.157   -2.893  1.00 11.14 ? 86  PHE A CE2 1 
ATOM   673  C CZ  . PHE A 1 86  ? 5.288   5.682   -2.512  1.00 10.92 ? 86  PHE A CZ  1 
ATOM   674  N N   . GLU A 1 87  ? 10.285  10.692  -1.195  1.00 14.33 ? 87  GLU A N   1 
ATOM   675  C CA  . GLU A 1 87  ? 11.309  11.591  -0.673  1.00 12.75 ? 87  GLU A CA  1 
ATOM   676  C C   . GLU A 1 87  ? 10.871  12.164  0.664   1.00 15.03 ? 87  GLU A C   1 
ATOM   677  O O   . GLU A 1 87  ? 9.727   12.603  0.813   1.00 16.52 ? 87  GLU A O   1 
ATOM   678  C CB  . GLU A 1 87  ? 11.608  12.728  -1.662  1.00 21.03 ? 87  GLU A CB  1 
ATOM   679  C CG  . GLU A 1 87  ? 12.545  13.789  -1.104  1.00 31.15 ? 87  GLU A CG  1 
ATOM   680  C CD  . GLU A 1 87  ? 13.037  14.764  -2.161  1.00 44.16 ? 87  GLU A CD  1 
ATOM   681  O OE1 . GLU A 1 87  ? 13.565  15.834  -1.783  1.00 45.89 ? 87  GLU A OE1 1 
ATOM   682  O OE2 . GLU A 1 87  ? 12.897  14.456  -3.368  1.00 51.90 ? 87  GLU A OE2 1 
ATOM   683  N N   . ASP A 1 88  ? 11.789  12.152  1.634   1.00 20.19 ? 88  ASP A N   1 
ATOM   684  C CA  . ASP A 1 88  ? 11.578  12.744  2.950   1.00 19.77 ? 88  ASP A CA  1 
ATOM   685  C C   . ASP A 1 88  ? 10.959  14.137  2.838   1.00 20.17 ? 88  ASP A C   1 
ATOM   686  O O   . ASP A 1 88  ? 11.573  15.055  2.282   1.00 19.40 ? 88  ASP A O   1 
ATOM   687  C CB  . ASP A 1 88  ? 12.911  12.803  3.701   1.00 17.42 ? 88  ASP A CB  1 
ATOM   688  C CG  . ASP A 1 88  ? 12.776  13.357  5.096   1.00 21.77 ? 88  ASP A CG  1 
ATOM   689  O OD1 . ASP A 1 88  ? 11.666  13.295  5.655   1.00 16.99 ? 88  ASP A OD1 1 
ATOM   690  O OD2 . ASP A 1 88  ? 13.787  13.859  5.640   1.00 32.32 ? 88  ASP A OD2 1 
ATOM   691  N N   . GLY A 1 89  ? 9.734   14.295  3.333   1.00 14.61 ? 89  GLY A N   1 
ATOM   692  C CA  . GLY A 1 89  ? 9.090   15.589  3.395   1.00 15.93 ? 89  GLY A CA  1 
ATOM   693  C C   . GLY A 1 89  ? 8.421   16.067  2.127   1.00 20.29 ? 89  GLY A C   1 
ATOM   694  O O   . GLY A 1 89  ? 7.897   17.187  2.117   1.00 18.01 ? 89  GLY A O   1 
ATOM   695  N N   . LYS A 1 90  ? 8.427   15.274  1.052   1.00 13.62 ? 90  LYS A N   1 
ATOM   696  C CA  . LYS A 1 90  ? 7.718   15.678  -0.153  1.00 19.49 ? 90  LYS A CA  1 
ATOM   697  C C   . LYS A 1 90  ? 6.393   14.931  -0.268  1.00 17.93 ? 90  LYS A C   1 
ATOM   698  O O   . LYS A 1 90  ? 6.313   13.744  0.075   1.00 14.80 ? 90  LYS A O   1 
ATOM   699  C CB  . LYS A 1 90  ? 8.558   15.412  -1.408  1.00 17.48 ? 90  LYS A CB  1 
ATOM   700  C CG  . LYS A 1 90  ? 9.915   16.122  -1.430  1.00 27.76 ? 90  LYS A CG  1 
ATOM   701  C CD  . LYS A 1 90  ? 9.812   17.586  -1.000  1.00 26.81 ? 90  LYS A CD  1 
ATOM   702  C CE  . LYS A 1 90  ? 11.056  18.380  -1.397  1.00 35.00 ? 90  LYS A CE  1 
ATOM   703  N NZ  . LYS A 1 90  ? 11.136  19.697  -0.699  1.00 36.58 ? 90  LYS A NZ  1 
ATOM   704  N N   . PRO A 1 91  ? 5.343   15.594  -0.734  1.00 13.53 ? 91  PRO A N   1 
ATOM   705  C CA  . PRO A 1 91  ? 4.061   14.906  -0.893  1.00 12.88 ? 91  PRO A CA  1 
ATOM   706  C C   . PRO A 1 91  ? 4.130   13.878  -2.013  1.00 11.65 ? 91  PRO A C   1 
ATOM   707  O O   . PRO A 1 91  ? 4.791   14.091  -3.030  1.00 13.38 ? 91  PRO A O   1 
ATOM   708  C CB  . PRO A 1 91  ? 3.085   16.044  -1.227  1.00 11.43 ? 91  PRO A CB  1 
ATOM   709  C CG  . PRO A 1 91  ? 3.938   17.150  -1.737  1.00 20.54 ? 91  PRO A CG  1 
ATOM   710  C CD  . PRO A 1 91  ? 5.246   17.038  -1.022  1.00 18.61 ? 91  PRO A CD  1 
ATOM   711  N N   . PHE A 1 92  ? 3.462   12.747  -1.810  1.00 8.98  ? 92  PHE A N   1 
ATOM   712  C CA  . PHE A 1 92  ? 3.395   11.696  -2.809  1.00 10.34 ? 92  PHE A CA  1 
ATOM   713  C C   . PHE A 1 92  ? 1.944   11.413  -3.182  1.00 9.80  ? 92  PHE A C   1 
ATOM   714  O O   . PHE A 1 92  ? 1.000   11.733  -2.449  1.00 11.73 ? 92  PHE A O   1 
ATOM   715  C CB  . PHE A 1 92  ? 4.099   10.403  -2.337  1.00 7.13  ? 92  PHE A CB  1 
ATOM   716  C CG  . PHE A 1 92  ? 3.441   9.728   -1.159  1.00 8.41  ? 92  PHE A CG  1 
ATOM   717  C CD1 . PHE A 1 92  ? 2.379   8.848   -1.344  1.00 9.26  ? 92  PHE A CD1 1 
ATOM   718  C CD2 . PHE A 1 92  ? 3.875   9.985   0.131   1.00 7.38  ? 92  PHE A CD2 1 
ATOM   719  C CE1 . PHE A 1 92  ? 1.772   8.228   -0.273  1.00 9.11  ? 92  PHE A CE1 1 
ATOM   720  C CE2 . PHE A 1 92  ? 3.267   9.378   1.206   1.00 10.06 ? 92  PHE A CE2 1 
ATOM   721  C CZ  . PHE A 1 92  ? 2.213   8.483   1.001   1.00 11.46 ? 92  PHE A CZ  1 
ATOM   722  N N   . ASP A 1 93  ? 1.785   10.791  -4.342  1.00 9.83  ? 93  ASP A N   1 
ATOM   723  C CA  . ASP A 1 93  ? 0.484   10.389  -4.871  1.00 10.93 ? 93  ASP A CA  1 
ATOM   724  C C   . ASP A 1 93  ? 0.602   8.918   -5.263  1.00 8.17  ? 93  ASP A C   1 
ATOM   725  O O   . ASP A 1 93  ? 1.127   8.607   -6.333  1.00 9.00  ? 93  ASP A O   1 
ATOM   726  C CB  . ASP A 1 93  ? 0.112   11.266  -6.066  1.00 17.16 ? 93  ASP A CB  1 
ATOM   727  C CG  . ASP A 1 93  ? -1.343  11.145  -6.464  1.00 20.86 ? 93  ASP A CG  1 
ATOM   728  O OD1 . ASP A 1 93  ? -1.983  10.126  -6.119  1.00 24.97 ? 93  ASP A OD1 1 
ATOM   729  O OD2 . ASP A 1 93  ? -1.838  12.072  -7.143  1.00 18.59 ? 93  ASP A OD2 1 
ATOM   730  N N   . LEU A 1 94  ? 0.135   8.019   -4.397  1.00 7.11  ? 94  LEU A N   1 
ATOM   731  C CA  . LEU A 1 94  ? 0.254   6.586   -4.609  1.00 6.82  ? 94  LEU A CA  1 
ATOM   732  C C   . LEU A 1 94  ? -1.087  6.046   -5.092  1.00 10.06 ? 94  LEU A C   1 
ATOM   733  O O   . LEU A 1 94  ? -2.085  6.113   -4.365  1.00 7.35  ? 94  LEU A O   1 
ATOM   734  C CB  . LEU A 1 94  ? 0.689   5.880   -3.322  1.00 7.83  ? 94  LEU A CB  1 
ATOM   735  C CG  . LEU A 1 94  ? 0.588   4.353   -3.247  1.00 11.01 ? 94  LEU A CG  1 
ATOM   736  C CD1 . LEU A 1 94  ? 1.448   3.683   -4.312  1.00 6.17  ? 94  LEU A CD1 1 
ATOM   737  C CD2 . LEU A 1 94  ? 0.966   3.858   -1.853  1.00 10.24 ? 94  LEU A CD2 1 
ATOM   738  N N   . ARG A 1 95  ? -1.108  5.521   -6.316  1.00 7.60  ? 95  ARG A N   1 
ATOM   739  C CA  . ARG A 1 95  ? -2.301  4.929   -6.900  1.00 4.86  ? 95  ARG A CA  1 
ATOM   740  C C   . ARG A 1 95  ? -2.050  3.452   -7.150  1.00 6.14  ? 95  ARG A C   1 
ATOM   741  O O   . ARG A 1 95  ? -1.024  3.079   -7.724  1.00 5.70  ? 95  ARG A O   1 
ATOM   742  C CB  . ARG A 1 95  ? -2.687  5.614   -8.209  1.00 8.61  ? 95  ARG A CB  1 
ATOM   743  C CG  . ARG A 1 95  ? -3.239  7.024   -8.054  1.00 9.76  ? 95  ARG A CG  1 
ATOM   744  C CD  . ARG A 1 95  ? -4.119  7.318   -9.258  1.00 12.06 ? 95  ARG A CD  1 
ATOM   745  N NE  . ARG A 1 95  ? -4.349  8.737   -9.483  1.00 17.07 ? 95  ARG A NE  1 
ATOM   746  C CZ  . ARG A 1 95  ? -5.268  9.206   -10.324 1.00 18.66 ? 95  ARG A CZ  1 
ATOM   747  N NH1 . ARG A 1 95  ? -6.039  8.367   -11.023 1.00 14.93 ? 95  ARG A NH1 1 
ATOM   748  N NH2 . ARG A 1 95  ? -5.411  10.510  -10.476 1.00 20.12 ? 95  ARG A NH2 1 
ATOM   749  N N   . ILE A 1 96  ? -2.985  2.624   -6.711  1.00 4.97  ? 96  ILE A N   1 
ATOM   750  C CA  . ILE A 1 96  ? -2.917  1.184   -6.863  1.00 7.06  ? 96  ILE A CA  1 
ATOM   751  C C   . ILE A 1 96  ? -4.180  0.773   -7.604  1.00 5.95  ? 96  ILE A C   1 
ATOM   752  O O   . ILE A 1 96  ? -5.286  0.892   -7.062  1.00 6.80  ? 96  ILE A O   1 
ATOM   753  C CB  . ILE A 1 96  ? -2.809  0.474   -5.504  1.00 5.40  ? 96  ILE A CB  1 
ATOM   754  C CG1 . ILE A 1 96  ? -1.576  0.995   -4.737  1.00 7.27  ? 96  ILE A CG1 1 
ATOM   755  C CG2 . ILE A 1 96  ? -2.771  -1.062  -5.708  1.00 5.59  ? 96  ILE A CG2 1 
ATOM   756  C CD1 . ILE A 1 96  ? -1.646  0.817   -3.238  1.00 4.63  ? 96  ILE A CD1 1 
ATOM   757  N N   . TYR A 1 97  ? -4.020  0.321   -8.845  1.00 6.88  ? 97  TYR A N   1 
ATOM   758  C CA  . TYR A 1 97  ? -5.130  -0.020  -9.727  1.00 10.89 ? 97  TYR A CA  1 
ATOM   759  C C   . TYR A 1 97  ? -5.330  -1.527  -9.742  1.00 10.74 ? 97  TYR A C   1 
ATOM   760  O O   . TYR A 1 97  ? -4.369  -2.283  -9.868  1.00 7.33  ? 97  TYR A O   1 
ATOM   761  C CB  . TYR A 1 97  ? -4.856  0.441   -11.165 1.00 14.22 ? 97  TYR A CB  1 
ATOM   762  C CG  . TYR A 1 97  ? -5.319  1.839   -11.502 1.00 23.13 ? 97  TYR A CG  1 
ATOM   763  C CD1 . TYR A 1 97  ? -4.522  2.946   -11.209 1.00 22.01 ? 97  TYR A CD1 1 
ATOM   764  C CD2 . TYR A 1 97  ? -6.546  2.059   -12.125 1.00 18.61 ? 97  TYR A CD2 1 
ATOM   765  C CE1 . TYR A 1 97  ? -4.927  4.239   -11.532 1.00 13.26 ? 97  TYR A CE1 1 
ATOM   766  C CE2 . TYR A 1 97  ? -6.962  3.355   -12.449 1.00 24.21 ? 97  TYR A CE2 1 
ATOM   767  C CZ  . TYR A 1 97  ? -6.144  4.436   -12.143 1.00 21.05 ? 97  TYR A CZ  1 
ATOM   768  O OH  . TYR A 1 97  ? -6.542  5.717   -12.441 1.00 24.87 ? 97  TYR A OH  1 
ATOM   769  N N   . VAL A 1 98  ? -6.581  -1.961  -9.667  1.00 8.76  ? 98  VAL A N   1 
ATOM   770  C CA  . VAL A 1 98  ? -6.901  -3.381  -9.667  1.00 9.26  ? 98  VAL A CA  1 
ATOM   771  C C   . VAL A 1 98  ? -7.188  -3.815  -11.104 1.00 6.97  ? 98  VAL A C   1 
ATOM   772  O O   . VAL A 1 98  ? -8.223  -3.468  -11.669 1.00 12.41 ? 98  VAL A O   1 
ATOM   773  C CB  . VAL A 1 98  ? -8.089  -3.668  -8.747  1.00 13.51 ? 98  VAL A CB  1 
ATOM   774  C CG1 . VAL A 1 98  ? -8.410  -5.155  -8.720  1.00 11.65 ? 98  VAL A CG1 1 
ATOM   775  C CG2 . VAL A 1 98  ? -7.782  -3.142  -7.344  1.00 14.38 ? 98  VAL A CG2 1 
ATOM   776  N N   . CYS A 1 99  ? -6.259  -4.547  -11.707 1.00 10.13 ? 99  CYS A N   1 
ATOM   777  C CA  . CYS A 1 99  ? -6.472  -5.126  -13.025 1.00 10.21 ? 99  CYS A CA  1 
ATOM   778  C C   . CYS A 1 99  ? -6.819  -6.596  -12.847 1.00 12.05 ? 99  CYS A C   1 
ATOM   779  O O   . CYS A 1 99  ? -6.912  -7.096  -11.726 1.00 11.44 ? 99  CYS A O   1 
ATOM   780  C CB  . CYS A 1 99  ? -5.249  -4.928  -13.927 1.00 18.15 ? 99  CYS A CB  1 
ATOM   781  S SG  . CYS A 1 99  ? -4.740  -3.180  -14.125 1.00 24.61 ? 99  CYS A SG  1 
ATOM   782  N N   . LEU A 1 100 ? -7.062  -7.285  -13.962 1.00 13.28 ? 100 LEU A N   1 
ATOM   783  C CA  . LEU A 1 100 ? -7.519  -8.670  -13.880 1.00 11.09 ? 100 LEU A CA  1 
ATOM   784  C C   . LEU A 1 100 ? -6.441  -9.576  -13.297 1.00 8.90  ? 100 LEU A C   1 
ATOM   785  O O   . LEU A 1 100 ? -6.738  -10.495 -12.527 1.00 13.05 ? 100 LEU A O   1 
ATOM   786  C CB  . LEU A 1 100 ? -7.937  -9.167  -15.269 1.00 16.82 ? 100 LEU A CB  1 
ATOM   787  C CG  . LEU A 1 100 ? -9.203  -8.577  -15.912 1.00 22.82 ? 100 LEU A CG  1 
ATOM   788  C CD1 . LEU A 1 100 ? -9.142  -8.651  -17.457 1.00 18.53 ? 100 LEU A CD1 1 
ATOM   789  C CD2 . LEU A 1 100 ? -10.495 -9.239  -15.380 1.00 18.51 ? 100 LEU A CD2 1 
ATOM   790  N N   . ASN A 1 101 ? -5.189  -9.337  -13.652 1.00 11.00 ? 101 ASN A N   1 
ATOM   791  C CA  . ASN A 1 101 ? -4.103  -10.238 -13.301 1.00 11.99 ? 101 ASN A CA  1 
ATOM   792  C C   . ASN A 1 101 ? -3.108  -9.632  -12.324 1.00 11.38 ? 101 ASN A C   1 
ATOM   793  O O   . ASN A 1 101 ? -2.304  -10.371 -11.745 1.00 13.75 ? 101 ASN A O   1 
ATOM   794  C CB  . ASN A 1 101 ? -3.373  -10.679 -14.576 1.00 16.56 ? 101 ASN A CB  1 
ATOM   795  C CG  . ASN A 1 101 ? -2.417  -11.814 -14.332 1.00 23.14 ? 101 ASN A CG  1 
ATOM   796  O OD1 . ASN A 1 101 ? -2.770  -12.810 -13.696 1.00 27.57 ? 101 ASN A OD1 1 
ATOM   797  N ND2 . ASN A 1 101 ? -1.182  -11.665 -14.819 1.00 22.49 ? 101 ASN A ND2 1 
ATOM   798  N N   . GLU A 1 102 ? -3.159  -8.319  -12.100 1.00 9.23  ? 102 GLU A N   1 
ATOM   799  C CA  . GLU A 1 102 ? -2.140  -7.615  -11.341 1.00 9.31  ? 102 GLU A CA  1 
ATOM   800  C C   . GLU A 1 102 ? -2.756  -6.368  -10.727 1.00 11.69 ? 102 GLU A C   1 
ATOM   801  O O   . GLU A 1 102 ? -3.757  -5.850  -11.229 1.00 11.17 ? 102 GLU A O   1 
ATOM   802  C CB  . GLU A 1 102 ? -0.972  -7.193  -12.235 1.00 9.31  ? 102 GLU A CB  1 
ATOM   803  C CG  . GLU A 1 102 ? -0.301  -8.309  -13.006 1.00 19.72 ? 102 GLU A CG  1 
ATOM   804  C CD  . GLU A 1 102 ? 0.219   -7.834  -14.350 1.00 27.22 ? 102 GLU A CD  1 
ATOM   805  O OE1 . GLU A 1 102 ? 0.828   -8.649  -15.076 1.00 22.65 ? 102 GLU A OE1 1 
ATOM   806  O OE2 . GLU A 1 102 ? 0.014   -6.641  -14.669 1.00 30.13 ? 102 GLU A OE2 1 
ATOM   807  N N   . TYR A 1 103 ? -2.158  -5.904  -9.630  1.00 7.20  ? 103 TYR A N   1 
ATOM   808  C CA  . TYR A 1 103 ? -2.235  -4.491  -9.278  1.00 7.76  ? 103 TYR A CA  1 
ATOM   809  C C   . TYR A 1 103 ? -1.139  -3.747  -10.035 1.00 11.76 ? 103 TYR A C   1 
ATOM   810  O O   . TYR A 1 103 ? 0.005   -4.210  -10.105 1.00 9.72  ? 103 TYR A O   1 
ATOM   811  C CB  . TYR A 1 103 ? -2.047  -4.256  -7.779  1.00 5.08  ? 103 TYR A CB  1 
ATOM   812  C CG  . TYR A 1 103 ? -2.979  -5.000  -6.831  1.00 7.34  ? 103 TYR A CG  1 
ATOM   813  C CD1 . TYR A 1 103 ? -4.225  -4.495  -6.506  1.00 6.81  ? 103 TYR A CD1 1 
ATOM   814  C CD2 . TYR A 1 103 ? -2.575  -6.190  -6.220  1.00 6.56  ? 103 TYR A CD2 1 
ATOM   815  C CE1 . TYR A 1 103 ? -5.061  -5.157  -5.611  1.00 7.70  ? 103 TYR A CE1 1 
ATOM   816  C CE2 . TYR A 1 103 ? -3.402  -6.860  -5.331  1.00 5.80  ? 103 TYR A CE2 1 
ATOM   817  C CZ  . TYR A 1 103 ? -4.641  -6.338  -5.025  1.00 7.23  ? 103 TYR A CZ  1 
ATOM   818  O OH  . TYR A 1 103 ? -5.465  -6.991  -4.133  1.00 6.37  ? 103 TYR A OH  1 
ATOM   819  N N   . GLU A 1 104 ? -1.494  -2.614  -10.628 1.00 6.89  ? 104 GLU A N   1 
ATOM   820  C CA  . GLU A 1 104 ? -0.510  -1.683  -11.157 1.00 8.88  ? 104 GLU A CA  1 
ATOM   821  C C   . GLU A 1 104 ? -0.291  -0.603  -10.104 1.00 7.28  ? 104 GLU A C   1 
ATOM   822  O O   . GLU A 1 104 ? -1.246  0.043   -9.669  1.00 9.84  ? 104 GLU A O   1 
ATOM   823  C CB  . GLU A 1 104 ? -0.961  -1.084  -12.490 1.00 11.67 ? 104 GLU A CB  1 
ATOM   824  C CG  . GLU A 1 104 ? -1.150  -2.122  -13.597 1.00 12.14 ? 104 GLU A CG  1 
ATOM   825  C CD  . GLU A 1 104 ? -1.875  -1.560  -14.805 1.00 26.87 ? 104 GLU A CD  1 
ATOM   826  O OE1 . GLU A 1 104 ? -2.419  -0.423  -14.724 1.00 32.59 ? 104 GLU A OE1 1 
ATOM   827  O OE2 . GLU A 1 104 ? -1.921  -2.273  -15.830 1.00 26.12 ? 104 GLU A OE2 1 
ATOM   828  N N   . VAL A 1 105 ? 0.953   -0.454  -9.666  1.00 5.78  ? 105 VAL A N   1 
ATOM   829  C CA  . VAL A 1 105 ? 1.336   0.497   -8.623  1.00 7.86  ? 105 VAL A CA  1 
ATOM   830  C C   . VAL A 1 105 ? 1.925   1.717   -9.312  1.00 8.17  ? 105 VAL A C   1 
ATOM   831  O O   . VAL A 1 105 ? 2.888   1.601   -10.084 1.00 8.58  ? 105 VAL A O   1 
ATOM   832  C CB  . VAL A 1 105 ? 2.345   -0.123  -7.643  1.00 7.58  ? 105 VAL A CB  1 
ATOM   833  C CG1 . VAL A 1 105 ? 2.568   0.795   -6.437  1.00 9.61  ? 105 VAL A CG1 1 
ATOM   834  C CG2 . VAL A 1 105 ? 1.859   -1.492  -7.207  1.00 7.72  ? 105 VAL A CG2 1 
ATOM   835  N N   . LYS A 1 106 ? 1.330   2.878   -9.050  1.00 5.62  ? 106 LYS A N   1 
ATOM   836  C CA  . LYS A 1 106 ? 1.691   4.125   -9.716  1.00 7.32  ? 106 LYS A CA  1 
ATOM   837  C C   . LYS A 1 106 ? 2.006   5.171   -8.664  1.00 7.14  ? 106 LYS A C   1 
ATOM   838  O O   . LYS A 1 106 ? 1.253   5.318   -7.700  1.00 7.74  ? 106 LYS A O   1 
ATOM   839  C CB  . LYS A 1 106 ? 0.552   4.603   -10.606 1.00 6.07  ? 106 LYS A CB  1 
ATOM   840  C CG  . LYS A 1 106 ? 0.037   3.510   -11.520 1.00 7.91  ? 106 LYS A CG  1 
ATOM   841  C CD  . LYS A 1 106 ? -1.291  3.856   -12.154 1.00 11.28 ? 106 LYS A CD  1 
ATOM   842  C CE  . LYS A 1 106 ? -1.689  2.758   -13.144 1.00 16.07 ? 106 LYS A CE  1 
ATOM   843  N NZ  . LYS A 1 106 ? -2.850  3.119   -14.043 1.00 17.28 ? 106 LYS A NZ  1 
ATOM   844  N N   . VAL A 1 107 ? 3.115   5.889   -8.830  1.00 4.54  ? 107 VAL A N   1 
ATOM   845  C CA  . VAL A 1 107 ? 3.519   6.905   -7.854  1.00 8.91  ? 107 VAL A CA  1 
ATOM   846  C C   . VAL A 1 107 ? 3.824   8.200   -8.597  1.00 7.03  ? 107 VAL A C   1 
ATOM   847  O O   . VAL A 1 107 ? 4.668   8.214   -9.504  1.00 6.75  ? 107 VAL A O   1 
ATOM   848  C CB  . VAL A 1 107 ? 4.742   6.466   -7.029  1.00 7.65  ? 107 VAL A CB  1 
ATOM   849  C CG1 . VAL A 1 107 ? 5.088   7.536   -5.989  1.00 6.81  ? 107 VAL A CG1 1 
ATOM   850  C CG2 . VAL A 1 107 ? 4.506   5.109   -6.362  1.00 4.73  ? 107 VAL A CG2 1 
ATOM   851  N N   . ASN A 1 108 ? 3.163   9.283   -8.197  1.00 5.55  ? 108 ASN A N   1 
ATOM   852  C CA  . ASN A 1 108 ? 3.402   10.601  -8.783  1.00 9.57  ? 108 ASN A CA  1 
ATOM   853  C C   . ASN A 1 108 ? 3.283   10.568  -10.302 1.00 9.86  ? 108 ASN A C   1 
ATOM   854  O O   . ASN A 1 108 ? 4.089   11.162  -11.015 1.00 15.54 ? 108 ASN A O   1 
ATOM   855  C CB  . ASN A 1 108 ? 4.779   11.155  -8.385  1.00 9.73  ? 108 ASN A CB  1 
ATOM   856  C CG  . ASN A 1 108 ? 4.960   11.288  -6.876  1.00 15.85 ? 108 ASN A CG  1 
ATOM   857  O OD1 . ASN A 1 108 ? 3.991   11.447  -6.108  1.00 8.37  ? 108 ASN A OD1 1 
ATOM   858  N ND2 . ASN A 1 108 ? 6.217   11.248  -6.448  1.00 13.77 ? 108 ASN A ND2 1 
ATOM   859  N N   . GLY A 1 109 ? 2.280   9.868   -10.812 1.00 12.47 ? 109 GLY A N   1 
ATOM   860  C CA  . GLY A 1 109 ? 2.083   9.846   -12.251 1.00 9.25  ? 109 GLY A CA  1 
ATOM   861  C C   . GLY A 1 109 ? 3.014   8.942   -13.018 1.00 10.62 ? 109 GLY A C   1 
ATOM   862  O O   . GLY A 1 109 ? 3.121   9.084   -14.243 1.00 16.27 ? 109 GLY A O   1 
ATOM   863  N N   . GLU A 1 110 ? 3.682   8.009   -12.342 1.00 9.14  ? 110 GLU A N   1 
ATOM   864  C CA  . GLU A 1 110 ? 4.630   7.098   -12.961 1.00 14.20 ? 110 GLU A CA  1 
ATOM   865  C C   . GLU A 1 110 ? 4.226   5.667   -12.655 1.00 11.06 ? 110 GLU A C   1 
ATOM   866  O O   . GLU A 1 110 ? 3.968   5.327   -11.500 1.00 9.79  ? 110 GLU A O   1 
ATOM   867  C CB  . GLU A 1 110 ? 6.052   7.345   -12.452 1.00 15.73 ? 110 GLU A CB  1 
ATOM   868  C CG  . GLU A 1 110 ? 6.870   8.292   -13.287 1.00 20.03 ? 110 GLU A CG  1 
ATOM   869  C CD  . GLU A 1 110 ? 8.358   8.088   -13.062 1.00 28.38 ? 110 GLU A CD  1 
ATOM   870  O OE1 . GLU A 1 110 ? 8.770   7.901   -11.892 1.00 22.07 ? 110 GLU A OE1 1 
ATOM   871  O OE2 . GLU A 1 110 ? 9.110   8.094   -14.060 1.00 22.44 ? 110 GLU A OE2 1 
ATOM   872  N N   . TYR A 1 111 ? 4.178   4.840   -13.691 1.00 13.97 ? 111 TYR A N   1 
ATOM   873  C CA  . TYR A 1 111 ? 3.957   3.408   -13.544 1.00 9.88  ? 111 TYR A CA  1 
ATOM   874  C C   . TYR A 1 111 ? 5.261   2.771   -13.069 1.00 15.16 ? 111 TYR A C   1 
ATOM   875  O O   . TYR A 1 111 ? 6.275   2.852   -13.769 1.00 14.25 ? 111 TYR A O   1 
ATOM   876  C CB  . TYR A 1 111 ? 3.513   2.843   -14.896 1.00 14.04 ? 111 TYR A CB  1 
ATOM   877  C CG  . TYR A 1 111 ? 3.039   1.402   -14.892 1.00 22.49 ? 111 TYR A CG  1 
ATOM   878  C CD1 . TYR A 1 111 ? 2.788   0.720   -13.706 1.00 20.81 ? 111 TYR A CD1 1 
ATOM   879  C CD2 . TYR A 1 111 ? 2.854   0.719   -16.090 1.00 33.73 ? 111 TYR A CD2 1 
ATOM   880  C CE1 . TYR A 1 111 ? 2.359   -0.604  -13.718 1.00 18.13 ? 111 TYR A CE1 1 
ATOM   881  C CE2 . TYR A 1 111 ? 2.432   -0.596  -16.114 1.00 27.30 ? 111 TYR A CE2 1 
ATOM   882  C CZ  . TYR A 1 111 ? 2.188   -1.253  -14.928 1.00 26.17 ? 111 TYR A CZ  1 
ATOM   883  O OH  . TYR A 1 111 ? 1.760   -2.558  -14.960 1.00 26.56 ? 111 TYR A OH  1 
ATOM   884  N N   . ILE A 1 112 ? 5.278   2.170   -11.878 1.00 7.82  ? 112 ILE A N   1 
ATOM   885  C CA  . ILE A 1 112 ? 6.510   1.601   -11.375 1.00 8.40  ? 112 ILE A CA  1 
ATOM   886  C C   . ILE A 1 112 ? 6.486   0.084   -11.207 1.00 13.84 ? 112 ILE A C   1 
ATOM   887  O O   . ILE A 1 112 ? 7.561   -0.537  -11.244 1.00 12.30 ? 112 ILE A O   1 
ATOM   888  C CB  . ILE A 1 112 ? 6.989   2.275   -10.054 1.00 10.00 ? 112 ILE A CB  1 
ATOM   889  C CG1 . ILE A 1 112 ? 6.118   1.887   -8.868  1.00 9.23  ? 112 ILE A CG1 1 
ATOM   890  C CG2 . ILE A 1 112 ? 7.106   3.801   -10.224 1.00 12.84 ? 112 ILE A CG2 1 
ATOM   891  C CD1 . ILE A 1 112 ? 6.646   2.401   -7.522  1.00 16.58 ? 112 ILE A CD1 1 
ATOM   892  N N   . TYR A 1 113 ? 5.316   -0.561  -11.063 1.00 10.13 ? 113 TYR A N   1 
ATOM   893  C CA  . TYR A 1 113 ? 5.364   -2.007  -10.833 1.00 10.07 ? 113 TYR A CA  1 
ATOM   894  C C   . TYR A 1 113 ? 3.999   -2.655  -11.032 1.00 13.93 ? 113 TYR A C   1 
ATOM   895  O O   . TYR A 1 113 ? 2.965   -2.077  -10.688 1.00 12.45 ? 113 TYR A O   1 
ATOM   896  C CB  . TYR A 1 113 ? 5.860   -2.330  -9.427  1.00 12.96 ? 113 TYR A CB  1 
ATOM   897  C CG  . TYR A 1 113 ? 6.378   -3.732  -9.317  1.00 13.34 ? 113 TYR A CG  1 
ATOM   898  C CD1 . TYR A 1 113 ? 7.532   -4.116  -9.989  1.00 14.24 ? 113 TYR A CD1 1 
ATOM   899  C CD2 . TYR A 1 113 ? 5.707   -4.679  -8.570  1.00 12.02 ? 113 TYR A CD2 1 
ATOM   900  C CE1 . TYR A 1 113 ? 8.012   -5.410  -9.904  1.00 17.92 ? 113 TYR A CE1 1 
ATOM   901  C CE2 . TYR A 1 113 ? 6.176   -5.972  -8.480  1.00 16.98 ? 113 TYR A CE2 1 
ATOM   902  C CZ  . TYR A 1 113 ? 7.328   -6.333  -9.151  1.00 15.13 ? 113 TYR A CZ  1 
ATOM   903  O OH  . TYR A 1 113 ? 7.796   -7.623  -9.069  1.00 13.46 ? 113 TYR A OH  1 
ATOM   904  N N   . ALA A 1 114 ? 4.019   -3.886  -11.539 1.00 7.19  ? 114 ALA A N   1 
ATOM   905  C CA  . ALA A 1 114 ? 2.823   -4.719  -11.684 1.00 15.40 ? 114 ALA A CA  1 
ATOM   906  C C   . ALA A 1 114 ? 2.962   -5.950  -10.791 1.00 13.79 ? 114 ALA A C   1 
ATOM   907  O O   . ALA A 1 114 ? 3.789   -6.825  -11.057 1.00 7.67  ? 114 ALA A O   1 
ATOM   908  C CB  . ALA A 1 114 ? 2.610   -5.132  -13.139 1.00 6.70  ? 114 ALA A CB  1 
ATOM   909  N N   . PHE A 1 115 ? 2.127   -6.035  -9.761  1.00 8.40  ? 115 PHE A N   1 
ATOM   910  C CA  . PHE A 1 115 ? 2.219   -7.089  -8.753  1.00 8.95  ? 115 PHE A CA  1 
ATOM   911  C C   . PHE A 1 115 ? 1.108   -8.102  -9.025  1.00 9.25  ? 115 PHE A C   1 
ATOM   912  O O   . PHE A 1 115 ? -0.072  -7.800  -8.833  1.00 8.90  ? 115 PHE A O   1 
ATOM   913  C CB  . PHE A 1 115 ? 2.102   -6.482  -7.357  1.00 8.73  ? 115 PHE A CB  1 
ATOM   914  C CG  . PHE A 1 115 ? 2.254   -7.477  -6.225  1.00 12.72 ? 115 PHE A CG  1 
ATOM   915  C CD1 . PHE A 1 115 ? 3.499   -7.731  -5.669  1.00 8.48  ? 115 PHE A CD1 1 
ATOM   916  C CD2 . PHE A 1 115 ? 1.145   -8.124  -5.705  1.00 8.42  ? 115 PHE A CD2 1 
ATOM   917  C CE1 . PHE A 1 115 ? 3.643   -8.649  -4.611  1.00 6.23  ? 115 PHE A CE1 1 
ATOM   918  C CE2 . PHE A 1 115 ? 1.275   -9.028  -4.639  1.00 9.14  ? 115 PHE A CE2 1 
ATOM   919  C CZ  . PHE A 1 115 ? 2.524   -9.283  -4.096  1.00 7.26  ? 115 PHE A CZ  1 
ATOM   920  N N   . VAL A 1 116 ? 1.485   -9.296  -9.488  1.00 9.68  ? 116 VAL A N   1 
ATOM   921  C CA  . VAL A 1 116 ? 0.496   -10.296 -9.873  1.00 11.41 ? 116 VAL A CA  1 
ATOM   922  C C   . VAL A 1 116 ? -0.308  -10.741 -8.656  1.00 6.59  ? 116 VAL A C   1 
ATOM   923  O O   . VAL A 1 116 ? 0.239   -10.965 -7.571  1.00 4.71  ? 116 VAL A O   1 
ATOM   924  C CB  . VAL A 1 116 ? 1.195   -11.488 -10.547 1.00 13.89 ? 116 VAL A CB  1 
ATOM   925  C CG1 . VAL A 1 116 ? 0.183   -12.552 -10.961 1.00 7.65  ? 116 VAL A CG1 1 
ATOM   926  C CG2 . VAL A 1 116 ? 2.024   -11.008 -11.723 1.00 11.13 ? 116 VAL A CG2 1 
ATOM   927  N N   . HIS A 1 117 ? -1.623  -10.884 -8.850  1.00 6.78  ? 117 HIS A N   1 
ATOM   928  C CA  . HIS A 1 117 ? -2.525  -11.283 -7.776  1.00 9.67  ? 117 HIS A CA  1 
ATOM   929  C C   . HIS A 1 117 ? -2.174  -12.661 -7.235  1.00 8.72  ? 117 HIS A C   1 
ATOM   930  O O   . HIS A 1 117 ? -2.106  -13.640 -7.978  1.00 8.57  ? 117 HIS A O   1 
ATOM   931  C CB  . HIS A 1 117 ? -3.972  -11.300 -8.273  1.00 7.13  ? 117 HIS A CB  1 
ATOM   932  C CG  . HIS A 1 117 ? -4.518  -9.939  -8.575  1.00 8.96  ? 117 HIS A CG  1 
ATOM   933  N ND1 . HIS A 1 117 ? -4.443  -8.897  -7.684  1.00 6.37  ? 117 HIS A ND1 1 
ATOM   934  C CD2 . HIS A 1 117 ? -5.133  -9.456  -9.680  1.00 9.99  ? 117 HIS A CD2 1 
ATOM   935  C CE1 . HIS A 1 117 ? -4.994  -7.820  -8.224  1.00 8.98  ? 117 HIS A CE1 1 
ATOM   936  N NE2 . HIS A 1 117 ? -5.417  -8.136  -9.433  1.00 10.28 ? 117 HIS A NE2 1 
ATOM   937  N N   . ARG A 1 118 ? -1.991  -12.734 -5.922  1.00 8.88  ? 118 ARG A N   1 
ATOM   938  C CA  . ARG A 1 118 ? -1.861  -13.995 -5.209  1.00 8.94  ? 118 ARG A CA  1 
ATOM   939  C C   . ARG A 1 118 ? -3.140  -14.404 -4.502  1.00 10.90 ? 118 ARG A C   1 
ATOM   940  O O   . ARG A 1 118 ? -3.371  -15.591 -4.282  1.00 17.81 ? 118 ARG A O   1 
ATOM   941  C CB  . ARG A 1 118 ? -0.738  -13.883 -4.188  1.00 5.44  ? 118 ARG A CB  1 
ATOM   942  C CG  . ARG A 1 118 ? 0.585   -13.513 -4.838  1.00 9.16  ? 118 ARG A CG  1 
ATOM   943  C CD  . ARG A 1 118 ? 1.594   -13.042 -3.804  1.00 9.95  ? 118 ARG A CD  1 
ATOM   944  N NE  . ARG A 1 118 ? 2.860   -12.619 -4.393  1.00 7.19  ? 118 ARG A NE  1 
ATOM   945  C CZ  . ARG A 1 118 ? 3.931   -12.306 -3.679  1.00 7.55  ? 118 ARG A CZ  1 
ATOM   946  N NH1 . ARG A 1 118 ? 3.875   -12.394 -2.355  1.00 4.82  ? 118 ARG A NH1 1 
ATOM   947  N NH2 . ARG A 1 118 ? 5.050   -11.904 -4.283  1.00 6.28  ? 118 ARG A NH2 1 
ATOM   948  N N   . ILE A 1 119 ? -3.952  -13.439 -4.108  1.00 10.29 ? 119 ILE A N   1 
ATOM   949  C CA  . ILE A 1 119 ? -5.297  -13.687 -3.615  1.00 8.22  ? 119 ILE A CA  1 
ATOM   950  C C   . ILE A 1 119 ? -6.186  -12.828 -4.500  1.00 10.09 ? 119 ILE A C   1 
ATOM   951  O O   . ILE A 1 119 ? -5.863  -11.650 -4.723  1.00 8.78  ? 119 ILE A O   1 
ATOM   952  C CB  . ILE A 1 119 ? -5.447  -13.323 -2.127  1.00 10.21 ? 119 ILE A CB  1 
ATOM   953  C CG1 . ILE A 1 119 ? -4.497  -14.153 -1.257  1.00 9.67  ? 119 ILE A CG1 1 
ATOM   954  C CG2 . ILE A 1 119 ? -6.889  -13.532 -1.671  1.00 11.83 ? 119 ILE A CG2 1 
ATOM   955  C CD1 . ILE A 1 119 ? -4.207  -13.529 0.110   1.00 11.78 ? 119 ILE A CD1 1 
ATOM   956  N N   . PRO A 1 120 ? -7.273  -13.368 -5.046  1.00 11.34 ? 120 PRO A N   1 
ATOM   957  C CA  . PRO A 1 120 ? -8.212  -12.540 -5.806  1.00 14.13 ? 120 PRO A CA  1 
ATOM   958  C C   . PRO A 1 120 ? -8.532  -11.257 -5.061  1.00 10.71 ? 120 PRO A C   1 
ATOM   959  O O   . PRO A 1 120 ? -8.853  -11.291 -3.865  1.00 11.17 ? 120 PRO A O   1 
ATOM   960  C CB  . PRO A 1 120 ? -9.446  -13.444 -5.923  1.00 14.56 ? 120 PRO A CB  1 
ATOM   961  C CG  . PRO A 1 120 ? -8.873  -14.835 -5.948  1.00 11.02 ? 120 PRO A CG  1 
ATOM   962  C CD  . PRO A 1 120 ? -7.717  -14.773 -4.967  1.00 15.33 ? 120 PRO A CD  1 
ATOM   963  N N   . PRO A 1 121 ? -8.432  -10.102 -5.729  1.00 13.10 ? 121 PRO A N   1 
ATOM   964  C CA  . PRO A 1 121 ? -8.699  -8.827  -5.035  1.00 8.86  ? 121 PRO A CA  1 
ATOM   965  C C   . PRO A 1 121 ? -10.132 -8.684  -4.551  1.00 10.85 ? 121 PRO A C   1 
ATOM   966  O O   . PRO A 1 121 ? -10.407 -7.788  -3.740  1.00 7.05  ? 121 PRO A O   1 
ATOM   967  C CB  . PRO A 1 121 ? -8.361  -7.768  -6.100  1.00 11.54 ? 121 PRO A CB  1 
ATOM   968  C CG  . PRO A 1 121 ? -8.480  -8.485  -7.417  1.00 6.53  ? 121 PRO A CG  1 
ATOM   969  C CD  . PRO A 1 121 ? -8.026  -9.900  -7.134  1.00 10.58 ? 121 PRO A CD  1 
ATOM   970  N N   . SER A 1 122 ? -11.053 -9.529  -5.025  1.00 8.48  ? 122 SER A N   1 
ATOM   971  C CA  . SER A 1 122 ? -12.436 -9.446  -4.583  1.00 11.01 ? 122 SER A CA  1 
ATOM   972  C C   . SER A 1 122 ? -12.606 -9.908  -3.144  1.00 10.22 ? 122 SER A C   1 
ATOM   973  O O   . SER A 1 122 ? -13.676 -9.710  -2.562  1.00 10.75 ? 122 SER A O   1 
ATOM   974  C CB  . SER A 1 122 ? -13.330 -10.275 -5.503  1.00 16.32 ? 122 SER A CB  1 
ATOM   975  O OG  . SER A 1 122 ? -13.058 -11.666 -5.360  1.00 16.58 ? 122 SER A OG  1 
ATOM   976  N N   . TYR A 1 123 ? -11.587 -10.526 -2.573  1.00 8.17  ? 123 TYR A N   1 
ATOM   977  C CA  . TYR A 1 123 ? -11.601 -10.953 -1.190  1.00 10.38 ? 123 TYR A CA  1 
ATOM   978  C C   . TYR A 1 123 ? -11.120 -9.883  -0.228  1.00 7.39  ? 123 TYR A C   1 
ATOM   979  O O   . TYR A 1 123 ? -11.231 -10.085 0.977   1.00 11.14 ? 123 TYR A O   1 
ATOM   980  C CB  . TYR A 1 123 ? -10.739 -12.207 -1.030  1.00 11.72 ? 123 TYR A CB  1 
ATOM   981  C CG  . TYR A 1 123 ? -11.346 -13.357 -1.759  1.00 14.69 ? 123 TYR A CG  1 
ATOM   982  C CD1 . TYR A 1 123 ? -12.706 -13.353 -2.058  1.00 15.23 ? 123 TYR A CD1 1 
ATOM   983  C CD2 . TYR A 1 123 ? -10.583 -14.437 -2.158  1.00 19.78 ? 123 TYR A CD2 1 
ATOM   984  C CE1 . TYR A 1 123 ? -13.285 -14.388 -2.718  1.00 21.47 ? 123 TYR A CE1 1 
ATOM   985  C CE2 . TYR A 1 123 ? -11.156 -15.485 -2.833  1.00 25.48 ? 123 TYR A CE2 1 
ATOM   986  C CZ  . TYR A 1 123 ? -12.508 -15.456 -3.110  1.00 24.27 ? 123 TYR A CZ  1 
ATOM   987  O OH  . TYR A 1 123 ? -13.095 -16.500 -3.777  1.00 34.81 ? 123 TYR A OH  1 
ATOM   988  N N   . VAL A 1 124 ? -10.573 -8.768  -0.716  1.00 10.45 ? 124 VAL A N   1 
ATOM   989  C CA  . VAL A 1 124 ? -10.074 -7.733  0.187   1.00 7.13  ? 124 VAL A CA  1 
ATOM   990  C C   . VAL A 1 124 ? -11.254 -7.021  0.832   1.00 10.16 ? 124 VAL A C   1 
ATOM   991  O O   . VAL A 1 124 ? -12.207 -6.613  0.152   1.00 7.00  ? 124 VAL A O   1 
ATOM   992  C CB  . VAL A 1 124 ? -9.175  -6.735  -0.557  1.00 7.92  ? 124 VAL A CB  1 
ATOM   993  C CG1 . VAL A 1 124 ? -8.823  -5.573  0.373   1.00 5.28  ? 124 VAL A CG1 1 
ATOM   994  C CG2 . VAL A 1 124 ? -7.911  -7.416  -1.092  1.00 6.48  ? 124 VAL A CG2 1 
ATOM   995  N N   . LYS A 1 125 ? -11.211 -6.882  2.152   1.00 7.83  ? 125 LYS A N   1 
ATOM   996  C CA  . LYS A 1 125 ? -12.261 -6.189  2.875   1.00 10.77 ? 125 LYS A CA  1 
ATOM   997  C C   . LYS A 1 125 ? -11.785 -4.940  3.604   1.00 11.17 ? 125 LYS A C   1 
ATOM   998  O O   . LYS A 1 125 ? -12.620 -4.098  3.961   1.00 6.97  ? 125 LYS A O   1 
ATOM   999  C CB  . LYS A 1 125 ? -12.921 -7.131  3.893   1.00 10.38 ? 125 LYS A CB  1 
ATOM   1000 C CG  . LYS A 1 125 ? -13.687 -8.299  3.295   1.00 9.32  ? 125 LYS A CG  1 
ATOM   1001 C CD  . LYS A 1 125 ? -14.388 -9.089  4.424   1.00 13.24 ? 125 LYS A CD  1 
ATOM   1002 C CE  . LYS A 1 125 ? -15.020 -10.388 3.920   1.00 22.20 ? 125 LYS A CE  1 
ATOM   1003 N NZ  . LYS A 1 125 ? -16.257 -10.153 3.114   1.00 28.67 ? 125 LYS A NZ  1 
ATOM   1004 N N   . MET A 1 126 ? -10.484 -4.791  3.829   1.00 6.10  ? 126 MET A N   1 
ATOM   1005 C CA  . MET A 1 126 ? -9.991  -3.693  4.644   1.00 6.00  ? 126 MET A CA  1 
ATOM   1006 C C   . MET A 1 126 ? -8.599  -3.301  4.179   1.00 7.33  ? 126 MET A C   1 
ATOM   1007 O O   . MET A 1 126 ? -7.770  -4.161  3.896   1.00 4.94  ? 126 MET A O   1 
ATOM   1008 C CB  . MET A 1 126 ? -9.956  -4.059  6.125   1.00 9.30  ? 126 MET A CB  1 
ATOM   1009 C CG  . MET A 1 126 ? -9.506  -2.901  7.002   1.00 8.24  ? 126 MET A CG  1 
ATOM   1010 S SD  . MET A 1 126 ? -9.565  -3.296  8.762   1.00 13.83 ? 126 MET A SD  1 
ATOM   1011 C CE  . MET A 1 126 ? -8.217  -4.465  8.920   1.00 11.05 ? 126 MET A CE  1 
ATOM   1012 N N   . ILE A 1 127 ? -8.359  -1.994  4.109   1.00 6.98  ? 127 ILE A N   1 
ATOM   1013 C CA  . ILE A 1 127 ? -7.045  -1.430  3.828   1.00 8.01  ? 127 ILE A CA  1 
ATOM   1014 C C   . ILE A 1 127 ? -6.539  -0.732  5.081   1.00 10.90 ? 127 ILE A C   1 
ATOM   1015 O O   . ILE A 1 127 ? -7.297  -0.035  5.769   1.00 9.06  ? 127 ILE A O   1 
ATOM   1016 C CB  . ILE A 1 127 ? -7.129  -0.455  2.640   1.00 8.05  ? 127 ILE A CB  1 
ATOM   1017 C CG1 . ILE A 1 127 ? -7.425  -1.231  1.355   1.00 8.55  ? 127 ILE A CG1 1 
ATOM   1018 C CG2 . ILE A 1 127 ? -5.853  0.365   2.506   1.00 8.82  ? 127 ILE A CG2 1 
ATOM   1019 C CD1 . ILE A 1 127 ? -7.500  -0.324  0.116   1.00 15.95 ? 127 ILE A CD1 1 
ATOM   1020 N N   . GLN A 1 128 ? -5.258  -0.936  5.395   1.00 6.41  ? 128 GLN A N   1 
ATOM   1021 C CA  . GLN A 1 128 ? -4.616  -0.244  6.503   1.00 7.41  ? 128 GLN A CA  1 
ATOM   1022 C C   . GLN A 1 128 ? -3.380  0.473   5.992   1.00 11.67 ? 128 GLN A C   1 
ATOM   1023 O O   . GLN A 1 128 ? -2.543  -0.139  5.320   1.00 7.33  ? 128 GLN A O   1 
ATOM   1024 C CB  . GLN A 1 128 ? -4.204  -1.191  7.632   1.00 7.57  ? 128 GLN A CB  1 
ATOM   1025 C CG  . GLN A 1 128 ? -3.478  -0.433  8.731   1.00 9.51  ? 128 GLN A CG  1 
ATOM   1026 C CD  . GLN A 1 128 ? -3.522  -1.136  10.049  1.00 16.35 ? 128 GLN A CD  1 
ATOM   1027 O OE1 . GLN A 1 128 ? -3.934  -0.560  11.048  1.00 25.83 ? 128 GLN A OE1 1 
ATOM   1028 N NE2 . GLN A 1 128 ? -3.082  -2.386  10.070  1.00 20.20 ? 128 GLN A NE2 1 
ATOM   1029 N N   . VAL A 1 129 ? -3.264  1.756   6.322   1.00 8.59  ? 129 VAL A N   1 
ATOM   1030 C CA  . VAL A 1 129 ? -2.116  2.576   5.943   1.00 10.95 ? 129 VAL A CA  1 
ATOM   1031 C C   . VAL A 1 129 ? -1.497  3.103   7.232   1.00 9.67  ? 129 VAL A C   1 
ATOM   1032 O O   . VAL A 1 129 ? -2.191  3.735   8.039   1.00 6.26  ? 129 VAL A O   1 
ATOM   1033 C CB  . VAL A 1 129 ? -2.512  3.727   5.005   1.00 7.35  ? 129 VAL A CB  1 
ATOM   1034 C CG1 . VAL A 1 129 ? -1.269  4.529   4.600   1.00 10.54 ? 129 VAL A CG1 1 
ATOM   1035 C CG2 . VAL A 1 129 ? -3.242  3.189   3.775   1.00 11.88 ? 129 VAL A CG2 1 
ATOM   1036 N N   . TRP A 1 130 ? -0.211  2.826   7.441   1.00 9.71  ? 130 TRP A N   1 
ATOM   1037 C CA  . TRP A 1 130 ? 0.414   3.169   8.715   1.00 11.29 ? 130 TRP A CA  1 
ATOM   1038 C C   . TRP A 1 130 ? 1.915   3.395   8.517   1.00 10.85 ? 130 TRP A C   1 
ATOM   1039 O O   . TRP A 1 130 ? 2.392   3.544   7.390   1.00 9.01  ? 130 TRP A O   1 
ATOM   1040 C CB  . TRP A 1 130 ? 0.097   2.095   9.768   1.00 13.83 ? 130 TRP A CB  1 
ATOM   1041 C CG  . TRP A 1 130 ? 0.523   0.699   9.418   1.00 11.84 ? 130 TRP A CG  1 
ATOM   1042 C CD1 . TRP A 1 130 ? 0.156   -0.018  8.320   1.00 12.70 ? 130 TRP A CD1 1 
ATOM   1043 C CD2 . TRP A 1 130 ? 1.373   -0.152  10.190  1.00 6.73  ? 130 TRP A CD2 1 
ATOM   1044 N NE1 . TRP A 1 130 ? 0.742   -1.268  8.355   1.00 18.04 ? 130 TRP A NE1 1 
ATOM   1045 C CE2 . TRP A 1 130 ? 1.493   -1.369  9.494   1.00 12.11 ? 130 TRP A CE2 1 
ATOM   1046 C CE3 . TRP A 1 130 ? 2.055   0.003   11.403  1.00 14.06 ? 130 TRP A CE3 1 
ATOM   1047 C CZ2 . TRP A 1 130 ? 2.261   -2.430  9.973   1.00 13.57 ? 130 TRP A CZ2 1 
ATOM   1048 C CZ3 . TRP A 1 130 ? 2.811   -1.037  11.874  1.00 11.62 ? 130 TRP A CZ3 1 
ATOM   1049 C CH2 . TRP A 1 130 ? 2.906   -2.247  11.163  1.00 15.90 ? 130 TRP A CH2 1 
ATOM   1050 N N   . ARG A 1 131 ? 2.651   3.407   9.638   1.00 9.82  ? 131 ARG A N   1 
ATOM   1051 C CA  . ARG A 1 131 ? 3.998   3.955   9.801   1.00 9.91  ? 131 ARG A CA  1 
ATOM   1052 C C   . ARG A 1 131 ? 3.901   5.478   9.856   1.00 14.32 ? 131 ARG A C   1 
ATOM   1053 O O   . ARG A 1 131 ? 2.812   6.039   9.684   1.00 17.96 ? 131 ARG A O   1 
ATOM   1054 C CB  . ARG A 1 131 ? 4.972   3.485   8.709   1.00 8.54  ? 131 ARG A CB  1 
ATOM   1055 C CG  . ARG A 1 131 ? 4.954   1.982   8.444   1.00 9.97  ? 131 ARG A CG  1 
ATOM   1056 C CD  . ARG A 1 131 ? 5.464   1.182   9.613   1.00 9.40  ? 131 ARG A CD  1 
ATOM   1057 N NE  . ARG A 1 131 ? 5.530   -0.252  9.320   1.00 7.80  ? 131 ARG A NE  1 
ATOM   1058 C CZ  . ARG A 1 131 ? 5.946   -1.166  10.197  1.00 13.28 ? 131 ARG A CZ  1 
ATOM   1059 N NH1 . ARG A 1 131 ? 6.332   -0.787  11.407  1.00 16.71 ? 131 ARG A NH1 1 
ATOM   1060 N NH2 . ARG A 1 131 ? 5.978   -2.452  9.876   1.00 5.42  ? 131 ARG A NH2 1 
ATOM   1061 N N   . ASP A 1 132 ? 5.014   6.161   10.130  1.00 11.00 ? 132 ASP A N   1 
ATOM   1062 C CA  . ASP A 1 132 ? 4.960   7.572   10.521  1.00 14.42 ? 132 ASP A CA  1 
ATOM   1063 C C   . ASP A 1 132 ? 4.705   8.454   9.295   1.00 21.06 ? 132 ASP A C   1 
ATOM   1064 O O   . ASP A 1 132 ? 5.508   9.298   8.902   1.00 20.59 ? 132 ASP A O   1 
ATOM   1065 C CB  . ASP A 1 132 ? 6.234   7.983   11.252  1.00 16.50 ? 132 ASP A CB  1 
ATOM   1066 C CG  . ASP A 1 132 ? 6.114   9.358   11.929  1.00 19.54 ? 132 ASP A CG  1 
ATOM   1067 O OD1 . ASP A 1 132 ? 4.980   9.822   12.166  1.00 16.11 ? 132 ASP A OD1 1 
ATOM   1068 O OD2 . ASP A 1 132 ? 7.159   9.985   12.210  1.00 19.32 ? 132 ASP A OD2 1 
ATOM   1069 N N   . VAL A 1 133 ? 3.554   8.241   8.685   1.00 13.59 ? 133 VAL A N   1 
ATOM   1070 C CA  . VAL A 1 133 ? 3.160   8.973   7.492   1.00 12.14 ? 133 VAL A CA  1 
ATOM   1071 C C   . VAL A 1 133 ? 2.192   10.072  7.909   1.00 12.91 ? 133 VAL A C   1 
ATOM   1072 O O   . VAL A 1 133 ? 1.395   9.892   8.840   1.00 17.89 ? 133 VAL A O   1 
ATOM   1073 C CB  . VAL A 1 133 ? 2.543   8.015   6.448   1.00 9.58  ? 133 VAL A CB  1 
ATOM   1074 C CG1 . VAL A 1 133 ? 1.268   7.391   6.988   1.00 13.24 ? 133 VAL A CG1 1 
ATOM   1075 C CG2 . VAL A 1 133 ? 2.242   8.744   5.137   1.00 9.28  ? 133 VAL A CG2 1 
ATOM   1076 N N   . SER A 1 134 ? 2.290   11.228  7.256   1.00 9.81  ? 134 SER A N   1 
ATOM   1077 C CA  . SER A 1 134 ? 1.295   12.284  7.395   1.00 13.49 ? 134 SER A CA  1 
ATOM   1078 C C   . SER A 1 134 ? 0.333   12.151  6.235   1.00 12.48 ? 134 SER A C   1 
ATOM   1079 O O   . SER A 1 134 ? 0.633   12.564  5.112   1.00 10.69 ? 134 SER A O   1 
ATOM   1080 C CB  . SER A 1 134 ? 1.917   13.677  7.436   1.00 17.25 ? 134 SER A CB  1 
ATOM   1081 O OG  . SER A 1 134 ? 2.833   13.778  8.501   1.00 15.18 ? 134 SER A OG  1 
ATOM   1082 N N   . LEU A 1 135 ? -0.836  11.603  6.531   1.00 15.42 ? 135 LEU A N   1 
ATOM   1083 C CA  . LEU A 1 135 ? -1.762  11.100  5.537   1.00 10.05 ? 135 LEU A CA  1 
ATOM   1084 C C   . LEU A 1 135 ? -2.829  12.152  5.271   1.00 14.73 ? 135 LEU A C   1 
ATOM   1085 O O   . LEU A 1 135 ? -3.570  12.523  6.187   1.00 17.28 ? 135 LEU A O   1 
ATOM   1086 C CB  . LEU A 1 135 ? -2.382  9.804   6.054   1.00 11.98 ? 135 LEU A CB  1 
ATOM   1087 C CG  . LEU A 1 135 ? -2.932  8.781   5.075   1.00 14.00 ? 135 LEU A CG  1 
ATOM   1088 C CD1 . LEU A 1 135 ? -1.874  8.413   4.058   1.00 13.97 ? 135 LEU A CD1 1 
ATOM   1089 C CD2 . LEU A 1 135 ? -3.373  7.552   5.850   1.00 12.88 ? 135 LEU A CD2 1 
ATOM   1090 N N   . ASP A 1 136 ? -2.902  12.627  4.024   1.00 14.09 ? 136 ASP A N   1 
ATOM   1091 C CA  . ASP A 1 136 ? -3.967  13.539  3.605   1.00 13.29 ? 136 ASP A CA  1 
ATOM   1092 C C   . ASP A 1 136 ? -5.280  12.801  3.352   1.00 19.48 ? 136 ASP A C   1 
ATOM   1093 O O   . ASP A 1 136 ? -6.315  13.141  3.933   1.00 16.42 ? 136 ASP A O   1 
ATOM   1094 C CB  . ASP A 1 136 ? -3.545  14.295  2.346   1.00 16.62 ? 136 ASP A CB  1 
ATOM   1095 C CG  . ASP A 1 136 ? -2.239  15.042  2.526   1.00 23.61 ? 136 ASP A CG  1 
ATOM   1096 O OD1 . ASP A 1 136 ? -2.093  15.719  3.558   1.00 22.69 ? 136 ASP A OD1 1 
ATOM   1097 O OD2 . ASP A 1 136 ? -1.353  14.940  1.645   1.00 29.67 ? 136 ASP A OD2 1 
ATOM   1098 N N   . SER A 1 137 ? -5.256  11.786  2.488   1.00 19.69 ? 137 SER A N   1 
ATOM   1099 C CA  . SER A 1 137 ? -6.477  11.107  2.073   1.00 15.30 ? 137 SER A CA  1 
ATOM   1100 C C   . SER A 1 137 ? -6.171  9.660   1.700   1.00 15.83 ? 137 SER A C   1 
ATOM   1101 O O   . SER A 1 137 ? -5.063  9.329   1.276   1.00 13.76 ? 137 SER A O   1 
ATOM   1102 C CB  . SER A 1 137 ? -7.136  11.828  0.892   1.00 15.95 ? 137 SER A CB  1 
ATOM   1103 O OG  . SER A 1 137 ? -6.214  12.058  -0.162  1.00 17.13 ? 137 SER A OG  1 
ATOM   1104 N N   . VAL A 1 138 ? -7.162  8.793   1.894   1.00 16.69 ? 138 VAL A N   1 
ATOM   1105 C CA  . VAL A 1 138 ? -7.174  7.443   1.335   1.00 15.74 ? 138 VAL A CA  1 
ATOM   1106 C C   . VAL A 1 138 ? -8.558  7.232   0.745   1.00 14.69 ? 138 VAL A C   1 
ATOM   1107 O O   . VAL A 1 138 ? -9.563  7.393   1.448   1.00 11.08 ? 138 VAL A O   1 
ATOM   1108 C CB  . VAL A 1 138 ? -6.883  6.343   2.375   1.00 13.98 ? 138 VAL A CB  1 
ATOM   1109 C CG1 . VAL A 1 138 ? -6.951  4.946   1.695   1.00 7.72  ? 138 VAL A CG1 1 
ATOM   1110 C CG2 . VAL A 1 138 ? -5.557  6.551   3.067   1.00 12.62 ? 138 VAL A CG2 1 
ATOM   1111 N N   . LEU A 1 139 ? -8.630  6.865   -0.530  1.00 12.70 ? 139 LEU A N   1 
ATOM   1112 C CA  . LEU A 1 139 ? -9.962  6.659   -1.071  1.00 11.09 ? 139 LEU A CA  1 
ATOM   1113 C C   . LEU A 1 139 ? -9.926  5.635   -2.189  1.00 16.47 ? 139 LEU A C   1 
ATOM   1114 O O   . LEU A 1 139 ? -8.897  5.427   -2.836  1.00 14.63 ? 139 LEU A O   1 
ATOM   1115 C CB  . LEU A 1 139 ? -10.577 7.964   -1.567  1.00 17.77 ? 139 LEU A CB  1 
ATOM   1116 C CG  . LEU A 1 139 ? -9.893  8.680   -2.718  1.00 14.89 ? 139 LEU A CG  1 
ATOM   1117 C CD1 . LEU A 1 139 ? -10.732 8.511   -3.967  1.00 21.14 ? 139 LEU A CD1 1 
ATOM   1118 C CD2 . LEU A 1 139 ? -9.751  10.142  -2.352  1.00 24.39 ? 139 LEU A CD2 1 
ATOM   1119 N N   . VAL A 1 140 ? -11.070 4.999   -2.408  1.00 10.79 ? 140 VAL A N   1 
ATOM   1120 C CA  . VAL A 1 140 ? -11.203 3.942   -3.397  1.00 13.09 ? 140 VAL A CA  1 
ATOM   1121 C C   . VAL A 1 140 ? -12.220 4.402   -4.416  1.00 17.02 ? 140 VAL A C   1 
ATOM   1122 O O   . VAL A 1 140 ? -13.366 4.698   -4.062  1.00 12.99 ? 140 VAL A O   1 
ATOM   1123 C CB  . VAL A 1 140 ? -11.623 2.611   -2.759  1.00 12.77 ? 140 VAL A CB  1 
ATOM   1124 C CG1 . VAL A 1 140 ? -11.922 1.600   -3.819  1.00 12.79 ? 140 VAL A CG1 1 
ATOM   1125 C CG2 . VAL A 1 140 ? -10.523 2.121   -1.832  1.00 12.64 ? 140 VAL A CG2 1 
ATOM   1126 N N   . ASN A 1 141 ? -11.787 4.501   -5.667  1.00 18.76 ? 141 ASN A N   1 
ATOM   1127 C CA  . ASN A 1 141 ? -12.627 4.821   -6.807  1.00 18.81 ? 141 ASN A CA  1 
ATOM   1128 C C   . ASN A 1 141 ? -13.034 3.516   -7.480  1.00 25.37 ? 141 ASN A C   1 
ATOM   1129 O O   . ASN A 1 141 ? -12.292 2.534   -7.448  1.00 22.86 ? 141 ASN A O   1 
ATOM   1130 C CB  . ASN A 1 141 ? -11.867 5.736   -7.776  1.00 16.01 ? 141 ASN A CB  1 
ATOM   1131 C CG  . ASN A 1 141 ? -12.671 6.101   -8.995  1.00 35.79 ? 141 ASN A CG  1 
ATOM   1132 O OD1 . ASN A 1 141 ? -12.611 5.413   -10.016 1.00 33.14 ? 141 ASN A OD1 1 
ATOM   1133 N ND2 . ASN A 1 141 ? -13.387 7.223   -8.921  1.00 32.67 ? 141 ASN A ND2 1 
ATOM   1134 N N   . ASN A 1 142 ? -14.233 3.482   -8.052  1.00 24.59 ? 142 ASN A N   1 
ATOM   1135 C CA  . ASN A 1 142 ? -14.670 2.254   -8.713  1.00 29.33 ? 142 ASN A CA  1 
ATOM   1136 C C   . ASN A 1 142 ? -14.095 2.192   -10.127 1.00 25.93 ? 142 ASN A C   1 
ATOM   1137 O O   . ASN A 1 142 ? -14.111 1.151   -10.781 1.00 33.46 ? 142 ASN A O   1 
ATOM   1138 C CB  . ASN A 1 142 ? -16.198 2.150   -8.752  1.00 34.92 ? 142 ASN A CB  1 
ATOM   1139 C CG  . ASN A 1 142 ? -16.851 3.346   -9.427  1.00 43.53 ? 142 ASN A CG  1 
ATOM   1140 O OD1 . ASN A 1 142 ? -16.335 3.897   -10.414 1.00 42.90 ? 142 ASN A OD1 1 
ATOM   1141 N ND2 . ASN A 1 142 ? -17.998 3.749   -8.905  1.00 45.76 ? 142 ASN A ND2 1 
HETATM 1142 O O   . HOH B 2 .   ? 18.135  3.260   6.511   1.00 30.06 ? 201 HOH A O   1 
HETATM 1143 O O   . HOH B 2 .   ? -2.158  -6.898  -15.015 1.00 17.66 ? 202 HOH A O   1 
HETATM 1144 O O   . HOH B 2 .   ? 11.095  -11.047 -5.720  1.00 22.08 ? 203 HOH A O   1 
HETATM 1145 O O   . HOH B 2 .   ? 17.234  2.672   8.820   1.00 32.46 ? 204 HOH A O   1 
HETATM 1146 O O   . HOH B 2 .   ? 0.216   -1.585  5.681   1.00 35.53 ? 205 HOH A O   1 
HETATM 1147 O O   . HOH B 2 .   ? 19.158  -1.053  13.597  1.00 31.06 ? 206 HOH A O   1 
HETATM 1148 O O   . HOH B 2 .   ? -8.632  13.061  3.772   1.00 19.59 ? 207 HOH A O   1 
HETATM 1149 O O   . HOH B 2 .   ? -4.106  -15.063 8.020   1.00 13.00 ? 208 HOH A O   1 
HETATM 1150 O O   . HOH B 2 .   ? 7.010   8.691   7.192   1.00 8.16  ? 209 HOH A O   1 
HETATM 1151 O O   . HOH B 2 .   ? 7.224   11.555  1.519   1.00 18.68 ? 210 HOH A O   1 
HETATM 1152 O O   . HOH B 2 .   ? 9.090   3.660   13.499  1.00 25.37 ? 211 HOH A O   1 
HETATM 1153 O O   . HOH B 2 .   ? -5.925  22.839  6.323   1.00 22.56 ? 212 HOH A O   1 
HETATM 1154 O O   . HOH B 2 .   ? 8.269   11.028  -7.806  1.00 22.42 ? 213 HOH A O   1 
HETATM 1155 O O   . HOH B 2 .   ? -0.413  -2.119  -17.783 1.00 18.72 ? 214 HOH A O   1 
HETATM 1156 O O   . HOH B 2 .   ? -0.893  15.616  -0.692  1.00 21.35 ? 215 HOH A O   1 
HETATM 1157 O O   . HOH B 2 .   ? -15.422 2.444   3.063   1.00 23.07 ? 216 HOH A O   1 
HETATM 1158 O O   . HOH B 2 .   ? 16.524  6.619   8.665   1.00 26.41 ? 217 HOH A O   1 
HETATM 1159 O O   . HOH B 2 .   ? 13.594  6.810   8.730   1.00 15.19 ? 218 HOH A O   1 
HETATM 1160 O O   . HOH B 2 .   ? 4.658   12.239  9.342   1.00 14.87 ? 219 HOH A O   1 
HETATM 1161 O O   . HOH B 2 .   ? -15.270 -6.855  -2.814  1.00 15.55 ? 220 HOH A O   1 
HETATM 1162 O O   . HOH B 2 .   ? -8.641  23.141  7.351   1.00 29.78 ? 221 HOH A O   1 
HETATM 1163 O O   . HOH B 2 .   ? -15.878 4.178   -4.004  1.00 21.88 ? 222 HOH A O   1 
HETATM 1164 O O   . HOH B 2 .   ? -14.294 -0.665  -5.715  1.00 19.72 ? 223 HOH A O   1 
HETATM 1165 O O   . HOH B 2 .   ? -1.160  -3.915  9.195   1.00 31.54 ? 224 HOH A O   1 
HETATM 1166 O O   . HOH B 2 .   ? 8.167   9.213   -16.185 1.00 28.90 ? 225 HOH A O   1 
HETATM 1167 O O   . HOH B 2 .   ? -8.353  6.541   -14.110 1.00 21.24 ? 226 HOH A O   1 
HETATM 1168 O O   . HOH B 2 .   ? -2.753  -10.894 -4.242  1.00 8.70  ? 227 HOH A O   1 
HETATM 1169 O O   . HOH B 2 .   ? -12.977 5.625   -0.741  1.00 20.97 ? 228 HOH A O   1 
HETATM 1170 O O   . HOH B 2 .   ? -15.143 -4.702  -12.353 1.00 14.31 ? 229 HOH A O   1 
HETATM 1171 O O   . HOH B 2 .   ? -14.101 -8.757  8.516   1.00 15.95 ? 230 HOH A O   1 
HETATM 1172 O O   . HOH B 2 .   ? 15.609  -2.347  2.953   1.00 22.04 ? 231 HOH A O   1 
HETATM 1173 O O   . HOH B 2 .   ? 14.171  7.299   -1.280  1.00 15.55 ? 232 HOH A O   1 
HETATM 1174 O O   . HOH B 2 .   ? -12.752 -6.594  -2.436  1.00 11.26 ? 233 HOH A O   1 
HETATM 1175 O O   . HOH B 2 .   ? 2.781   -11.649 -7.226  1.00 5.88  ? 234 HOH A O   1 
HETATM 1176 O O   . HOH B 2 .   ? 8.108   -9.002  3.190   1.00 12.21 ? 235 HOH A O   1 
HETATM 1177 O O   . HOH B 2 .   ? 8.374   -15.882 5.134   1.00 17.49 ? 236 HOH A O   1 
HETATM 1178 O O   . HOH B 2 .   ? 15.279  5.324   -6.018  1.00 19.50 ? 237 HOH A O   1 
HETATM 1179 O O   . HOH B 2 .   ? 15.077  4.077   4.908   1.00 17.00 ? 238 HOH A O   1 
HETATM 1180 O O   . HOH B 2 .   ? 1.173   3.999   11.813  1.00 25.13 ? 239 HOH A O   1 
HETATM 1181 O O   . HOH B 2 .   ? 2.157   -14.375 10.877  1.00 16.57 ? 240 HOH A O   1 
HETATM 1182 O O   . HOH B 2 .   ? 11.090  -13.310 -0.711  1.00 19.11 ? 241 HOH A O   1 
HETATM 1183 O O   . HOH B 2 .   ? 13.888  3.231   8.956   1.00 24.47 ? 242 HOH A O   1 
HETATM 1184 O O   . HOH B 2 .   ? -11.212 -11.093 -7.265  1.00 18.91 ? 243 HOH A O   1 
HETATM 1185 O O   . HOH B 2 .   ? -6.739  10.155  -2.030  1.00 13.13 ? 244 HOH A O   1 
HETATM 1186 O O   . HOH B 2 .   ? -1.049  10.999  9.448   1.00 16.62 ? 245 HOH A O   1 
HETATM 1187 O O   . HOH B 2 .   ? 7.434   8.424   -9.576  1.00 17.40 ? 246 HOH A O   1 
HETATM 1188 O O   . HOH B 2 .   ? -15.341 -4.220  3.776   1.00 12.20 ? 247 HOH A O   1 
HETATM 1189 O O   . HOH B 2 .   ? 4.315   -9.640  -9.720  1.00 12.33 ? 248 HOH A O   1 
HETATM 1190 O O   . HOH B 2 .   ? 0.534   8.367   -8.997  1.00 8.66  ? 249 HOH A O   1 
HETATM 1191 O O   . HOH B 2 .   ? 13.870  2.191   6.324   1.00 20.45 ? 250 HOH A O   1 
HETATM 1192 O O   . HOH B 2 .   ? -6.032  14.782  -0.405  1.00 22.74 ? 251 HOH A O   1 
HETATM 1193 O O   . HOH B 2 .   ? -17.619 -7.939  3.990   1.00 26.03 ? 252 HOH A O   1 
HETATM 1194 O O   . HOH B 2 .   ? -4.097  14.537  12.799  1.00 28.86 ? 253 HOH A O   1 
HETATM 1195 O O   . HOH B 2 .   ? 11.578  9.547   15.477  1.00 21.42 ? 254 HOH A O   1 
HETATM 1196 O O   . HOH B 2 .   ? -8.518  -12.476 15.609  1.00 19.67 ? 255 HOH A O   1 
HETATM 1197 O O   . HOH B 2 .   ? -12.773 -12.224 2.457   1.00 17.21 ? 256 HOH A O   1 
HETATM 1198 O O   . HOH B 2 .   ? 6.687   1.285   13.199  1.00 26.09 ? 257 HOH A O   1 
HETATM 1199 O O   . HOH B 2 .   ? -14.872 0.219   -1.304  1.00 19.80 ? 258 HOH A O   1 
HETATM 1200 O O   . HOH B 2 .   ? -14.542 -1.499  -13.157 1.00 15.98 ? 259 HOH A O   1 
HETATM 1201 O O   . HOH B 2 .   ? -7.472  6.296   12.532  1.00 8.78  ? 260 HOH A O   1 
HETATM 1202 O O   . HOH B 2 .   ? 11.834  -5.331  -9.465  1.00 17.93 ? 261 HOH A O   1 
HETATM 1203 O O   . HOH B 2 .   ? 13.226  -8.167  3.832   1.00 20.81 ? 262 HOH A O   1 
HETATM 1204 O O   . HOH B 2 .   ? 5.434   12.169  -13.228 1.00 29.57 ? 263 HOH A O   1 
HETATM 1205 O O   . HOH B 2 .   ? 6.438   15.728  -4.565  1.00 21.44 ? 264 HOH A O   1 
HETATM 1206 O O   . HOH B 2 .   ? 0.685   15.557  3.689   1.00 19.59 ? 265 HOH A O   1 
HETATM 1207 O O   . HOH B 2 .   ? -1.500  -14.136 6.748   1.00 7.26  ? 266 HOH A O   1 
HETATM 1208 O O   . HOH B 2 .   ? 7.600   5.056   10.168  1.00 11.59 ? 267 HOH A O   1 
HETATM 1209 O O   . HOH B 2 .   ? 12.273  -8.423  -6.624  1.00 12.48 ? 268 HOH A O   1 
HETATM 1210 O O   . HOH B 2 .   ? -0.565  -7.921  10.776  1.00 17.00 ? 269 HOH A O   1 
HETATM 1211 O O   . HOH B 2 .   ? 0.111   -15.407 -7.996  1.00 7.98  ? 270 HOH A O   1 
HETATM 1212 O O   . HOH B 2 .   ? -8.812  3.938   11.186  1.00 18.70 ? 271 HOH A O   1 
HETATM 1213 O O   . HOH B 2 .   ? 2.930   -10.373 10.192  1.00 12.65 ? 272 HOH A O   1 
HETATM 1214 O O   . HOH B 2 .   ? -1.928  10.172  13.298  1.00 29.39 ? 273 HOH A O   1 
HETATM 1215 O O   . HOH B 2 .   ? 7.538   11.455  -1.552  1.00 17.44 ? 274 HOH A O   1 
HETATM 1216 O O   . HOH B 2 .   ? -0.280  14.287  -2.768  1.00 13.43 ? 275 HOH A O   1 
HETATM 1217 O O   . HOH B 2 .   ? -11.280 9.345   7.840   1.00 27.00 ? 276 HOH A O   1 
HETATM 1218 O O   . HOH B 2 .   ? -3.213  5.575   16.502  1.00 24.52 ? 277 HOH A O   1 
HETATM 1219 O O   . HOH B 2 .   ? -9.489  9.992   3.141   1.00 26.96 ? 278 HOH A O   1 
HETATM 1220 O O   . HOH B 2 .   ? -4.523  0.957   -16.166 1.00 33.68 ? 279 HOH A O   1 
HETATM 1221 O O   . HOH B 2 .   ? 8.659   7.351   14.179  1.00 19.11 ? 280 HOH A O   1 
HETATM 1222 O O   . HOH B 2 .   ? -2.222  -1.881  14.594  1.00 21.70 ? 281 HOH A O   1 
HETATM 1223 O O   . HOH B 2 .   ? -0.901  -15.007 -13.344 1.00 29.47 ? 282 HOH A O   1 
HETATM 1224 O O   . HOH B 2 .   ? -14.621 -9.763  0.707   1.00 19.98 ? 283 HOH A O   1 
HETATM 1225 O O   . HOH B 2 .   ? -3.741  16.448  -4.560  1.00 27.95 ? 284 HOH A O   1 
HETATM 1226 O O   . HOH B 2 .   ? -16.310 5.282   -6.998  1.00 27.75 ? 285 HOH A O   1 
HETATM 1227 O O   . HOH B 2 .   ? 9.480   7.226   9.479   1.00 19.94 ? 286 HOH A O   1 
HETATM 1228 O O   . HOH B 2 .   ? -7.210  -5.841  -16.544 1.00 20.84 ? 287 HOH A O   1 
HETATM 1229 O O   . HOH B 2 .   ? -15.249 -13.254 -6.565  1.00 6.63  ? 288 HOH A O   1 
HETATM 1230 O O   . HOH B 2 .   ? -4.056  -3.862  -17.176 0.50 25.78 ? 289 HOH A O   1 
HETATM 1231 O O   . HOH B 2 .   ? -4.321  -15.612 -7.648  1.00 22.29 ? 290 HOH A O   1 
HETATM 1232 O O   . HOH B 2 .   ? -7.730  -1.583  -13.946 1.00 20.20 ? 291 HOH A O   1 
HETATM 1233 O O   . HOH B 2 .   ? 14.094  -9.601  -5.001  1.00 20.50 ? 292 HOH A O   1 
HETATM 1234 O O   . HOH B 2 .   ? 8.840   -2.452  -13.182 1.00 20.14 ? 293 HOH A O   1 
HETATM 1235 O O   . HOH B 2 .   ? 0.095   12.569  -9.402  1.00 29.42 ? 294 HOH A O   1 
HETATM 1236 O O   . HOH B 2 .   ? -8.790  10.687  15.714  1.00 21.46 ? 295 HOH A O   1 
HETATM 1237 O O   . HOH B 2 .   ? 5.159   5.890   -16.356 1.00 14.42 ? 296 HOH A O   1 
HETATM 1238 O O   . HOH B 2 .   ? -6.988  1.916   13.254  1.00 21.42 ? 297 HOH A O   1 
HETATM 1239 O O   . HOH B 2 .   ? -4.211  -12.266 18.009  1.00 29.76 ? 298 HOH A O   1 
HETATM 1240 O O   . HOH B 2 .   ? 7.013   4.744   -16.056 1.00 20.85 ? 299 HOH A O   1 
HETATM 1241 O O   . HOH B 2 .   ? -12.169 5.042   7.964   1.00 26.84 ? 300 HOH A O   1 
HETATM 1242 O O   . HOH B 2 .   ? -7.012  14.896  -2.644  1.00 30.28 ? 301 HOH A O   1 
HETATM 1243 O O   . HOH B 2 .   ? 4.803   -15.695 -3.324  1.00 10.26 ? 302 HOH A O   1 
HETATM 1244 O O   . HOH B 2 .   ? 0.701   -17.558 -3.511  1.00 26.33 ? 303 HOH A O   1 
HETATM 1245 O O   . HOH B 2 .   ? -4.893  17.064  3.797   1.00 29.85 ? 304 HOH A O   1 
HETATM 1246 O O   . HOH B 2 .   ? -10.417 1.570   -14.406 1.00 18.30 ? 305 HOH A O   1 
HETATM 1247 O O   . HOH B 2 .   ? 6.431   -4.402  -13.522 1.00 19.66 ? 306 HOH A O   1 
HETATM 1248 O O   . HOH B 2 .   ? 12.561  -4.781  6.202   1.00 22.42 ? 307 HOH A O   1 
HETATM 1249 O O   . HOH B 2 .   ? -8.747  10.216  10.881  1.00 19.96 ? 308 HOH A O   1 
HETATM 1250 O O   . HOH B 2 .   ? 0.011   18.297  3.434   1.00 22.24 ? 309 HOH A O   1 
HETATM 1251 O O   . HOH B 2 .   ? -15.019 -8.211  -7.213  1.00 19.15 ? 310 HOH A O   1 
HETATM 1252 O O   . HOH B 2 .   ? 4.027   12.938  12.892  1.00 22.98 ? 311 HOH A O   1 
HETATM 1253 O O   . HOH B 2 .   ? 1.993   -7.804  10.413  1.00 31.20 ? 312 HOH A O   1 
HETATM 1254 O O   . HOH B 2 .   ? 6.815   4.443   12.521  1.00 22.15 ? 313 HOH A O   1 
HETATM 1255 O O   . HOH B 2 .   ? -11.737 7.279   9.506   1.00 29.29 ? 314 HOH A O   1 
HETATM 1256 O O   . HOH B 2 .   ? -16.272 -12.071 -2.029  1.00 15.53 ? 315 HOH A O   1 
HETATM 1257 O O   . HOH B 2 .   ? -4.494  20.509  4.443   1.00 25.60 ? 316 HOH A O   1 
HETATM 1258 O O   . HOH B 2 .   ? -8.254  -14.299 12.160  1.00 20.29 ? 317 HOH A O   1 
HETATM 1259 O O   . HOH B 2 .   ? -15.427 1.253   -4.015  1.00 22.38 ? 318 HOH A O   1 
HETATM 1260 O O   . HOH B 2 .   ? -16.725 -11.582 -4.906  1.00 10.97 ? 319 HOH A O   1 
HETATM 1261 O O   . HOH B 2 .   ? 4.474   5.413   13.762  1.00 28.35 ? 320 HOH A O   1 
HETATM 1262 O O   . HOH B 2 .   ? -3.368  15.613  -1.538  1.00 22.28 ? 321 HOH A O   1 
HETATM 1263 O O   . HOH B 2 .   ? -11.630 -9.378  -9.382  1.00 24.39 ? 322 HOH A O   1 
HETATM 1264 O O   . HOH B 2 .   ? 11.899  -12.795 1.688   1.00 27.11 ? 323 HOH A O   1 
HETATM 1265 O O   . HOH B 2 .   ? 6.670   11.159  -15.307 1.00 27.85 ? 324 HOH A O   1 
HETATM 1266 O O   . HOH B 2 .   ? -9.921  -13.716 10.745  1.00 25.58 ? 325 HOH A O   1 
HETATM 1267 O O   . HOH B 2 .   ? 14.648  8.118   -7.980  1.00 20.05 ? 326 HOH A O   1 
HETATM 1268 O O   . HOH B 2 .   ? 5.662   -11.489 -11.477 1.00 18.27 ? 327 HOH A O   1 
HETATM 1269 O O   . HOH B 2 .   ? 6.870   20.079  -1.368  1.00 26.13 ? 328 HOH A O   1 
HETATM 1270 O O   . HOH B 2 .   ? 13.273  -6.908  7.222   1.00 20.34 ? 329 HOH A O   1 
HETATM 1271 O O   . HOH B 2 .   ? -8.634  -3.561  -16.220 1.00 22.44 ? 330 HOH A O   1 
HETATM 1272 O O   . HOH B 2 .   ? 1.209   18.781  1.295   1.00 26.56 ? 331 HOH A O   1 
HETATM 1273 O O   . HOH B 2 .   ? 11.429  -16.209 -0.418  1.00 23.78 ? 332 HOH A O   1 
HETATM 1274 O O   . HOH B 2 .   ? 6.832   18.783  -3.813  1.00 25.73 ? 333 HOH A O   1 
HETATM 1275 O O   . HOH B 2 .   ? 1.496   -5.539  11.799  1.00 23.95 ? 334 HOH A O   1 
HETATM 1276 O O   . HOH B 2 .   ? -1.653  3.603   17.972  1.00 25.38 ? 335 HOH A O   1 
HETATM 1277 O O   . HOH B 2 .   ? 0.145   -0.743  14.668  1.00 20.50 ? 336 HOH A O   1 
HETATM 1278 O O   . HOH B 2 .   ? 13.719  -8.134  9.230   1.00 35.49 ? 337 HOH A O   1 
# 
loop_
_pdbx_poly_seq_scheme.asym_id 
_pdbx_poly_seq_scheme.entity_id 
_pdbx_poly_seq_scheme.seq_id 
_pdbx_poly_seq_scheme.mon_id 
_pdbx_poly_seq_scheme.ndb_seq_num 
_pdbx_poly_seq_scheme.pdb_seq_num 
_pdbx_poly_seq_scheme.auth_seq_num 
_pdbx_poly_seq_scheme.pdb_mon_id 
_pdbx_poly_seq_scheme.auth_mon_id 
_pdbx_poly_seq_scheme.pdb_strand_id 
_pdbx_poly_seq_scheme.pdb_ins_code 
_pdbx_poly_seq_scheme.hetero 
A 1 1   GLY 1   1   ?   ?   ?   A . n 
A 1 2   SER 2   2   ?   ?   ?   A . n 
A 1 3   HIS 3   3   ?   ?   ?   A . n 
A 1 4   MET 4   4   4   MET MET A . n 
A 1 5   SER 5   5   5   SER SER A . n 
A 1 6   PHE 6   6   6   PHE PHE A . n 
A 1 7   LEU 7   7   7   LEU LEU A . n 
A 1 8   THR 8   8   8   THR THR A . n 
A 1 9   VAL 9   9   9   VAL VAL A . n 
A 1 10  PRO 10  10  10  PRO PRO A . n 
A 1 11  TYR 11  11  11  TYR TYR A . n 
A 1 12  LYS 12  12  12  LYS LYS A . n 
A 1 13  LEU 13  13  13  LEU LEU A . n 
A 1 14  PRO 14  14  14  PRO PRO A . n 
A 1 15  VAL 15  15  15  VAL VAL A . n 
A 1 16  SER 16  16  16  SER SER A . n 
A 1 17  LEU 17  17  17  LEU LEU A . n 
A 1 18  SER 18  18  18  SER SER A . n 
A 1 19  VAL 19  19  19  VAL VAL A . n 
A 1 20  GLY 20  20  20  GLY GLY A . n 
A 1 21  SER 21  21  21  SER SER A . n 
A 1 22  CYS 22  22  22  CYS CYS A . n 
A 1 23  VAL 23  23  23  VAL VAL A . n 
A 1 24  ILE 24  24  24  ILE ILE A . n 
A 1 25  ILE 25  25  25  ILE ILE A . n 
A 1 26  LYS 26  26  26  LYS LYS A . n 
A 1 27  GLY 27  27  27  GLY GLY A . n 
A 1 28  THR 28  28  28  THR THR A . n 
A 1 29  LEU 29  29  29  LEU LEU A . n 
A 1 30  ILE 30  30  30  ILE ILE A . n 
A 1 31  ASP 31  31  31  ASP ASP A . n 
A 1 32  SER 32  32  32  SER SER A . n 
A 1 33  SER 33  33  33  SER SER A . n 
A 1 34  ILE 34  34  34  ILE ILE A . n 
A 1 35  ASN 35  35  35  ASN ASN A . n 
A 1 36  GLU 36  36  36  GLU GLU A . n 
A 1 37  PRO 37  37  37  PRO PRO A . n 
A 1 38  GLN 38  38  38  GLN GLN A . n 
A 1 39  LEU 39  39  39  LEU LEU A . n 
A 1 40  GLN 40  40  40  GLN GLN A . n 
A 1 41  VAL 41  41  41  VAL VAL A . n 
A 1 42  ASP 42  42  42  ASP ASP A . n 
A 1 43  PHE 43  43  43  PHE PHE A . n 
A 1 44  TYR 44  44  44  TYR TYR A . n 
A 1 45  THR 45  45  45  THR THR A . n 
A 1 46  GLU 46  46  46  GLU GLU A . n 
A 1 47  MET 47  47  47  MET MET A . n 
A 1 48  ASN 48  48  48  ASN ASN A . n 
A 1 49  GLU 49  49  49  GLU GLU A . n 
A 1 50  ASP 50  50  50  ASP ASP A . n 
A 1 51  SER 51  51  51  SER SER A . n 
A 1 52  GLU 52  52  52  GLU GLU A . n 
A 1 53  ILE 53  53  53  ILE ILE A . n 
A 1 54  ALA 54  54  54  ALA ALA A . n 
A 1 55  PHE 55  55  55  PHE PHE A . n 
A 1 56  HIS 56  56  56  HIS HIS A . n 
A 1 57  LEU 57  57  57  LEU LEU A . n 
A 1 58  ARG 58  58  58  ARG ARG A . n 
A 1 59  VAL 59  59  59  VAL VAL A . n 
A 1 60  HIS 60  60  60  HIS HIS A . n 
A 1 61  LEU 61  61  61  LEU LEU A . n 
A 1 62  GLY 62  62  62  GLY GLY A . n 
A 1 63  ARG 63  63  63  ARG ARG A . n 
A 1 64  ARG 64  64  64  ARG ARG A . n 
A 1 65  VAL 65  65  65  VAL VAL A . n 
A 1 66  VAL 66  66  66  VAL VAL A . n 
A 1 67  MET 67  67  67  MET MET A . n 
A 1 68  ASN 68  68  68  ASN ASN A . n 
A 1 69  SER 69  69  69  SER SER A . n 
A 1 70  ARG 70  70  70  ARG ARG A . n 
A 1 71  GLU 71  71  71  GLU GLU A . n 
A 1 72  PHE 72  72  72  PHE PHE A . n 
A 1 73  GLY 73  73  73  GLY GLY A . n 
A 1 74  ILE 74  74  74  ILE ILE A . n 
A 1 75  TRP 75  75  75  TRP TRP A . n 
A 1 76  MET 76  76  76  MET MET A . n 
A 1 77  LEU 77  77  77  LEU LEU A . n 
A 1 78  GLU 78  78  78  GLU GLU A . n 
A 1 79  GLU 79  79  79  GLU GLU A . n 
A 1 80  ASN 80  80  80  ASN ASN A . n 
A 1 81  LEU 81  81  81  LEU LEU A . n 
A 1 82  HIS 82  82  82  HIS HIS A . n 
A 1 83  TYR 83  83  83  TYR TYR A . n 
A 1 84  VAL 84  84  84  VAL VAL A . n 
A 1 85  PRO 85  85  85  PRO PRO A . n 
A 1 86  PHE 86  86  86  PHE PHE A . n 
A 1 87  GLU 87  87  87  GLU GLU A . n 
A 1 88  ASP 88  88  88  ASP ASP A . n 
A 1 89  GLY 89  89  89  GLY GLY A . n 
A 1 90  LYS 90  90  90  LYS LYS A . n 
A 1 91  PRO 91  91  91  PRO PRO A . n 
A 1 92  PHE 92  92  92  PHE PHE A . n 
A 1 93  ASP 93  93  93  ASP ASP A . n 
A 1 94  LEU 94  94  94  LEU LEU A . n 
A 1 95  ARG 95  95  95  ARG ARG A . n 
A 1 96  ILE 96  96  96  ILE ILE A . n 
A 1 97  TYR 97  97  97  TYR TYR A . n 
A 1 98  VAL 98  98  98  VAL VAL A . n 
A 1 99  CYS 99  99  99  CYS CYS A . n 
A 1 100 LEU 100 100 100 LEU LEU A . n 
A 1 101 ASN 101 101 101 ASN ASN A . n 
A 1 102 GLU 102 102 102 GLU GLU A . n 
A 1 103 TYR 103 103 103 TYR TYR A . n 
A 1 104 GLU 104 104 104 GLU GLU A . n 
A 1 105 VAL 105 105 105 VAL VAL A . n 
A 1 106 LYS 106 106 106 LYS LYS A . n 
A 1 107 VAL 107 107 107 VAL VAL A . n 
A 1 108 ASN 108 108 108 ASN ASN A . n 
A 1 109 GLY 109 109 109 GLY GLY A . n 
A 1 110 GLU 110 110 110 GLU GLU A . n 
A 1 111 TYR 111 111 111 TYR TYR A . n 
A 1 112 ILE 112 112 112 ILE ILE A . n 
A 1 113 TYR 113 113 113 TYR TYR A . n 
A 1 114 ALA 114 114 114 ALA ALA A . n 
A 1 115 PHE 115 115 115 PHE PHE A . n 
A 1 116 VAL 116 116 116 VAL VAL A . n 
A 1 117 HIS 117 117 117 HIS HIS A . n 
A 1 118 ARG 118 118 118 ARG ARG A . n 
A 1 119 ILE 119 119 119 ILE ILE A . n 
A 1 120 PRO 120 120 120 PRO PRO A . n 
A 1 121 PRO 121 121 121 PRO PRO A . n 
A 1 122 SER 122 122 122 SER SER A . n 
A 1 123 TYR 123 123 123 TYR TYR A . n 
A 1 124 VAL 124 124 124 VAL VAL A . n 
A 1 125 LYS 125 125 125 LYS LYS A . n 
A 1 126 MET 126 126 126 MET MET A . n 
A 1 127 ILE 127 127 127 ILE ILE A . n 
A 1 128 GLN 128 128 128 GLN GLN A . n 
A 1 129 VAL 129 129 129 VAL VAL A . n 
A 1 130 TRP 130 130 130 TRP TRP A . n 
A 1 131 ARG 131 131 131 ARG ARG A . n 
A 1 132 ASP 132 132 132 ASP ASP A . n 
A 1 133 VAL 133 133 133 VAL VAL A . n 
A 1 134 SER 134 134 134 SER SER A . n 
A 1 135 LEU 135 135 135 LEU LEU A . n 
A 1 136 ASP 136 136 136 ASP ASP A . n 
A 1 137 SER 137 137 137 SER SER A . n 
A 1 138 VAL 138 138 138 VAL VAL A . n 
A 1 139 LEU 139 139 139 LEU LEU A . n 
A 1 140 VAL 140 140 140 VAL VAL A . n 
A 1 141 ASN 141 141 141 ASN ASN A . n 
A 1 142 ASN 142 142 142 ASN ASN A . n 
A 1 143 GLY 143 143 ?   ?   ?   A . n 
A 1 144 ARG 144 144 ?   ?   ?   A . n 
A 1 145 ARG 145 145 ?   ?   ?   A . n 
# 
loop_
_pdbx_nonpoly_scheme.asym_id 
_pdbx_nonpoly_scheme.entity_id 
_pdbx_nonpoly_scheme.mon_id 
_pdbx_nonpoly_scheme.ndb_seq_num 
_pdbx_nonpoly_scheme.pdb_seq_num 
_pdbx_nonpoly_scheme.auth_seq_num 
_pdbx_nonpoly_scheme.pdb_mon_id 
_pdbx_nonpoly_scheme.auth_mon_id 
_pdbx_nonpoly_scheme.pdb_strand_id 
_pdbx_nonpoly_scheme.pdb_ins_code 
B 2 HOH 1   201 82  HOH HOH A . 
B 2 HOH 2   202 70  HOH HOH A . 
B 2 HOH 3   203 76  HOH HOH A . 
B 2 HOH 4   204 128 HOH HOH A . 
B 2 HOH 5   205 85  HOH HOH A . 
B 2 HOH 6   206 51  HOH HOH A . 
B 2 HOH 7   207 38  HOH HOH A . 
B 2 HOH 8   208 17  HOH HOH A . 
B 2 HOH 9   209 10  HOH HOH A . 
B 2 HOH 10  210 40  HOH HOH A . 
B 2 HOH 11  211 98  HOH HOH A . 
B 2 HOH 12  212 23  HOH HOH A . 
B 2 HOH 13  213 88  HOH HOH A . 
B 2 HOH 14  214 7   HOH HOH A . 
B 2 HOH 15  215 75  HOH HOH A . 
B 2 HOH 16  216 118 HOH HOH A . 
B 2 HOH 17  217 78  HOH HOH A . 
B 2 HOH 18  218 26  HOH HOH A . 
B 2 HOH 19  219 19  HOH HOH A . 
B 2 HOH 20  220 41  HOH HOH A . 
B 2 HOH 21  221 101 HOH HOH A . 
B 2 HOH 22  222 93  HOH HOH A . 
B 2 HOH 23  223 20  HOH HOH A . 
B 2 HOH 24  224 139 HOH HOH A . 
B 2 HOH 25  225 135 HOH HOH A . 
B 2 HOH 26  226 42  HOH HOH A . 
B 2 HOH 27  227 1   HOH HOH A . 
B 2 HOH 28  228 141 HOH HOH A . 
B 2 HOH 29  229 18  HOH HOH A . 
B 2 HOH 30  230 33  HOH HOH A . 
B 2 HOH 31  231 71  HOH HOH A . 
B 2 HOH 32  232 30  HOH HOH A . 
B 2 HOH 33  233 9   HOH HOH A . 
B 2 HOH 34  234 6   HOH HOH A . 
B 2 HOH 35  235 8   HOH HOH A . 
B 2 HOH 36  236 54  HOH HOH A . 
B 2 HOH 37  237 112 HOH HOH A . 
B 2 HOH 38  238 14  HOH HOH A . 
B 2 HOH 39  239 126 HOH HOH A . 
B 2 HOH 40  240 31  HOH HOH A . 
B 2 HOH 41  241 56  HOH HOH A . 
B 2 HOH 42  242 69  HOH HOH A . 
B 2 HOH 43  243 66  HOH HOH A . 
B 2 HOH 44  244 3   HOH HOH A . 
B 2 HOH 45  245 28  HOH HOH A . 
B 2 HOH 46  246 79  HOH HOH A . 
B 2 HOH 47  247 27  HOH HOH A . 
B 2 HOH 48  248 24  HOH HOH A . 
B 2 HOH 49  249 4   HOH HOH A . 
B 2 HOH 50  250 55  HOH HOH A . 
B 2 HOH 51  251 62  HOH HOH A . 
B 2 HOH 52  252 114 HOH HOH A . 
B 2 HOH 53  253 96  HOH HOH A . 
B 2 HOH 54  254 44  HOH HOH A . 
B 2 HOH 55  255 53  HOH HOH A . 
B 2 HOH 56  256 35  HOH HOH A . 
B 2 HOH 57  257 99  HOH HOH A . 
B 2 HOH 58  258 84  HOH HOH A . 
B 2 HOH 59  259 58  HOH HOH A . 
B 2 HOH 60  260 25  HOH HOH A . 
B 2 HOH 61  261 59  HOH HOH A . 
B 2 HOH 62  262 64  HOH HOH A . 
B 2 HOH 63  263 143 HOH HOH A . 
B 2 HOH 64  264 63  HOH HOH A . 
B 2 HOH 65  265 50  HOH HOH A . 
B 2 HOH 66  266 2   HOH HOH A . 
B 2 HOH 67  267 12  HOH HOH A . 
B 2 HOH 68  268 13  HOH HOH A . 
B 2 HOH 69  269 46  HOH HOH A . 
B 2 HOH 70  270 22  HOH HOH A . 
B 2 HOH 71  271 105 HOH HOH A . 
B 2 HOH 72  272 29  HOH HOH A . 
B 2 HOH 73  273 138 HOH HOH A . 
B 2 HOH 74  274 49  HOH HOH A . 
B 2 HOH 75  275 15  HOH HOH A . 
B 2 HOH 76  276 52  HOH HOH A . 
B 2 HOH 77  277 92  HOH HOH A . 
B 2 HOH 78  278 67  HOH HOH A . 
B 2 HOH 79  279 137 HOH HOH A . 
B 2 HOH 80  280 39  HOH HOH A . 
B 2 HOH 81  281 109 HOH HOH A . 
B 2 HOH 82  282 140 HOH HOH A . 
B 2 HOH 83  283 43  HOH HOH A . 
B 2 HOH 84  284 144 HOH HOH A . 
B 2 HOH 85  285 103 HOH HOH A . 
B 2 HOH 86  286 37  HOH HOH A . 
B 2 HOH 87  287 32  HOH HOH A . 
B 2 HOH 88  288 16  HOH HOH A . 
B 2 HOH 89  289 68  HOH HOH A . 
B 2 HOH 90  290 60  HOH HOH A . 
B 2 HOH 91  291 125 HOH HOH A . 
B 2 HOH 92  292 34  HOH HOH A . 
B 2 HOH 93  293 47  HOH HOH A . 
B 2 HOH 94  294 108 HOH HOH A . 
B 2 HOH 95  295 142 HOH HOH A . 
B 2 HOH 96  296 36  HOH HOH A . 
B 2 HOH 97  297 86  HOH HOH A . 
B 2 HOH 98  298 133 HOH HOH A . 
B 2 HOH 99  299 65  HOH HOH A . 
B 2 HOH 100 300 87  HOH HOH A . 
B 2 HOH 101 301 119 HOH HOH A . 
B 2 HOH 102 302 21  HOH HOH A . 
B 2 HOH 103 303 127 HOH HOH A . 
B 2 HOH 104 304 57  HOH HOH A . 
B 2 HOH 105 305 61  HOH HOH A . 
B 2 HOH 106 306 48  HOH HOH A . 
B 2 HOH 107 307 113 HOH HOH A . 
B 2 HOH 108 308 129 HOH HOH A . 
B 2 HOH 109 309 97  HOH HOH A . 
B 2 HOH 110 310 72  HOH HOH A . 
B 2 HOH 111 311 120 HOH HOH A . 
B 2 HOH 112 312 121 HOH HOH A . 
B 2 HOH 113 313 73  HOH HOH A . 
B 2 HOH 114 314 117 HOH HOH A . 
B 2 HOH 115 315 45  HOH HOH A . 
B 2 HOH 116 316 80  HOH HOH A . 
B 2 HOH 117 317 91  HOH HOH A . 
B 2 HOH 118 318 116 HOH HOH A . 
B 2 HOH 119 319 5   HOH HOH A . 
B 2 HOH 120 320 102 HOH HOH A . 
B 2 HOH 121 321 104 HOH HOH A . 
B 2 HOH 122 322 81  HOH HOH A . 
B 2 HOH 123 323 111 HOH HOH A . 
B 2 HOH 124 324 89  HOH HOH A . 
B 2 HOH 125 325 95  HOH HOH A . 
B 2 HOH 126 326 106 HOH HOH A . 
B 2 HOH 127 327 100 HOH HOH A . 
B 2 HOH 128 328 83  HOH HOH A . 
B 2 HOH 129 329 124 HOH HOH A . 
B 2 HOH 130 330 90  HOH HOH A . 
B 2 HOH 131 331 131 HOH HOH A . 
B 2 HOH 132 332 115 HOH HOH A . 
B 2 HOH 133 333 77  HOH HOH A . 
B 2 HOH 134 334 132 HOH HOH A . 
B 2 HOH 135 335 122 HOH HOH A . 
B 2 HOH 136 336 107 HOH HOH A . 
B 2 HOH 137 337 136 HOH HOH A . 
# 
_pdbx_struct_assembly.id                   1 
_pdbx_struct_assembly.details              author_defined_assembly 
_pdbx_struct_assembly.method_details       ? 
_pdbx_struct_assembly.oligomeric_details   monomeric 
_pdbx_struct_assembly.oligomeric_count     1 
# 
_pdbx_struct_assembly_gen.assembly_id       1 
_pdbx_struct_assembly_gen.oper_expression   1 
_pdbx_struct_assembly_gen.asym_id_list      A,B 
# 
loop_
_pdbx_struct_assembly_prop.biol_id 
_pdbx_struct_assembly_prop.type 
_pdbx_struct_assembly_prop.value 
_pdbx_struct_assembly_prop.details 
1 'ABSA (A^2)' 0    ? 
1 MORE         0    ? 
1 'SSA (A^2)'  7270 ? 
# 
_pdbx_struct_oper_list.id                   1 
_pdbx_struct_oper_list.type                 'identity operation' 
_pdbx_struct_oper_list.name                 1_555 
_pdbx_struct_oper_list.symmetry_operation   x,y,z 
_pdbx_struct_oper_list.matrix[1][1]         1.0000000000 
_pdbx_struct_oper_list.matrix[1][2]         0.0000000000 
_pdbx_struct_oper_list.matrix[1][3]         0.0000000000 
_pdbx_struct_oper_list.vector[1]            0.0000000000 
_pdbx_struct_oper_list.matrix[2][1]         0.0000000000 
_pdbx_struct_oper_list.matrix[2][2]         1.0000000000 
_pdbx_struct_oper_list.matrix[2][3]         0.0000000000 
_pdbx_struct_oper_list.vector[2]            0.0000000000 
_pdbx_struct_oper_list.matrix[3][1]         0.0000000000 
_pdbx_struct_oper_list.matrix[3][2]         0.0000000000 
_pdbx_struct_oper_list.matrix[3][3]         1.0000000000 
_pdbx_struct_oper_list.vector[3]            0.0000000000 
# 
_pdbx_struct_special_symmetry.id              1 
_pdbx_struct_special_symmetry.PDB_model_num   1 
_pdbx_struct_special_symmetry.auth_asym_id    A 
_pdbx_struct_special_symmetry.auth_comp_id    HOH 
_pdbx_struct_special_symmetry.auth_seq_id     289 
_pdbx_struct_special_symmetry.PDB_ins_code    ? 
_pdbx_struct_special_symmetry.label_asym_id   B 
_pdbx_struct_special_symmetry.label_comp_id   HOH 
_pdbx_struct_special_symmetry.label_seq_id    . 
# 
loop_
_pdbx_audit_revision_history.ordinal 
_pdbx_audit_revision_history.data_content_type 
_pdbx_audit_revision_history.major_revision 
_pdbx_audit_revision_history.minor_revision 
_pdbx_audit_revision_history.revision_date 
1 'Structure model' 1 0 2020-10-14 
2 'Structure model' 1 1 2020-10-28 
3 'Structure model' 1 2 2023-11-22 
# 
_pdbx_audit_revision_details.ordinal             1 
_pdbx_audit_revision_details.revision_ordinal    1 
_pdbx_audit_revision_details.data_content_type   'Structure model' 
_pdbx_audit_revision_details.provider            repository 
_pdbx_audit_revision_details.type                'Initial release' 
_pdbx_audit_revision_details.description         ? 
_pdbx_audit_revision_details.details             ? 
# 
loop_
_pdbx_audit_revision_group.ordinal 
_pdbx_audit_revision_group.revision_ordinal 
_pdbx_audit_revision_group.data_content_type 
_pdbx_audit_revision_group.group 
1 2 'Structure model' 'Database references'    
2 3 'Structure model' 'Data collection'        
3 3 'Structure model' 'Database references'    
4 3 'Structure model' 'Refinement description' 
# 
loop_
_pdbx_audit_revision_category.ordinal 
_pdbx_audit_revision_category.revision_ordinal 
_pdbx_audit_revision_category.data_content_type 
_pdbx_audit_revision_category.category 
1 2 'Structure model' citation                      
2 2 'Structure model' citation_author               
3 3 'Structure model' chem_comp_atom                
4 3 'Structure model' chem_comp_bond                
5 3 'Structure model' database_2                    
6 3 'Structure model' pdbx_initial_refinement_model 
# 
loop_
_pdbx_audit_revision_item.ordinal 
_pdbx_audit_revision_item.revision_ordinal 
_pdbx_audit_revision_item.data_content_type 
_pdbx_audit_revision_item.item 
1 2 'Structure model' '_citation.journal_volume'            
2 2 'Structure model' '_citation_author.name'               
3 3 'Structure model' '_database_2.pdbx_DOI'                
4 3 'Structure model' '_database_2.pdbx_database_accession' 
# 
loop_
_software.citation_id 
_software.classification 
_software.compiler_name 
_software.compiler_version 
_software.contact_author 
_software.contact_author_email 
_software.date 
_software.description 
_software.dependencies 
_software.hardware 
_software.language 
_software.location 
_software.mods 
_software.name 
_software.os 
_software.os_version 
_software.type 
_software.version 
_software.pdbx_ordinal 
? refinement        ? ? ? ? ? ? ? ? ? ? ? PHENIX      ? ? ? 1.17_3644 1 
? 'data extraction' ? ? ? ? ? ? ? ? ? ? ? PDB_EXTRACT ? ? ? 3.25      2 
# 
loop_
_pdbx_validate_torsion.id 
_pdbx_validate_torsion.PDB_model_num 
_pdbx_validate_torsion.auth_comp_id 
_pdbx_validate_torsion.auth_asym_id 
_pdbx_validate_torsion.auth_seq_id 
_pdbx_validate_torsion.PDB_ins_code 
_pdbx_validate_torsion.label_alt_id 
_pdbx_validate_torsion.phi 
_pdbx_validate_torsion.psi 
1 1 ARG A 63  ? ? -123.80 -69.86  
2 1 MET A 76  ? ? -88.72  -142.39 
3 1 PRO A 85  ? ? -75.43  23.25   
4 1 ARG A 131 ? ? 75.60   173.74  
# 
_pdbx_distant_solvent_atoms.id                                1 
_pdbx_distant_solvent_atoms.PDB_model_num                     1 
_pdbx_distant_solvent_atoms.auth_atom_id                      O 
_pdbx_distant_solvent_atoms.label_alt_id                      ? 
_pdbx_distant_solvent_atoms.auth_asym_id                      A 
_pdbx_distant_solvent_atoms.auth_comp_id                      HOH 
_pdbx_distant_solvent_atoms.auth_seq_id                       337 
_pdbx_distant_solvent_atoms.PDB_ins_code                      ? 
_pdbx_distant_solvent_atoms.neighbor_macromolecule_distance   6.53 
_pdbx_distant_solvent_atoms.neighbor_ligand_distance          . 
# 
loop_
_pdbx_unobs_or_zero_occ_residues.id 
_pdbx_unobs_or_zero_occ_residues.PDB_model_num 
_pdbx_unobs_or_zero_occ_residues.polymer_flag 
_pdbx_unobs_or_zero_occ_residues.occupancy_flag 
_pdbx_unobs_or_zero_occ_residues.auth_asym_id 
_pdbx_unobs_or_zero_occ_residues.auth_comp_id 
_pdbx_unobs_or_zero_occ_residues.auth_seq_id 
_pdbx_unobs_or_zero_occ_residues.PDB_ins_code 
_pdbx_unobs_or_zero_occ_residues.label_asym_id 
_pdbx_unobs_or_zero_occ_residues.label_comp_id 
_pdbx_unobs_or_zero_occ_residues.label_seq_id 
1 1 Y 1 A GLY 1   ? A GLY 1   
2 1 Y 1 A SER 2   ? A SER 2   
3 1 Y 1 A HIS 3   ? A HIS 3   
4 1 Y 1 A GLY 143 ? A GLY 143 
5 1 Y 1 A ARG 144 ? A ARG 144 
6 1 Y 1 A ARG 145 ? A ARG 145 
# 
loop_
_chem_comp_atom.comp_id 
_chem_comp_atom.atom_id 
_chem_comp_atom.type_symbol 
_chem_comp_atom.pdbx_aromatic_flag 
_chem_comp_atom.pdbx_stereo_config 
_chem_comp_atom.pdbx_ordinal 
ALA N    N N N 1   
ALA CA   C N S 2   
ALA C    C N N 3   
ALA O    O N N 4   
ALA CB   C N N 5   
ALA OXT  O N N 6   
ALA H    H N N 7   
ALA H2   H N N 8   
ALA HA   H N N 9   
ALA HB1  H N N 10  
ALA HB2  H N N 11  
ALA HB3  H N N 12  
ALA HXT  H N N 13  
ARG N    N N N 14  
ARG CA   C N S 15  
ARG C    C N N 16  
ARG O    O N N 17  
ARG CB   C N N 18  
ARG CG   C N N 19  
ARG CD   C N N 20  
ARG NE   N N N 21  
ARG CZ   C N N 22  
ARG NH1  N N N 23  
ARG NH2  N N N 24  
ARG OXT  O N N 25  
ARG H    H N N 26  
ARG H2   H N N 27  
ARG HA   H N N 28  
ARG HB2  H N N 29  
ARG HB3  H N N 30  
ARG HG2  H N N 31  
ARG HG3  H N N 32  
ARG HD2  H N N 33  
ARG HD3  H N N 34  
ARG HE   H N N 35  
ARG HH11 H N N 36  
ARG HH12 H N N 37  
ARG HH21 H N N 38  
ARG HH22 H N N 39  
ARG HXT  H N N 40  
ASN N    N N N 41  
ASN CA   C N S 42  
ASN C    C N N 43  
ASN O    O N N 44  
ASN CB   C N N 45  
ASN CG   C N N 46  
ASN OD1  O N N 47  
ASN ND2  N N N 48  
ASN OXT  O N N 49  
ASN H    H N N 50  
ASN H2   H N N 51  
ASN HA   H N N 52  
ASN HB2  H N N 53  
ASN HB3  H N N 54  
ASN HD21 H N N 55  
ASN HD22 H N N 56  
ASN HXT  H N N 57  
ASP N    N N N 58  
ASP CA   C N S 59  
ASP C    C N N 60  
ASP O    O N N 61  
ASP CB   C N N 62  
ASP CG   C N N 63  
ASP OD1  O N N 64  
ASP OD2  O N N 65  
ASP OXT  O N N 66  
ASP H    H N N 67  
ASP H2   H N N 68  
ASP HA   H N N 69  
ASP HB2  H N N 70  
ASP HB3  H N N 71  
ASP HD2  H N N 72  
ASP HXT  H N N 73  
CYS N    N N N 74  
CYS CA   C N R 75  
CYS C    C N N 76  
CYS O    O N N 77  
CYS CB   C N N 78  
CYS SG   S N N 79  
CYS OXT  O N N 80  
CYS H    H N N 81  
CYS H2   H N N 82  
CYS HA   H N N 83  
CYS HB2  H N N 84  
CYS HB3  H N N 85  
CYS HG   H N N 86  
CYS HXT  H N N 87  
GLN N    N N N 88  
GLN CA   C N S 89  
GLN C    C N N 90  
GLN O    O N N 91  
GLN CB   C N N 92  
GLN CG   C N N 93  
GLN CD   C N N 94  
GLN OE1  O N N 95  
GLN NE2  N N N 96  
GLN OXT  O N N 97  
GLN H    H N N 98  
GLN H2   H N N 99  
GLN HA   H N N 100 
GLN HB2  H N N 101 
GLN HB3  H N N 102 
GLN HG2  H N N 103 
GLN HG3  H N N 104 
GLN HE21 H N N 105 
GLN HE22 H N N 106 
GLN HXT  H N N 107 
GLU N    N N N 108 
GLU CA   C N S 109 
GLU C    C N N 110 
GLU O    O N N 111 
GLU CB   C N N 112 
GLU CG   C N N 113 
GLU CD   C N N 114 
GLU OE1  O N N 115 
GLU OE2  O N N 116 
GLU OXT  O N N 117 
GLU H    H N N 118 
GLU H2   H N N 119 
GLU HA   H N N 120 
GLU HB2  H N N 121 
GLU HB3  H N N 122 
GLU HG2  H N N 123 
GLU HG3  H N N 124 
GLU HE2  H N N 125 
GLU HXT  H N N 126 
GLY N    N N N 127 
GLY CA   C N N 128 
GLY C    C N N 129 
GLY O    O N N 130 
GLY OXT  O N N 131 
GLY H    H N N 132 
GLY H2   H N N 133 
GLY HA2  H N N 134 
GLY HA3  H N N 135 
GLY HXT  H N N 136 
HIS N    N N N 137 
HIS CA   C N S 138 
HIS C    C N N 139 
HIS O    O N N 140 
HIS CB   C N N 141 
HIS CG   C Y N 142 
HIS ND1  N Y N 143 
HIS CD2  C Y N 144 
HIS CE1  C Y N 145 
HIS NE2  N Y N 146 
HIS OXT  O N N 147 
HIS H    H N N 148 
HIS H2   H N N 149 
HIS HA   H N N 150 
HIS HB2  H N N 151 
HIS HB3  H N N 152 
HIS HD1  H N N 153 
HIS HD2  H N N 154 
HIS HE1  H N N 155 
HIS HE2  H N N 156 
HIS HXT  H N N 157 
HOH O    O N N 158 
HOH H1   H N N 159 
HOH H2   H N N 160 
ILE N    N N N 161 
ILE CA   C N S 162 
ILE C    C N N 163 
ILE O    O N N 164 
ILE CB   C N S 165 
ILE CG1  C N N 166 
ILE CG2  C N N 167 
ILE CD1  C N N 168 
ILE OXT  O N N 169 
ILE H    H N N 170 
ILE H2   H N N 171 
ILE HA   H N N 172 
ILE HB   H N N 173 
ILE HG12 H N N 174 
ILE HG13 H N N 175 
ILE HG21 H N N 176 
ILE HG22 H N N 177 
ILE HG23 H N N 178 
ILE HD11 H N N 179 
ILE HD12 H N N 180 
ILE HD13 H N N 181 
ILE HXT  H N N 182 
LEU N    N N N 183 
LEU CA   C N S 184 
LEU C    C N N 185 
LEU O    O N N 186 
LEU CB   C N N 187 
LEU CG   C N N 188 
LEU CD1  C N N 189 
LEU CD2  C N N 190 
LEU OXT  O N N 191 
LEU H    H N N 192 
LEU H2   H N N 193 
LEU HA   H N N 194 
LEU HB2  H N N 195 
LEU HB3  H N N 196 
LEU HG   H N N 197 
LEU HD11 H N N 198 
LEU HD12 H N N 199 
LEU HD13 H N N 200 
LEU HD21 H N N 201 
LEU HD22 H N N 202 
LEU HD23 H N N 203 
LEU HXT  H N N 204 
LYS N    N N N 205 
LYS CA   C N S 206 
LYS C    C N N 207 
LYS O    O N N 208 
LYS CB   C N N 209 
LYS CG   C N N 210 
LYS CD   C N N 211 
LYS CE   C N N 212 
LYS NZ   N N N 213 
LYS OXT  O N N 214 
LYS H    H N N 215 
LYS H2   H N N 216 
LYS HA   H N N 217 
LYS HB2  H N N 218 
LYS HB3  H N N 219 
LYS HG2  H N N 220 
LYS HG3  H N N 221 
LYS HD2  H N N 222 
LYS HD3  H N N 223 
LYS HE2  H N N 224 
LYS HE3  H N N 225 
LYS HZ1  H N N 226 
LYS HZ2  H N N 227 
LYS HZ3  H N N 228 
LYS HXT  H N N 229 
MET N    N N N 230 
MET CA   C N S 231 
MET C    C N N 232 
MET O    O N N 233 
MET CB   C N N 234 
MET CG   C N N 235 
MET SD   S N N 236 
MET CE   C N N 237 
MET OXT  O N N 238 
MET H    H N N 239 
MET H2   H N N 240 
MET HA   H N N 241 
MET HB2  H N N 242 
MET HB3  H N N 243 
MET HG2  H N N 244 
MET HG3  H N N 245 
MET HE1  H N N 246 
MET HE2  H N N 247 
MET HE3  H N N 248 
MET HXT  H N N 249 
PHE N    N N N 250 
PHE CA   C N S 251 
PHE C    C N N 252 
PHE O    O N N 253 
PHE CB   C N N 254 
PHE CG   C Y N 255 
PHE CD1  C Y N 256 
PHE CD2  C Y N 257 
PHE CE1  C Y N 258 
PHE CE2  C Y N 259 
PHE CZ   C Y N 260 
PHE OXT  O N N 261 
PHE H    H N N 262 
PHE H2   H N N 263 
PHE HA   H N N 264 
PHE HB2  H N N 265 
PHE HB3  H N N 266 
PHE HD1  H N N 267 
PHE HD2  H N N 268 
PHE HE1  H N N 269 
PHE HE2  H N N 270 
PHE HZ   H N N 271 
PHE HXT  H N N 272 
PRO N    N N N 273 
PRO CA   C N S 274 
PRO C    C N N 275 
PRO O    O N N 276 
PRO CB   C N N 277 
PRO CG   C N N 278 
PRO CD   C N N 279 
PRO OXT  O N N 280 
PRO H    H N N 281 
PRO HA   H N N 282 
PRO HB2  H N N 283 
PRO HB3  H N N 284 
PRO HG2  H N N 285 
PRO HG3  H N N 286 
PRO HD2  H N N 287 
PRO HD3  H N N 288 
PRO HXT  H N N 289 
SER N    N N N 290 
SER CA   C N S 291 
SER C    C N N 292 
SER O    O N N 293 
SER CB   C N N 294 
SER OG   O N N 295 
SER OXT  O N N 296 
SER H    H N N 297 
SER H2   H N N 298 
SER HA   H N N 299 
SER HB2  H N N 300 
SER HB3  H N N 301 
SER HG   H N N 302 
SER HXT  H N N 303 
THR N    N N N 304 
THR CA   C N S 305 
THR C    C N N 306 
THR O    O N N 307 
THR CB   C N R 308 
THR OG1  O N N 309 
THR CG2  C N N 310 
THR OXT  O N N 311 
THR H    H N N 312 
THR H2   H N N 313 
THR HA   H N N 314 
THR HB   H N N 315 
THR HG1  H N N 316 
THR HG21 H N N 317 
THR HG22 H N N 318 
THR HG23 H N N 319 
THR HXT  H N N 320 
TRP N    N N N 321 
TRP CA   C N S 322 
TRP C    C N N 323 
TRP O    O N N 324 
TRP CB   C N N 325 
TRP CG   C Y N 326 
TRP CD1  C Y N 327 
TRP CD2  C Y N 328 
TRP NE1  N Y N 329 
TRP CE2  C Y N 330 
TRP CE3  C Y N 331 
TRP CZ2  C Y N 332 
TRP CZ3  C Y N 333 
TRP CH2  C Y N 334 
TRP OXT  O N N 335 
TRP H    H N N 336 
TRP H2   H N N 337 
TRP HA   H N N 338 
TRP HB2  H N N 339 
TRP HB3  H N N 340 
TRP HD1  H N N 341 
TRP HE1  H N N 342 
TRP HE3  H N N 343 
TRP HZ2  H N N 344 
TRP HZ3  H N N 345 
TRP HH2  H N N 346 
TRP HXT  H N N 347 
TYR N    N N N 348 
TYR CA   C N S 349 
TYR C    C N N 350 
TYR O    O N N 351 
TYR CB   C N N 352 
TYR CG   C Y N 353 
TYR CD1  C Y N 354 
TYR CD2  C Y N 355 
TYR CE1  C Y N 356 
TYR CE2  C Y N 357 
TYR CZ   C Y N 358 
TYR OH   O N N 359 
TYR OXT  O N N 360 
TYR H    H N N 361 
TYR H2   H N N 362 
TYR HA   H N N 363 
TYR HB2  H N N 364 
TYR HB3  H N N 365 
TYR HD1  H N N 366 
TYR HD2  H N N 367 
TYR HE1  H N N 368 
TYR HE2  H N N 369 
TYR HH   H N N 370 
TYR HXT  H N N 371 
VAL N    N N N 372 
VAL CA   C N S 373 
VAL C    C N N 374 
VAL O    O N N 375 
VAL CB   C N N 376 
VAL CG1  C N N 377 
VAL CG2  C N N 378 
VAL OXT  O N N 379 
VAL H    H N N 380 
VAL H2   H N N 381 
VAL HA   H N N 382 
VAL HB   H N N 383 
VAL HG11 H N N 384 
VAL HG12 H N N 385 
VAL HG13 H N N 386 
VAL HG21 H N N 387 
VAL HG22 H N N 388 
VAL HG23 H N N 389 
VAL HXT  H N N 390 
# 
loop_
_chem_comp_bond.comp_id 
_chem_comp_bond.atom_id_1 
_chem_comp_bond.atom_id_2 
_chem_comp_bond.value_order 
_chem_comp_bond.pdbx_aromatic_flag 
_chem_comp_bond.pdbx_stereo_config 
_chem_comp_bond.pdbx_ordinal 
ALA N   CA   sing N N 1   
ALA N   H    sing N N 2   
ALA N   H2   sing N N 3   
ALA CA  C    sing N N 4   
ALA CA  CB   sing N N 5   
ALA CA  HA   sing N N 6   
ALA C   O    doub N N 7   
ALA C   OXT  sing N N 8   
ALA CB  HB1  sing N N 9   
ALA CB  HB2  sing N N 10  
ALA CB  HB3  sing N N 11  
ALA OXT HXT  sing N N 12  
ARG N   CA   sing N N 13  
ARG N   H    sing N N 14  
ARG N   H2   sing N N 15  
ARG CA  C    sing N N 16  
ARG CA  CB   sing N N 17  
ARG CA  HA   sing N N 18  
ARG C   O    doub N N 19  
ARG C   OXT  sing N N 20  
ARG CB  CG   sing N N 21  
ARG CB  HB2  sing N N 22  
ARG CB  HB3  sing N N 23  
ARG CG  CD   sing N N 24  
ARG CG  HG2  sing N N 25  
ARG CG  HG3  sing N N 26  
ARG CD  NE   sing N N 27  
ARG CD  HD2  sing N N 28  
ARG CD  HD3  sing N N 29  
ARG NE  CZ   sing N N 30  
ARG NE  HE   sing N N 31  
ARG CZ  NH1  sing N N 32  
ARG CZ  NH2  doub N N 33  
ARG NH1 HH11 sing N N 34  
ARG NH1 HH12 sing N N 35  
ARG NH2 HH21 sing N N 36  
ARG NH2 HH22 sing N N 37  
ARG OXT HXT  sing N N 38  
ASN N   CA   sing N N 39  
ASN N   H    sing N N 40  
ASN N   H2   sing N N 41  
ASN CA  C    sing N N 42  
ASN CA  CB   sing N N 43  
ASN CA  HA   sing N N 44  
ASN C   O    doub N N 45  
ASN C   OXT  sing N N 46  
ASN CB  CG   sing N N 47  
ASN CB  HB2  sing N N 48  
ASN CB  HB3  sing N N 49  
ASN CG  OD1  doub N N 50  
ASN CG  ND2  sing N N 51  
ASN ND2 HD21 sing N N 52  
ASN ND2 HD22 sing N N 53  
ASN OXT HXT  sing N N 54  
ASP N   CA   sing N N 55  
ASP N   H    sing N N 56  
ASP N   H2   sing N N 57  
ASP CA  C    sing N N 58  
ASP CA  CB   sing N N 59  
ASP CA  HA   sing N N 60  
ASP C   O    doub N N 61  
ASP C   OXT  sing N N 62  
ASP CB  CG   sing N N 63  
ASP CB  HB2  sing N N 64  
ASP CB  HB3  sing N N 65  
ASP CG  OD1  doub N N 66  
ASP CG  OD2  sing N N 67  
ASP OD2 HD2  sing N N 68  
ASP OXT HXT  sing N N 69  
CYS N   CA   sing N N 70  
CYS N   H    sing N N 71  
CYS N   H2   sing N N 72  
CYS CA  C    sing N N 73  
CYS CA  CB   sing N N 74  
CYS CA  HA   sing N N 75  
CYS C   O    doub N N 76  
CYS C   OXT  sing N N 77  
CYS CB  SG   sing N N 78  
CYS CB  HB2  sing N N 79  
CYS CB  HB3  sing N N 80  
CYS SG  HG   sing N N 81  
CYS OXT HXT  sing N N 82  
GLN N   CA   sing N N 83  
GLN N   H    sing N N 84  
GLN N   H2   sing N N 85  
GLN CA  C    sing N N 86  
GLN CA  CB   sing N N 87  
GLN CA  HA   sing N N 88  
GLN C   O    doub N N 89  
GLN C   OXT  sing N N 90  
GLN CB  CG   sing N N 91  
GLN CB  HB2  sing N N 92  
GLN CB  HB3  sing N N 93  
GLN CG  CD   sing N N 94  
GLN CG  HG2  sing N N 95  
GLN CG  HG3  sing N N 96  
GLN CD  OE1  doub N N 97  
GLN CD  NE2  sing N N 98  
GLN NE2 HE21 sing N N 99  
GLN NE2 HE22 sing N N 100 
GLN OXT HXT  sing N N 101 
GLU N   CA   sing N N 102 
GLU N   H    sing N N 103 
GLU N   H2   sing N N 104 
GLU CA  C    sing N N 105 
GLU CA  CB   sing N N 106 
GLU CA  HA   sing N N 107 
GLU C   O    doub N N 108 
GLU C   OXT  sing N N 109 
GLU CB  CG   sing N N 110 
GLU CB  HB2  sing N N 111 
GLU CB  HB3  sing N N 112 
GLU CG  CD   sing N N 113 
GLU CG  HG2  sing N N 114 
GLU CG  HG3  sing N N 115 
GLU CD  OE1  doub N N 116 
GLU CD  OE2  sing N N 117 
GLU OE2 HE2  sing N N 118 
GLU OXT HXT  sing N N 119 
GLY N   CA   sing N N 120 
GLY N   H    sing N N 121 
GLY N   H2   sing N N 122 
GLY CA  C    sing N N 123 
GLY CA  HA2  sing N N 124 
GLY CA  HA3  sing N N 125 
GLY C   O    doub N N 126 
GLY C   OXT  sing N N 127 
GLY OXT HXT  sing N N 128 
HIS N   CA   sing N N 129 
HIS N   H    sing N N 130 
HIS N   H2   sing N N 131 
HIS CA  C    sing N N 132 
HIS CA  CB   sing N N 133 
HIS CA  HA   sing N N 134 
HIS C   O    doub N N 135 
HIS C   OXT  sing N N 136 
HIS CB  CG   sing N N 137 
HIS CB  HB2  sing N N 138 
HIS CB  HB3  sing N N 139 
HIS CG  ND1  sing Y N 140 
HIS CG  CD2  doub Y N 141 
HIS ND1 CE1  doub Y N 142 
HIS ND1 HD1  sing N N 143 
HIS CD2 NE2  sing Y N 144 
HIS CD2 HD2  sing N N 145 
HIS CE1 NE2  sing Y N 146 
HIS CE1 HE1  sing N N 147 
HIS NE2 HE2  sing N N 148 
HIS OXT HXT  sing N N 149 
HOH O   H1   sing N N 150 
HOH O   H2   sing N N 151 
ILE N   CA   sing N N 152 
ILE N   H    sing N N 153 
ILE N   H2   sing N N 154 
ILE CA  C    sing N N 155 
ILE CA  CB   sing N N 156 
ILE CA  HA   sing N N 157 
ILE C   O    doub N N 158 
ILE C   OXT  sing N N 159 
ILE CB  CG1  sing N N 160 
ILE CB  CG2  sing N N 161 
ILE CB  HB   sing N N 162 
ILE CG1 CD1  sing N N 163 
ILE CG1 HG12 sing N N 164 
ILE CG1 HG13 sing N N 165 
ILE CG2 HG21 sing N N 166 
ILE CG2 HG22 sing N N 167 
ILE CG2 HG23 sing N N 168 
ILE CD1 HD11 sing N N 169 
ILE CD1 HD12 sing N N 170 
ILE CD1 HD13 sing N N 171 
ILE OXT HXT  sing N N 172 
LEU N   CA   sing N N 173 
LEU N   H    sing N N 174 
LEU N   H2   sing N N 175 
LEU CA  C    sing N N 176 
LEU CA  CB   sing N N 177 
LEU CA  HA   sing N N 178 
LEU C   O    doub N N 179 
LEU C   OXT  sing N N 180 
LEU CB  CG   sing N N 181 
LEU CB  HB2  sing N N 182 
LEU CB  HB3  sing N N 183 
LEU CG  CD1  sing N N 184 
LEU CG  CD2  sing N N 185 
LEU CG  HG   sing N N 186 
LEU CD1 HD11 sing N N 187 
LEU CD1 HD12 sing N N 188 
LEU CD1 HD13 sing N N 189 
LEU CD2 HD21 sing N N 190 
LEU CD2 HD22 sing N N 191 
LEU CD2 HD23 sing N N 192 
LEU OXT HXT  sing N N 193 
LYS N   CA   sing N N 194 
LYS N   H    sing N N 195 
LYS N   H2   sing N N 196 
LYS CA  C    sing N N 197 
LYS CA  CB   sing N N 198 
LYS CA  HA   sing N N 199 
LYS C   O    doub N N 200 
LYS C   OXT  sing N N 201 
LYS CB  CG   sing N N 202 
LYS CB  HB2  sing N N 203 
LYS CB  HB3  sing N N 204 
LYS CG  CD   sing N N 205 
LYS CG  HG2  sing N N 206 
LYS CG  HG3  sing N N 207 
LYS CD  CE   sing N N 208 
LYS CD  HD2  sing N N 209 
LYS CD  HD3  sing N N 210 
LYS CE  NZ   sing N N 211 
LYS CE  HE2  sing N N 212 
LYS CE  HE3  sing N N 213 
LYS NZ  HZ1  sing N N 214 
LYS NZ  HZ2  sing N N 215 
LYS NZ  HZ3  sing N N 216 
LYS OXT HXT  sing N N 217 
MET N   CA   sing N N 218 
MET N   H    sing N N 219 
MET N   H2   sing N N 220 
MET CA  C    sing N N 221 
MET CA  CB   sing N N 222 
MET CA  HA   sing N N 223 
MET C   O    doub N N 224 
MET C   OXT  sing N N 225 
MET CB  CG   sing N N 226 
MET CB  HB2  sing N N 227 
MET CB  HB3  sing N N 228 
MET CG  SD   sing N N 229 
MET CG  HG2  sing N N 230 
MET CG  HG3  sing N N 231 
MET SD  CE   sing N N 232 
MET CE  HE1  sing N N 233 
MET CE  HE2  sing N N 234 
MET CE  HE3  sing N N 235 
MET OXT HXT  sing N N 236 
PHE N   CA   sing N N 237 
PHE N   H    sing N N 238 
PHE N   H2   sing N N 239 
PHE CA  C    sing N N 240 
PHE CA  CB   sing N N 241 
PHE CA  HA   sing N N 242 
PHE C   O    doub N N 243 
PHE C   OXT  sing N N 244 
PHE CB  CG   sing N N 245 
PHE CB  HB2  sing N N 246 
PHE CB  HB3  sing N N 247 
PHE CG  CD1  doub Y N 248 
PHE CG  CD2  sing Y N 249 
PHE CD1 CE1  sing Y N 250 
PHE CD1 HD1  sing N N 251 
PHE CD2 CE2  doub Y N 252 
PHE CD2 HD2  sing N N 253 
PHE CE1 CZ   doub Y N 254 
PHE CE1 HE1  sing N N 255 
PHE CE2 CZ   sing Y N 256 
PHE CE2 HE2  sing N N 257 
PHE CZ  HZ   sing N N 258 
PHE OXT HXT  sing N N 259 
PRO N   CA   sing N N 260 
PRO N   CD   sing N N 261 
PRO N   H    sing N N 262 
PRO CA  C    sing N N 263 
PRO CA  CB   sing N N 264 
PRO CA  HA   sing N N 265 
PRO C   O    doub N N 266 
PRO C   OXT  sing N N 267 
PRO CB  CG   sing N N 268 
PRO CB  HB2  sing N N 269 
PRO CB  HB3  sing N N 270 
PRO CG  CD   sing N N 271 
PRO CG  HG2  sing N N 272 
PRO CG  HG3  sing N N 273 
PRO CD  HD2  sing N N 274 
PRO CD  HD3  sing N N 275 
PRO OXT HXT  sing N N 276 
SER N   CA   sing N N 277 
SER N   H    sing N N 278 
SER N   H2   sing N N 279 
SER CA  C    sing N N 280 
SER CA  CB   sing N N 281 
SER CA  HA   sing N N 282 
SER C   O    doub N N 283 
SER C   OXT  sing N N 284 
SER CB  OG   sing N N 285 
SER CB  HB2  sing N N 286 
SER CB  HB3  sing N N 287 
SER OG  HG   sing N N 288 
SER OXT HXT  sing N N 289 
THR N   CA   sing N N 290 
THR N   H    sing N N 291 
THR N   H2   sing N N 292 
THR CA  C    sing N N 293 
THR CA  CB   sing N N 294 
THR CA  HA   sing N N 295 
THR C   O    doub N N 296 
THR C   OXT  sing N N 297 
THR CB  OG1  sing N N 298 
THR CB  CG2  sing N N 299 
THR CB  HB   sing N N 300 
THR OG1 HG1  sing N N 301 
THR CG2 HG21 sing N N 302 
THR CG2 HG22 sing N N 303 
THR CG2 HG23 sing N N 304 
THR OXT HXT  sing N N 305 
TRP N   CA   sing N N 306 
TRP N   H    sing N N 307 
TRP N   H2   sing N N 308 
TRP CA  C    sing N N 309 
TRP CA  CB   sing N N 310 
TRP CA  HA   sing N N 311 
TRP C   O    doub N N 312 
TRP C   OXT  sing N N 313 
TRP CB  CG   sing N N 314 
TRP CB  HB2  sing N N 315 
TRP CB  HB3  sing N N 316 
TRP CG  CD1  doub Y N 317 
TRP CG  CD2  sing Y N 318 
TRP CD1 NE1  sing Y N 319 
TRP CD1 HD1  sing N N 320 
TRP CD2 CE2  doub Y N 321 
TRP CD2 CE3  sing Y N 322 
TRP NE1 CE2  sing Y N 323 
TRP NE1 HE1  sing N N 324 
TRP CE2 CZ2  sing Y N 325 
TRP CE3 CZ3  doub Y N 326 
TRP CE3 HE3  sing N N 327 
TRP CZ2 CH2  doub Y N 328 
TRP CZ2 HZ2  sing N N 329 
TRP CZ3 CH2  sing Y N 330 
TRP CZ3 HZ3  sing N N 331 
TRP CH2 HH2  sing N N 332 
TRP OXT HXT  sing N N 333 
TYR N   CA   sing N N 334 
TYR N   H    sing N N 335 
TYR N   H2   sing N N 336 
TYR CA  C    sing N N 337 
TYR CA  CB   sing N N 338 
TYR CA  HA   sing N N 339 
TYR C   O    doub N N 340 
TYR C   OXT  sing N N 341 
TYR CB  CG   sing N N 342 
TYR CB  HB2  sing N N 343 
TYR CB  HB3  sing N N 344 
TYR CG  CD1  doub Y N 345 
TYR CG  CD2  sing Y N 346 
TYR CD1 CE1  sing Y N 347 
TYR CD1 HD1  sing N N 348 
TYR CD2 CE2  doub Y N 349 
TYR CD2 HD2  sing N N 350 
TYR CE1 CZ   doub Y N 351 
TYR CE1 HE1  sing N N 352 
TYR CE2 CZ   sing Y N 353 
TYR CE2 HE2  sing N N 354 
TYR CZ  OH   sing N N 355 
TYR OH  HH   sing N N 356 
TYR OXT HXT  sing N N 357 
VAL N   CA   sing N N 358 
VAL N   H    sing N N 359 
VAL N   H2   sing N N 360 
VAL CA  C    sing N N 361 
VAL CA  CB   sing N N 362 
VAL CA  HA   sing N N 363 
VAL C   O    doub N N 364 
VAL C   OXT  sing N N 365 
VAL CB  CG1  sing N N 366 
VAL CB  CG2  sing N N 367 
VAL CB  HB   sing N N 368 
VAL CG1 HG11 sing N N 369 
VAL CG1 HG12 sing N N 370 
VAL CG1 HG13 sing N N 371 
VAL CG2 HG21 sing N N 372 
VAL CG2 HG22 sing N N 373 
VAL CG2 HG23 sing N N 374 
VAL OXT HXT  sing N N 375 
# 
_pdbx_entity_nonpoly.entity_id   2 
_pdbx_entity_nonpoly.name        water 
_pdbx_entity_nonpoly.comp_id     HOH 
# 
_pdbx_initial_refinement_model.id               1 
_pdbx_initial_refinement_model.entity_id_list   ? 
_pdbx_initial_refinement_model.type             'experimental model' 
_pdbx_initial_refinement_model.source_name      PDB 
_pdbx_initial_refinement_model.accession_code   5XRH 
_pdbx_initial_refinement_model.details          ? 
# 
_pdbx_struct_assembly_auth_evidence.id                     1 
_pdbx_struct_assembly_auth_evidence.assembly_id            1 
_pdbx_struct_assembly_auth_evidence.experimental_support   none 
_pdbx_struct_assembly_auth_evidence.details                ? 
# 
